data_4BPM
# 
_entry.id   4BPM 
# 
_audit_conform.dict_name       mmcif_pdbx.dic 
_audit_conform.dict_version    5.391 
_audit_conform.dict_location   http://mmcif.pdb.org/dictionaries/ascii/mmcif_pdbx.dic 
# 
loop_
_database_2.database_id 
_database_2.database_code 
_database_2.pdbx_database_accession 
_database_2.pdbx_DOI 
PDB   4BPM         pdb_00004bpm 10.2210/pdb4bpm/pdb 
PDBE  EBI-56616    ?            ?                   
WWPDB D_1290056616 ?            ?                   
# 
loop_
_pdbx_audit_revision_history.ordinal 
_pdbx_audit_revision_history.data_content_type 
_pdbx_audit_revision_history.major_revision 
_pdbx_audit_revision_history.minor_revision 
_pdbx_audit_revision_history.revision_date 
1 'Structure model' 1 0 2014-04-16 
2 'Structure model' 1 1 2014-05-14 
3 'Structure model' 1 2 2017-03-15 
4 'Structure model' 1 3 2019-03-06 
5 'Structure model' 1 4 2019-04-03 
6 'Structure model' 1 5 2024-05-08 
# 
_pdbx_audit_revision_details.ordinal             1 
_pdbx_audit_revision_details.revision_ordinal    1 
_pdbx_audit_revision_details.data_content_type   'Structure model' 
_pdbx_audit_revision_details.provider            repository 
_pdbx_audit_revision_details.type                'Initial release' 
_pdbx_audit_revision_details.description         ? 
_pdbx_audit_revision_details.details             ? 
# 
loop_
_pdbx_audit_revision_group.ordinal 
_pdbx_audit_revision_group.revision_ordinal 
_pdbx_audit_revision_group.data_content_type 
_pdbx_audit_revision_group.group 
1  2 'Structure model' 'Database references'      
2  3 'Structure model' 'Source and taxonomy'      
3  4 'Structure model' 'Data collection'          
4  4 'Structure model' 'Experimental preparation' 
5  5 'Structure model' 'Data collection'          
6  5 'Structure model' 'Experimental preparation' 
7  6 'Structure model' 'Data collection'          
8  6 'Structure model' 'Database references'      
9  6 'Structure model' 'Derived calculations'     
10 6 'Structure model' Other                      
# 
loop_
_pdbx_audit_revision_category.ordinal 
_pdbx_audit_revision_category.revision_ordinal 
_pdbx_audit_revision_category.data_content_type 
_pdbx_audit_revision_category.category 
1 4 'Structure model' exptl_crystal_grow   
2 5 'Structure model' exptl_crystal_grow   
3 6 'Structure model' chem_comp_atom       
4 6 'Structure model' chem_comp_bond       
5 6 'Structure model' database_2           
6 6 'Structure model' pdbx_database_status 
7 6 'Structure model' struct_site          
# 
loop_
_pdbx_audit_revision_item.ordinal 
_pdbx_audit_revision_item.revision_ordinal 
_pdbx_audit_revision_item.data_content_type 
_pdbx_audit_revision_item.item 
1 4 'Structure model' '_exptl_crystal_grow.method'           
2 5 'Structure model' '_exptl_crystal_grow.temp'             
3 6 'Structure model' '_database_2.pdbx_DOI'                 
4 6 'Structure model' '_database_2.pdbx_database_accession'  
5 6 'Structure model' '_pdbx_database_status.status_code_sf' 
6 6 'Structure model' '_struct_site.pdbx_auth_asym_id'       
7 6 'Structure model' '_struct_site.pdbx_auth_comp_id'       
8 6 'Structure model' '_struct_site.pdbx_auth_seq_id'        
# 
_pdbx_database_status.status_code                     REL 
_pdbx_database_status.entry_id                        4BPM 
_pdbx_database_status.deposit_site                    PDBE 
_pdbx_database_status.process_site                    PDBE 
_pdbx_database_status.SG_entry                        . 
_pdbx_database_status.recvd_initial_deposition_date   2013-05-27 
_pdbx_database_status.pdb_format_compatible           Y 
_pdbx_database_status.status_code_sf                  REL 
_pdbx_database_status.status_code_mr                  ? 
_pdbx_database_status.status_code_cs                  ? 
_pdbx_database_status.methods_development_category    ? 
_pdbx_database_status.status_code_nmr_data            ? 
# 
_pdbx_database_related.db_name        PDB 
_pdbx_database_related.db_id          4BPD 
_pdbx_database_related.content_type   unspecified 
_pdbx_database_related.details        'CRYSTAL STRUCTURE OF AN INTEGRAL MEMBRANE ENZYME DGKA- V1' 
# 
loop_
_audit_author.name 
_audit_author.pdbx_ordinal 
'Li, D.'      1 
'Wang, M.'    2 
'Olieric, V.' 3 
'Caffrey, M.' 4 
# 
_citation.id                        primary 
_citation.title                     
;Crystallizing Membrane Proteins in the Lipidic Mesophase. Experience with Human Prostaglandin E2 Synthase 1 and an Evolving Strategy.
;
_citation.journal_abbrev            'Cryst.Growth Des.' 
_citation.journal_volume            14 
_citation.page_first                2034 
_citation.page_last                 ? 
_citation.year                      2014 
_citation.journal_id_ASTM           ? 
_citation.country                   US 
_citation.journal_id_ISSN           1528-7483 
_citation.journal_id_CSD            ? 
_citation.book_publisher            ? 
_citation.pdbx_database_id_PubMed   24803849 
_citation.pdbx_database_id_DOI      10.1021/CG500157X 
# 
loop_
_citation_author.citation_id 
_citation_author.name 
_citation_author.ordinal 
_citation_author.identifier_ORCID 
primary 'Li, D.'        1  ? 
primary 'Howe, N.'      2  ? 
primary 'Dukkipati, A.' 3  ? 
primary 'Shah, S.T.A.'  4  ? 
primary 'Bax, B.D.'     5  ? 
primary 'Edge, C.'      6  ? 
primary 'Bridges, A.'   7  ? 
primary 'Hardwicke, P.' 8  ? 
primary 'Singh, O.M.P.' 9  ? 
primary 'Giblin, G.'    10 ? 
primary 'Pautsch, A.'   11 ? 
primary 'Pfau, R.'      12 ? 
primary 'Schnapp, G.'   13 ? 
primary 'Wang, M.'      14 ? 
primary 'Olieric, V.'   15 ? 
primary 'Caffrey, M.'   16 ? 
# 
loop_
_entity.id 
_entity.type 
_entity.src_method 
_entity.pdbx_description 
_entity.formula_weight 
_entity.pdbx_number_of_molecules 
_entity.pdbx_ec 
_entity.pdbx_mutation 
_entity.pdbx_fragment 
_entity.details 
1 polymer     man 'PROSTAGLANDIN E SYNTHASE, FUSION PEPTIDE' 20360.932 1  5.3.99.3 YES 'GSH-BINDING MOTIF, RESIDUES 10-152' ? 
2 non-polymer syn GLUTATHIONE 307.323   1  ?        ?   ?                                    ? 
3 non-polymer syn 
;2-[[2,6-bis(chloranyl)-3-[(2,2-dimethylpropanoylamino)methyl]phenyl]amino]-1-methyl-6-(2-methyl-2-oxidanyl-propoxy)-N-[2,2,2-tris(fluoranyl)ethyl]benzimidazole-5-carboxamide
;
618.475   1  ?        ?   ?                                    ? 
4 water       nat water 18.015    37 ?        ?   ?                                    ? 
# 
_entity_name_com.entity_id   1 
_entity_name_com.name        
;MICROSOMAL GLUTATHIONE S-TRANSFERASE 1-LIKE 1, MGST1-L1, MICROSOMAL PROSTAGLANDIN E SYNTHASE 1, MPGES-1, P53-INDUCED GENE 12 PROTEIN, PROSTAGLANDIN E2 SYNTHASE 1
;
# 
_entity_poly.entity_id                      1 
_entity_poly.type                           'polypeptide(L)' 
_entity_poly.nstd_linkage                   no 
_entity_poly.nstd_monomer                   no 
_entity_poly.pdbx_seq_one_letter_code       
;MHHHHHHSPALPAFLLCSTLLVIKMYVVAIITGQVRLRKKAFANPEDALRHGGPQYCRSDPDVERCLRAHRNDMETIYPF
LFLGFVYSFLGPNPFVAWMHFLVFLVGRVAHTVAYLGKLRAPIRSVTYTLAQLPCASMALQILWEAARHFLPAALRAALL
GRLRTLRPWADYKDDDDK
;
_entity_poly.pdbx_seq_one_letter_code_can   
;MHHHHHHSPALPAFLLCSTLLVIKMYVVAIITGQVRLRKKAFANPEDALRHGGPQYCRSDPDVERCLRAHRNDMETIYPF
LFLGFVYSFLGPNPFVAWMHFLVFLVGRVAHTVAYLGKLRAPIRSVTYTLAQLPCASMALQILWEAARHFLPAALRAALL
GRLRTLRPWADYKDDDDK
;
_entity_poly.pdbx_strand_id                 A 
_entity_poly.pdbx_target_identifier         ? 
# 
loop_
_pdbx_entity_nonpoly.entity_id 
_pdbx_entity_nonpoly.name 
_pdbx_entity_nonpoly.comp_id 
2 GLUTATHIONE GSH 
3 
;2-[[2,6-bis(chloranyl)-3-[(2,2-dimethylpropanoylamino)methyl]phenyl]amino]-1-methyl-6-(2-methyl-2-oxidanyl-propoxy)-N-[2,2,2-tris(fluoranyl)ethyl]benzimidazole-5-carboxamide
;
LVJ 
4 water HOH 
# 
loop_
_entity_poly_seq.entity_id 
_entity_poly_seq.num 
_entity_poly_seq.mon_id 
_entity_poly_seq.hetero 
1 1   MET n 
1 2   HIS n 
1 3   HIS n 
1 4   HIS n 
1 5   HIS n 
1 6   HIS n 
1 7   HIS n 
1 8   SER n 
1 9   PRO n 
1 10  ALA n 
1 11  LEU n 
1 12  PRO n 
1 13  ALA n 
1 14  PHE n 
1 15  LEU n 
1 16  LEU n 
1 17  CYS n 
1 18  SER n 
1 19  THR n 
1 20  LEU n 
1 21  LEU n 
1 22  VAL n 
1 23  ILE n 
1 24  LYS n 
1 25  MET n 
1 26  TYR n 
1 27  VAL n 
1 28  VAL n 
1 29  ALA n 
1 30  ILE n 
1 31  ILE n 
1 32  THR n 
1 33  GLY n 
1 34  GLN n 
1 35  VAL n 
1 36  ARG n 
1 37  LEU n 
1 38  ARG n 
1 39  LYS n 
1 40  LYS n 
1 41  ALA n 
1 42  PHE n 
1 43  ALA n 
1 44  ASN n 
1 45  PRO n 
1 46  GLU n 
1 47  ASP n 
1 48  ALA n 
1 49  LEU n 
1 50  ARG n 
1 51  HIS n 
1 52  GLY n 
1 53  GLY n 
1 54  PRO n 
1 55  GLN n 
1 56  TYR n 
1 57  CYS n 
1 58  ARG n 
1 59  SER n 
1 60  ASP n 
1 61  PRO n 
1 62  ASP n 
1 63  VAL n 
1 64  GLU n 
1 65  ARG n 
1 66  CYS n 
1 67  LEU n 
1 68  ARG n 
1 69  ALA n 
1 70  HIS n 
1 71  ARG n 
1 72  ASN n 
1 73  ASP n 
1 74  MET n 
1 75  GLU n 
1 76  THR n 
1 77  ILE n 
1 78  TYR n 
1 79  PRO n 
1 80  PHE n 
1 81  LEU n 
1 82  PHE n 
1 83  LEU n 
1 84  GLY n 
1 85  PHE n 
1 86  VAL n 
1 87  TYR n 
1 88  SER n 
1 89  PHE n 
1 90  LEU n 
1 91  GLY n 
1 92  PRO n 
1 93  ASN n 
1 94  PRO n 
1 95  PHE n 
1 96  VAL n 
1 97  ALA n 
1 98  TRP n 
1 99  MET n 
1 100 HIS n 
1 101 PHE n 
1 102 LEU n 
1 103 VAL n 
1 104 PHE n 
1 105 LEU n 
1 106 VAL n 
1 107 GLY n 
1 108 ARG n 
1 109 VAL n 
1 110 ALA n 
1 111 HIS n 
1 112 THR n 
1 113 VAL n 
1 114 ALA n 
1 115 TYR n 
1 116 LEU n 
1 117 GLY n 
1 118 LYS n 
1 119 LEU n 
1 120 ARG n 
1 121 ALA n 
1 122 PRO n 
1 123 ILE n 
1 124 ARG n 
1 125 SER n 
1 126 VAL n 
1 127 THR n 
1 128 TYR n 
1 129 THR n 
1 130 LEU n 
1 131 ALA n 
1 132 GLN n 
1 133 LEU n 
1 134 PRO n 
1 135 CYS n 
1 136 ALA n 
1 137 SER n 
1 138 MET n 
1 139 ALA n 
1 140 LEU n 
1 141 GLN n 
1 142 ILE n 
1 143 LEU n 
1 144 TRP n 
1 145 GLU n 
1 146 ALA n 
1 147 ALA n 
1 148 ARG n 
1 149 HIS n 
1 150 PHE n 
1 151 LEU n 
1 152 PRO n 
1 153 ALA n 
1 154 ALA n 
1 155 LEU n 
1 156 ARG n 
1 157 ALA n 
1 158 ALA n 
1 159 LEU n 
1 160 LEU n 
1 161 GLY n 
1 162 ARG n 
1 163 LEU n 
1 164 ARG n 
1 165 THR n 
1 166 LEU n 
1 167 ARG n 
1 168 PRO n 
1 169 TRP n 
1 170 ALA n 
1 171 ASP n 
1 172 TYR n 
1 173 LYS n 
1 174 ASP n 
1 175 ASP n 
1 176 ASP n 
1 177 ASP n 
1 178 LYS n 
# 
loop_
_entity_src_gen.entity_id 
_entity_src_gen.pdbx_src_id 
_entity_src_gen.pdbx_alt_source_flag 
_entity_src_gen.pdbx_seq_type 
_entity_src_gen.pdbx_beg_seq_num 
_entity_src_gen.pdbx_end_seq_num 
_entity_src_gen.gene_src_common_name 
_entity_src_gen.gene_src_genus 
_entity_src_gen.pdbx_gene_src_gene 
_entity_src_gen.gene_src_species 
_entity_src_gen.gene_src_strain 
_entity_src_gen.gene_src_tissue 
_entity_src_gen.gene_src_tissue_fraction 
_entity_src_gen.gene_src_details 
_entity_src_gen.pdbx_gene_src_fragment 
_entity_src_gen.pdbx_gene_src_scientific_name 
_entity_src_gen.pdbx_gene_src_ncbi_taxonomy_id 
_entity_src_gen.pdbx_gene_src_variant 
_entity_src_gen.pdbx_gene_src_cell_line 
_entity_src_gen.pdbx_gene_src_atcc 
_entity_src_gen.pdbx_gene_src_organ 
_entity_src_gen.pdbx_gene_src_organelle 
_entity_src_gen.pdbx_gene_src_cell 
_entity_src_gen.pdbx_gene_src_cellular_location 
_entity_src_gen.host_org_common_name 
_entity_src_gen.pdbx_host_org_scientific_name 
_entity_src_gen.pdbx_host_org_ncbi_taxonomy_id 
_entity_src_gen.host_org_genus 
_entity_src_gen.pdbx_host_org_gene 
_entity_src_gen.pdbx_host_org_organ 
_entity_src_gen.host_org_species 
_entity_src_gen.pdbx_host_org_tissue 
_entity_src_gen.pdbx_host_org_tissue_fraction 
_entity_src_gen.pdbx_host_org_strain 
_entity_src_gen.pdbx_host_org_variant 
_entity_src_gen.pdbx_host_org_cell_line 
_entity_src_gen.pdbx_host_org_atcc 
_entity_src_gen.pdbx_host_org_culture_collection 
_entity_src_gen.pdbx_host_org_cell 
_entity_src_gen.pdbx_host_org_organelle 
_entity_src_gen.pdbx_host_org_cellular_location 
_entity_src_gen.pdbx_host_org_vector_type 
_entity_src_gen.pdbx_host_org_vector 
_entity_src_gen.host_org_details 
_entity_src_gen.expression_system_id 
_entity_src_gen.plasmid_name 
_entity_src_gen.plasmid_details 
_entity_src_gen.pdbx_description 
1 1 sample ? 8   150 ? ? ? ? ? ? ? ? ? 'HOMO SAPIENS'        9606  ? ? ? ? ? ? ? 'FALL ARMYWORM' 'SPODOPTERA FRUGIPERDA' 7108 ? ? 
? ? ? ? ? ? SF9 ? ? ? ? ? ? PFASTBAC1 ? ? 'PFB1-6H-MPGES (10-152)-F-LTC4S' ? ? 
1 2 sample ? 151 178 ? ? ? ? ? ? ? ? ? 'SYNTHETIC CONSTRUCT' 32630 ? ? ? ? ? ? ? 'FALL ARMYWORM' 'SPODOPTERA FRUGIPERDA' 7108 ? ? 
? ? ? ? ? ? SF9 ? ? ? ? ? ? PFASTBAC1 ? ? 'PFB1-6H-MPGES (10-152)-F-LTC4S' ? ? 
# 
loop_
_chem_comp.id 
_chem_comp.type 
_chem_comp.mon_nstd_flag 
_chem_comp.name 
_chem_comp.pdbx_synonyms 
_chem_comp.formula 
_chem_comp.formula_weight 
ALA 'L-peptide linking' y ALANINE ? 'C3 H7 N O2'           89.093  
ARG 'L-peptide linking' y ARGININE ? 'C6 H15 N4 O2 1'       175.209 
ASN 'L-peptide linking' y ASPARAGINE ? 'C4 H8 N2 O3'          132.118 
ASP 'L-peptide linking' y 'ASPARTIC ACID' ? 'C4 H7 N O4'           133.103 
CYS 'L-peptide linking' y CYSTEINE ? 'C3 H7 N O2 S'         121.158 
GLN 'L-peptide linking' y GLUTAMINE ? 'C5 H10 N2 O3'         146.144 
GLU 'L-peptide linking' y 'GLUTAMIC ACID' ? 'C5 H9 N O4'           147.129 
GLY 'peptide linking'   y GLYCINE ? 'C2 H5 N O2'           75.067  
GSH non-polymer         . GLUTATHIONE ? 'C10 H17 N3 O6 S'      307.323 
HIS 'L-peptide linking' y HISTIDINE ? 'C6 H10 N3 O2 1'       156.162 
HOH non-polymer         . WATER ? 'H2 O'                 18.015  
ILE 'L-peptide linking' y ISOLEUCINE ? 'C6 H13 N O2'          131.173 
LEU 'L-peptide linking' y LEUCINE ? 'C6 H13 N O2'          131.173 
LVJ non-polymer         . 
;2-[[2,6-bis(chloranyl)-3-[(2,2-dimethylpropanoylamino)methyl]phenyl]amino]-1-methyl-6-(2-methyl-2-oxidanyl-propoxy)-N-[2,2,2-tris(fluoranyl)ethyl]benzimidazole-5-carboxamide
;
? 'C27 H32 Cl2 F3 N5 O4' 618.475 
LYS 'L-peptide linking' y LYSINE ? 'C6 H15 N2 O2 1'       147.195 
MET 'L-peptide linking' y METHIONINE ? 'C5 H11 N O2 S'        149.211 
PHE 'L-peptide linking' y PHENYLALANINE ? 'C9 H11 N O2'          165.189 
PRO 'L-peptide linking' y PROLINE ? 'C5 H9 N O2'           115.130 
SER 'L-peptide linking' y SERINE ? 'C3 H7 N O3'           105.093 
THR 'L-peptide linking' y THREONINE ? 'C4 H9 N O3'           119.119 
TRP 'L-peptide linking' y TRYPTOPHAN ? 'C11 H12 N2 O2'        204.225 
TYR 'L-peptide linking' y TYROSINE ? 'C9 H11 N O3'          181.189 
VAL 'L-peptide linking' y VALINE ? 'C5 H11 N O2'          117.146 
# 
loop_
_pdbx_poly_seq_scheme.asym_id 
_pdbx_poly_seq_scheme.entity_id 
_pdbx_poly_seq_scheme.seq_id 
_pdbx_poly_seq_scheme.mon_id 
_pdbx_poly_seq_scheme.ndb_seq_num 
_pdbx_poly_seq_scheme.pdb_seq_num 
_pdbx_poly_seq_scheme.auth_seq_num 
_pdbx_poly_seq_scheme.pdb_mon_id 
_pdbx_poly_seq_scheme.auth_mon_id 
_pdbx_poly_seq_scheme.pdb_strand_id 
_pdbx_poly_seq_scheme.pdb_ins_code 
_pdbx_poly_seq_scheme.hetero 
A 1 1   MET 1   3   ?   ?   ?   A . n 
A 1 2   HIS 2   4   ?   ?   ?   A . n 
A 1 3   HIS 3   5   ?   ?   ?   A . n 
A 1 4   HIS 4   6   ?   ?   ?   A . n 
A 1 5   HIS 5   7   ?   ?   ?   A . n 
A 1 6   HIS 6   8   ?   ?   ?   A . n 
A 1 7   HIS 7   9   ?   ?   ?   A . n 
A 1 8   SER 8   10  10  SER SER A . n 
A 1 9   PRO 9   11  11  PRO PRO A . n 
A 1 10  ALA 10  12  12  ALA ALA A . n 
A 1 11  LEU 11  13  13  LEU LEU A . n 
A 1 12  PRO 12  14  14  PRO PRO A . n 
A 1 13  ALA 13  15  15  ALA ALA A . n 
A 1 14  PHE 14  16  16  PHE PHE A . n 
A 1 15  LEU 15  17  17  LEU LEU A . n 
A 1 16  LEU 16  18  18  LEU LEU A . n 
A 1 17  CYS 17  19  19  CYS CYS A . n 
A 1 18  SER 18  20  20  SER SER A . n 
A 1 19  THR 19  21  21  THR THR A . n 
A 1 20  LEU 20  22  22  LEU LEU A . n 
A 1 21  LEU 21  23  23  LEU LEU A . n 
A 1 22  VAL 22  24  24  VAL VAL A . n 
A 1 23  ILE 23  25  25  ILE ILE A . n 
A 1 24  LYS 24  26  26  LYS LYS A . n 
A 1 25  MET 25  27  27  MET MET A . n 
A 1 26  TYR 26  28  28  TYR TYR A . n 
A 1 27  VAL 27  29  29  VAL VAL A . n 
A 1 28  VAL 28  30  30  VAL VAL A . n 
A 1 29  ALA 29  31  31  ALA ALA A . n 
A 1 30  ILE 30  32  32  ILE ILE A . n 
A 1 31  ILE 31  33  33  ILE ILE A . n 
A 1 32  THR 32  34  34  THR THR A . n 
A 1 33  GLY 33  35  35  GLY GLY A . n 
A 1 34  GLN 34  36  36  GLN GLN A . n 
A 1 35  VAL 35  37  37  VAL VAL A . n 
A 1 36  ARG 36  38  38  ARG ARG A . n 
A 1 37  LEU 37  39  39  LEU LEU A . n 
A 1 38  ARG 38  40  40  ARG ARG A . n 
A 1 39  LYS 39  41  41  LYS LYS A . n 
A 1 40  LYS 40  42  42  LYS LYS A . n 
A 1 41  ALA 41  43  43  ALA ALA A . n 
A 1 42  PHE 42  44  44  PHE PHE A . n 
A 1 43  ALA 43  45  45  ALA ALA A . n 
A 1 44  ASN 44  46  46  ASN ASN A . n 
A 1 45  PRO 45  47  47  PRO PRO A . n 
A 1 46  GLU 46  48  48  GLU GLU A . n 
A 1 47  ASP 47  49  49  ASP ASP A . n 
A 1 48  ALA 48  50  50  ALA ALA A . n 
A 1 49  LEU 49  51  51  LEU LEU A . n 
A 1 50  ARG 50  52  52  ARG ARG A . n 
A 1 51  HIS 51  53  53  HIS HIS A . n 
A 1 52  GLY 52  54  54  GLY GLY A . n 
A 1 53  GLY 53  55  55  GLY GLY A . n 
A 1 54  PRO 54  56  56  PRO PRO A . n 
A 1 55  GLN 55  57  57  GLN GLN A . n 
A 1 56  TYR 56  58  58  TYR TYR A . n 
A 1 57  CYS 57  59  59  CYS CYS A . n 
A 1 58  ARG 58  60  60  ARG ARG A . n 
A 1 59  SER 59  61  61  SER SER A . n 
A 1 60  ASP 60  62  62  ASP ASP A . n 
A 1 61  PRO 61  63  63  PRO PRO A . n 
A 1 62  ASP 62  64  64  ASP ASP A . n 
A 1 63  VAL 63  65  65  VAL VAL A . n 
A 1 64  GLU 64  66  66  GLU GLU A . n 
A 1 65  ARG 65  67  67  ARG ARG A . n 
A 1 66  CYS 66  68  68  CYS CYS A . n 
A 1 67  LEU 67  69  69  LEU LEU A . n 
A 1 68  ARG 68  70  70  ARG ARG A . n 
A 1 69  ALA 69  71  71  ALA ALA A . n 
A 1 70  HIS 70  72  72  HIS HIS A . n 
A 1 71  ARG 71  73  73  ARG ARG A . n 
A 1 72  ASN 72  74  74  ASN ASN A . n 
A 1 73  ASP 73  75  75  ASP ASP A . n 
A 1 74  MET 74  76  76  MET MET A . n 
A 1 75  GLU 75  77  77  GLU GLU A . n 
A 1 76  THR 76  78  78  THR THR A . n 
A 1 77  ILE 77  79  79  ILE ILE A . n 
A 1 78  TYR 78  80  80  TYR TYR A . n 
A 1 79  PRO 79  81  81  PRO PRO A . n 
A 1 80  PHE 80  82  82  PHE PHE A . n 
A 1 81  LEU 81  83  83  LEU LEU A . n 
A 1 82  PHE 82  84  84  PHE PHE A . n 
A 1 83  LEU 83  85  85  LEU LEU A . n 
A 1 84  GLY 84  86  86  GLY GLY A . n 
A 1 85  PHE 85  87  87  PHE PHE A . n 
A 1 86  VAL 86  88  88  VAL VAL A . n 
A 1 87  TYR 87  89  89  TYR TYR A . n 
A 1 88  SER 88  90  90  SER SER A . n 
A 1 89  PHE 89  91  91  PHE PHE A . n 
A 1 90  LEU 90  92  92  LEU LEU A . n 
A 1 91  GLY 91  93  93  GLY GLY A . n 
A 1 92  PRO 92  94  94  PRO PRO A . n 
A 1 93  ASN 93  95  95  ASN ASN A . n 
A 1 94  PRO 94  96  96  PRO PRO A . n 
A 1 95  PHE 95  97  97  PHE PHE A . n 
A 1 96  VAL 96  98  98  VAL VAL A . n 
A 1 97  ALA 97  99  99  ALA ALA A . n 
A 1 98  TRP 98  100 100 TRP TRP A . n 
A 1 99  MET 99  101 101 MET MET A . n 
A 1 100 HIS 100 102 102 HIS HIS A . n 
A 1 101 PHE 101 103 103 PHE PHE A . n 
A 1 102 LEU 102 104 104 LEU LEU A . n 
A 1 103 VAL 103 105 105 VAL VAL A . n 
A 1 104 PHE 104 106 106 PHE PHE A . n 
A 1 105 LEU 105 107 107 LEU LEU A . n 
A 1 106 VAL 106 108 108 VAL VAL A . n 
A 1 107 GLY 107 109 109 GLY GLY A . n 
A 1 108 ARG 108 110 110 ARG ARG A . n 
A 1 109 VAL 109 111 111 VAL VAL A . n 
A 1 110 ALA 110 112 112 ALA ALA A . n 
A 1 111 HIS 111 113 113 HIS HIS A . n 
A 1 112 THR 112 114 114 THR THR A . n 
A 1 113 VAL 113 115 115 VAL VAL A . n 
A 1 114 ALA 114 116 116 ALA ALA A . n 
A 1 115 TYR 115 117 117 TYR TYR A . n 
A 1 116 LEU 116 118 118 LEU LEU A . n 
A 1 117 GLY 117 119 119 GLY GLY A . n 
A 1 118 LYS 118 120 120 LYS LYS A . n 
A 1 119 LEU 119 121 121 LEU LEU A . n 
A 1 120 ARG 120 122 122 ARG ARG A . n 
A 1 121 ALA 121 123 123 ALA ALA A . n 
A 1 122 PRO 122 124 124 PRO PRO A . n 
A 1 123 ILE 123 125 125 ILE ILE A . n 
A 1 124 ARG 124 126 126 ARG ARG A . n 
A 1 125 SER 125 127 127 SER SER A . n 
A 1 126 VAL 126 128 128 VAL VAL A . n 
A 1 127 THR 127 129 129 THR THR A . n 
A 1 128 TYR 128 130 130 TYR TYR A . n 
A 1 129 THR 129 131 131 THR THR A . n 
A 1 130 LEU 130 132 132 LEU LEU A . n 
A 1 131 ALA 131 133 133 ALA ALA A . n 
A 1 132 GLN 132 134 134 GLN GLN A . n 
A 1 133 LEU 133 135 135 LEU LEU A . n 
A 1 134 PRO 134 136 136 PRO PRO A . n 
A 1 135 CYS 135 137 137 CYS CYS A . n 
A 1 136 ALA 136 138 138 ALA ALA A . n 
A 1 137 SER 137 139 139 SER SER A . n 
A 1 138 MET 138 140 140 MET MET A . n 
A 1 139 ALA 139 141 141 ALA ALA A . n 
A 1 140 LEU 140 142 142 LEU LEU A . n 
A 1 141 GLN 141 143 143 GLN GLN A . n 
A 1 142 ILE 142 144 144 ILE ILE A . n 
A 1 143 LEU 143 145 145 LEU LEU A . n 
A 1 144 TRP 144 146 146 TRP TRP A . n 
A 1 145 GLU 145 147 147 GLU GLU A . n 
A 1 146 ALA 146 148 148 ALA ALA A . n 
A 1 147 ALA 147 149 149 ALA ALA A . n 
A 1 148 ARG 148 150 150 ARG ARG A . n 
A 1 149 HIS 149 151 151 HIS HIS A . n 
A 1 150 PHE 150 152 152 PHE PHE A . n 
A 1 151 LEU 151 153 153 LEU LEU A . n 
A 1 152 PRO 152 154 154 PRO PRO A . n 
A 1 153 ALA 153 155 155 ALA ALA A . n 
A 1 154 ALA 154 156 156 ALA ALA A . n 
A 1 155 LEU 155 157 157 LEU LEU A . n 
A 1 156 ARG 156 158 158 ARG ARG A . n 
A 1 157 ALA 157 159 159 ALA ALA A . n 
A 1 158 ALA 158 160 160 ALA ALA A . n 
A 1 159 LEU 159 161 161 LEU LEU A . n 
A 1 160 LEU 160 162 162 LEU LEU A . n 
A 1 161 GLY 161 163 163 GLY GLY A . n 
A 1 162 ARG 162 164 164 ARG ARG A . n 
A 1 163 LEU 163 165 165 LEU LEU A . n 
A 1 164 ARG 164 166 166 ARG ARG A . n 
A 1 165 THR 165 167 167 THR THR A . n 
A 1 166 LEU 166 168 168 LEU LEU A . n 
A 1 167 ARG 167 169 169 ARG ARG A . n 
A 1 168 PRO 168 170 170 PRO PRO A . n 
A 1 169 TRP 169 171 171 TRP TRP A . n 
A 1 170 ALA 170 172 ?   ?   ?   A . n 
A 1 171 ASP 171 173 ?   ?   ?   A . n 
A 1 172 TYR 172 174 ?   ?   ?   A . n 
A 1 173 LYS 173 175 ?   ?   ?   A . n 
A 1 174 ASP 174 176 ?   ?   ?   A . n 
A 1 175 ASP 175 177 ?   ?   ?   A . n 
A 1 176 ASP 176 178 ?   ?   ?   A . n 
A 1 177 ASP 177 179 ?   ?   ?   A . n 
A 1 178 LYS 178 180 ?   ?   ?   A . n 
# 
loop_
_pdbx_nonpoly_scheme.asym_id 
_pdbx_nonpoly_scheme.entity_id 
_pdbx_nonpoly_scheme.mon_id 
_pdbx_nonpoly_scheme.ndb_seq_num 
_pdbx_nonpoly_scheme.pdb_seq_num 
_pdbx_nonpoly_scheme.auth_seq_num 
_pdbx_nonpoly_scheme.pdb_mon_id 
_pdbx_nonpoly_scheme.auth_mon_id 
_pdbx_nonpoly_scheme.pdb_strand_id 
_pdbx_nonpoly_scheme.pdb_ins_code 
B 2 GSH 1  1172 1172 GSH GSH A . 
C 3 LVJ 1  1173 1173 LVJ LVJ A . 
D 4 HOH 1  2001 2001 HOH HOH A . 
D 4 HOH 2  2002 2002 HOH HOH A . 
D 4 HOH 3  2003 2003 HOH HOH A . 
D 4 HOH 4  2004 2004 HOH HOH A . 
D 4 HOH 5  2005 2005 HOH HOH A . 
D 4 HOH 6  2006 2006 HOH HOH A . 
D 4 HOH 7  2007 2007 HOH HOH A . 
D 4 HOH 8  2008 2008 HOH HOH A . 
D 4 HOH 9  2009 2009 HOH HOH A . 
D 4 HOH 10 2010 2010 HOH HOH A . 
D 4 HOH 11 2011 2011 HOH HOH A . 
D 4 HOH 12 2012 2012 HOH HOH A . 
D 4 HOH 13 2013 2013 HOH HOH A . 
D 4 HOH 14 2014 2014 HOH HOH A . 
D 4 HOH 15 2015 2015 HOH HOH A . 
D 4 HOH 16 2016 2016 HOH HOH A . 
D 4 HOH 17 2017 2017 HOH HOH A . 
D 4 HOH 18 2018 2018 HOH HOH A . 
D 4 HOH 19 2019 2019 HOH HOH A . 
D 4 HOH 20 2020 2020 HOH HOH A . 
D 4 HOH 21 2021 2021 HOH HOH A . 
D 4 HOH 22 2022 2022 HOH HOH A . 
D 4 HOH 23 2023 2023 HOH HOH A . 
D 4 HOH 24 2024 2024 HOH HOH A . 
D 4 HOH 25 2025 2025 HOH HOH A . 
D 4 HOH 26 2026 2026 HOH HOH A . 
D 4 HOH 27 2027 2027 HOH HOH A . 
D 4 HOH 28 2028 2028 HOH HOH A . 
D 4 HOH 29 2029 2029 HOH HOH A . 
D 4 HOH 30 2030 2030 HOH HOH A . 
D 4 HOH 31 2031 2031 HOH HOH A . 
D 4 HOH 32 2032 2032 HOH HOH A . 
D 4 HOH 33 2033 2033 HOH HOH A . 
D 4 HOH 34 2034 2034 HOH HOH A . 
D 4 HOH 35 2035 2035 HOH HOH A . 
D 4 HOH 36 2036 2036 HOH HOH A . 
D 4 HOH 37 2037 2037 HOH HOH A . 
# 
loop_
_software.name 
_software.classification 
_software.version 
_software.citation_id 
_software.pdbx_ordinal 
_software.date 
_software.type 
_software.location 
_software.language 
PHENIX refinement       '(PHENIX.REFINE)' ? 1 ? ? ? ? 
XDS    'data reduction' .                 ? 2 ? ? ? ? 
XSCALE 'data scaling'   .                 ? 3 ? ? ? ? 
SHELX  phasing          .                 ? 4 ? ? ? ? 
# 
_cell.entry_id           4BPM 
_cell.length_a           86.400 
_cell.length_b           86.400 
_cell.length_c           181.120 
_cell.angle_alpha        90.00 
_cell.angle_beta         90.00 
_cell.angle_gamma        120.00 
_cell.Z_PDB              18 
_cell.pdbx_unique_axis   ? 
# 
_symmetry.entry_id                         4BPM 
_symmetry.space_group_name_H-M             'H 3 2' 
_symmetry.pdbx_full_space_group_name_H-M   ? 
_symmetry.cell_setting                     ? 
_symmetry.Int_Tables_number                155 
# 
_exptl.entry_id          4BPM 
_exptl.method            'X-RAY DIFFRACTION' 
_exptl.crystals_number   1 
# 
_exptl_crystal.id                    1 
_exptl_crystal.density_meas          ? 
_exptl_crystal.density_Matthews      3.21 
_exptl_crystal.density_percent_sol   61.65 
_exptl_crystal.description           NONE 
_exptl_crystal.preparation           ? 
# 
_exptl_crystal_grow.crystal_id      1 
_exptl_crystal_grow.method          'LIPIDIC CUBIC PHASE' 
_exptl_crystal_grow.temp            277 
_exptl_crystal_grow.temp_details    ? 
_exptl_crystal_grow.pH              6.7 
_exptl_crystal_grow.pdbx_pH_range   ? 
_exptl_crystal_grow.pdbx_details    
;8 %(V/V) 2-METHYL-2,4, -PENTANEDIOL (MPD), 0.4 M POTASSIUM NITRATE, 0.1 M POTASSIUM CITRATE, 0.1 M N-(CARBAMOYLMETHYL)IMINODIACETIC ACID (ADA) SODIUM PH 6.7. CRYSTALLIZED USING THE IN MESO (LIPIDIC CUBIC PHASE, LCP) METHOD AT 4 DEGREES CELCIUS WITH THE 8.8 MONOACYLGLYCEROL (8.8 MAG) DOPED WITH 2 MOL% OF DIOLEOYL PHOSPHATIDYLCHOLINE (DOPC) AS THE HOSTING LIPID.
;
# 
_diffrn.id                     1 
_diffrn.ambient_temp           100 
_diffrn.ambient_temp_details   ? 
_diffrn.crystal_id             1 
# 
_diffrn_detector.diffrn_id              1 
_diffrn_detector.detector               PIXEL 
_diffrn_detector.type                   'DECTRIS PILATUS 6M' 
_diffrn_detector.pdbx_collection_date   2012-11-02 
_diffrn_detector.details                MIRRORS 
# 
_diffrn_radiation.diffrn_id                        1 
_diffrn_radiation.wavelength_id                    1 
_diffrn_radiation.pdbx_monochromatic_or_laue_m_l   M 
_diffrn_radiation.monochromator                    'DOUBLE CRYSTAL' 
_diffrn_radiation.pdbx_diffrn_protocol             'SINGLE WAVELENGTH' 
_diffrn_radiation.pdbx_scattering_type             x-ray 
# 
_diffrn_radiation_wavelength.id           1 
_diffrn_radiation_wavelength.wavelength   1.003319 
_diffrn_radiation_wavelength.wt           1.0 
# 
_diffrn_source.diffrn_id                   1 
_diffrn_source.source                      SYNCHROTRON 
_diffrn_source.type                        'SLS BEAMLINE X10SA' 
_diffrn_source.pdbx_synchrotron_site       SLS 
_diffrn_source.pdbx_synchrotron_beamline   X10SA 
_diffrn_source.pdbx_wavelength             1.003319 
_diffrn_source.pdbx_wavelength_list        ? 
# 
_reflns.pdbx_diffrn_id               1 
_reflns.pdbx_ordinal                 1 
_reflns.entry_id                     4BPM 
_reflns.observed_criterion_sigma_I   -3.0 
_reflns.observed_criterion_sigma_F   ? 
_reflns.d_resolution_low             36.64 
_reflns.d_resolution_high            2.08 
_reflns.number_obs                   15904 
_reflns.number_all                   ? 
_reflns.percent_possible_obs         99.7 
_reflns.pdbx_Rmerge_I_obs            0.09 
_reflns.pdbx_Rsym_value              ? 
_reflns.pdbx_netI_over_sigmaI        9.90 
_reflns.B_iso_Wilson_estimate        38.60 
_reflns.pdbx_redundancy              5.1 
# 
_reflns_shell.pdbx_diffrn_id         1 
_reflns_shell.pdbx_ordinal           1 
_reflns_shell.d_res_high             2.08 
_reflns_shell.d_res_low              2.13 
_reflns_shell.percent_possible_all   99.6 
_reflns_shell.Rmerge_I_obs           0.82 
_reflns_shell.pdbx_Rsym_value        ? 
_reflns_shell.meanI_over_sigI_obs    2.50 
_reflns_shell.pdbx_redundancy        5.1 
# 
_refine.pdbx_refine_id                           'X-RAY DIFFRACTION' 
_refine.entry_id                                 4BPM 
_refine.pdbx_diffrn_id                           1 
_refine.pdbx_TLS_residual_ADP_flag               ? 
_refine.ls_number_reflns_obs                     15904 
_refine.ls_number_reflns_all                     ? 
_refine.pdbx_ls_sigma_I                          ? 
_refine.pdbx_ls_sigma_F                          1.35 
_refine.pdbx_data_cutoff_high_absF               ? 
_refine.pdbx_data_cutoff_low_absF                ? 
_refine.pdbx_data_cutoff_high_rms_absF           ? 
_refine.ls_d_res_low                             36.639 
_refine.ls_d_res_high                            2.080 
_refine.ls_percent_reflns_obs                    99.58 
_refine.ls_R_factor_obs                          0.2009 
_refine.ls_R_factor_all                          ? 
_refine.ls_R_factor_R_work                       0.1999 
_refine.ls_R_factor_R_free                       0.2182 
_refine.ls_R_factor_R_free_error                 ? 
_refine.ls_R_factor_R_free_error_details         ? 
_refine.ls_percent_reflns_R_free                 5.0 
_refine.ls_number_reflns_R_free                  794 
_refine.ls_number_parameters                     ? 
_refine.ls_number_restraints                     ? 
_refine.occupancy_min                            ? 
_refine.occupancy_max                            ? 
_refine.correlation_coeff_Fo_to_Fc               ? 
_refine.correlation_coeff_Fo_to_Fc_free          ? 
_refine.B_iso_mean                               50.27 
_refine.aniso_B[1][1]                            ? 
_refine.aniso_B[2][2]                            ? 
_refine.aniso_B[3][3]                            ? 
_refine.aniso_B[1][2]                            ? 
_refine.aniso_B[1][3]                            ? 
_refine.aniso_B[2][3]                            ? 
_refine.solvent_model_details                    'FLAT BULK SOLVENT MODEL' 
_refine.solvent_model_param_ksol                 ? 
_refine.solvent_model_param_bsol                 ? 
_refine.pdbx_solvent_vdw_probe_radii             1.11 
_refine.pdbx_solvent_ion_probe_radii             ? 
_refine.pdbx_solvent_shrinkage_radii             0.90 
_refine.pdbx_ls_cross_valid_method               ? 
_refine.details                                  ? 
_refine.pdbx_starting_model                      NONE 
_refine.pdbx_method_to_determine_struct          SAD 
_refine.pdbx_isotropic_thermal_model             ? 
_refine.pdbx_stereochemistry_target_values       ML 
_refine.pdbx_stereochem_target_val_spec_case     ? 
_refine.pdbx_R_Free_selection_details            ? 
_refine.pdbx_overall_ESU_R                       ? 
_refine.pdbx_overall_ESU_R_Free                  ? 
_refine.overall_SU_ML                            0.11 
_refine.pdbx_overall_phase_error                 22.21 
_refine.overall_SU_B                             ? 
_refine.overall_SU_R_Cruickshank_DPI             ? 
_refine.pdbx_overall_SU_R_free_Cruickshank_DPI   ? 
_refine.pdbx_overall_SU_R_Blow_DPI               ? 
_refine.pdbx_overall_SU_R_free_Blow_DPI          ? 
# 
_refine_hist.pdbx_refine_id                   'X-RAY DIFFRACTION' 
_refine_hist.cycle_id                         LAST 
_refine_hist.pdbx_number_atoms_protein        1292 
_refine_hist.pdbx_number_atoms_nucleic_acid   0 
_refine_hist.pdbx_number_atoms_ligand         61 
_refine_hist.number_atoms_solvent             37 
_refine_hist.number_atoms_total               1390 
_refine_hist.d_res_high                       2.080 
_refine_hist.d_res_low                        36.639 
# 
loop_
_refine_ls_restr.type 
_refine_ls_restr.dev_ideal 
_refine_ls_restr.dev_ideal_target 
_refine_ls_restr.weight 
_refine_ls_restr.number 
_refine_ls_restr.pdbx_refine_id 
_refine_ls_restr.pdbx_restraint_function 
f_bond_d           0.003  ? ? 1427 'X-RAY DIFFRACTION' ? 
f_angle_d          0.763  ? ? 1956 'X-RAY DIFFRACTION' ? 
f_dihedral_angle_d 11.190 ? ? 542  'X-RAY DIFFRACTION' ? 
f_chiral_restr     0.043  ? ? 217  'X-RAY DIFFRACTION' ? 
f_plane_restr      0.004  ? ? 268  'X-RAY DIFFRACTION' ? 
# 
loop_
_refine_ls_shell.pdbx_refine_id 
_refine_ls_shell.pdbx_total_number_of_bins_used 
_refine_ls_shell.d_res_high 
_refine_ls_shell.d_res_low 
_refine_ls_shell.number_reflns_R_work 
_refine_ls_shell.R_factor_R_work 
_refine_ls_shell.percent_reflns_obs 
_refine_ls_shell.R_factor_R_free 
_refine_ls_shell.R_factor_R_free_error 
_refine_ls_shell.percent_reflns_R_free 
_refine_ls_shell.number_reflns_R_free 
_refine_ls_shell.number_reflns_all 
_refine_ls_shell.R_factor_all 
'X-RAY DIFFRACTION' . 2.0800 2.2103  2476 0.2491 100.00 0.2737 . . 134 . . 
'X-RAY DIFFRACTION' . 2.2103 2.3809  2483 0.2244 100.00 0.2540 . . 138 . . 
'X-RAY DIFFRACTION' . 2.3809 2.6205  2506 0.2110 100.00 0.2474 . . 130 . . 
'X-RAY DIFFRACTION' . 2.6205 2.9995  2499 0.1873 100.00 0.1969 . . 131 . . 
'X-RAY DIFFRACTION' . 2.9995 3.7785  2525 0.1855 100.00 0.2116 . . 132 . . 
'X-RAY DIFFRACTION' . 3.7785 36.6445 2621 0.1992 99.00  0.2080 . . 129 . . 
# 
_struct.entry_id                  4BPM 
_struct.title                     'Crystal structure of a human integral membrane enzyme' 
_struct.pdbx_model_details        ? 
_struct.pdbx_CASP_flag            ? 
_struct.pdbx_model_type_details   ? 
# 
_struct_keywords.entry_id        4BPM 
_struct_keywords.pdbx_keywords   ISOMERASE 
_struct_keywords.text            
;ISOMERASE, CANCER, DRUG TARGET, IN MESO CRYSTALLIZATION, INFLAMMATION, INHIBITOR, LEUKOTRIENE C4 SYNTHASE, LIPID METABOLISM, MEMBRANE-ASSOCIATED PROTEINS IN EICOSANOID AND GLUTATHIONE METABOLISM, MAPAG, MEMBRANE PROTEIN, MPGES1, PAIN, MICROCRYSTAL, ANOMALOUS DISPERSION, SULFUR-SAD, S-SAD
;
# 
loop_
_struct_asym.id 
_struct_asym.pdbx_blank_PDB_chainid_flag 
_struct_asym.pdbx_modified 
_struct_asym.entity_id 
_struct_asym.details 
A N N 1 ? 
B N N 2 ? 
C N N 3 ? 
D N N 4 ? 
# 
loop_
_struct_ref.id 
_struct_ref.db_name 
_struct_ref.db_code 
_struct_ref.entity_id 
_struct_ref.pdbx_seq_one_letter_code 
_struct_ref.pdbx_align_begin 
_struct_ref.pdbx_db_accession 
_struct_ref.pdbx_db_isoform 
1 UNP PTGES_HUMAN 1 ? ? O14684 ? 
2 PDB 4BPM        1 ? ? 4BPM   ? 
# 
loop_
_struct_ref_seq.align_id 
_struct_ref_seq.ref_id 
_struct_ref_seq.pdbx_PDB_id_code 
_struct_ref_seq.pdbx_strand_id 
_struct_ref_seq.seq_align_beg 
_struct_ref_seq.pdbx_seq_align_beg_ins_code 
_struct_ref_seq.seq_align_end 
_struct_ref_seq.pdbx_seq_align_end_ins_code 
_struct_ref_seq.pdbx_db_accession 
_struct_ref_seq.db_align_beg 
_struct_ref_seq.pdbx_db_align_beg_ins_code 
_struct_ref_seq.db_align_end 
_struct_ref_seq.pdbx_db_align_end_ins_code 
_struct_ref_seq.pdbx_auth_seq_align_beg 
_struct_ref_seq.pdbx_auth_seq_align_end 
1 1 4BPM A 8   ? 150 ? O14684 10  ? 152 ? 10  152 
2 2 4BPM A 151 ? 178 ? 4BPM   153 ? 180 ? 153 180 
# 
loop_
_struct_ref_seq_dif.align_id 
_struct_ref_seq_dif.pdbx_pdb_id_code 
_struct_ref_seq_dif.mon_id 
_struct_ref_seq_dif.pdbx_pdb_strand_id 
_struct_ref_seq_dif.seq_num 
_struct_ref_seq_dif.pdbx_pdb_ins_code 
_struct_ref_seq_dif.pdbx_seq_db_name 
_struct_ref_seq_dif.pdbx_seq_db_accession_code 
_struct_ref_seq_dif.db_mon_id 
_struct_ref_seq_dif.pdbx_seq_db_seq_num 
_struct_ref_seq_dif.details 
_struct_ref_seq_dif.pdbx_auth_seq_num 
_struct_ref_seq_dif.pdbx_ordinal 
1 4BPM MET A 1   ? UNP O14684 ?   ?   'expression tag'      3   1 
1 4BPM HIS A 2   ? UNP O14684 ?   ?   'expression tag'      4   2 
1 4BPM HIS A 3   ? UNP O14684 ?   ?   'expression tag'      5   3 
1 4BPM HIS A 4   ? UNP O14684 ?   ?   'expression tag'      6   4 
1 4BPM HIS A 5   ? UNP O14684 ?   ?   'expression tag'      7   5 
1 4BPM HIS A 6   ? UNP O14684 ?   ?   'expression tag'      8   6 
1 4BPM HIS A 7   ? UNP O14684 ?   ?   'expression tag'      9   7 
1 4BPM PHE A 150 ? UNP O14684 LEU 152 'engineered mutation' 152 8 
# 
_pdbx_struct_assembly.id                   1 
_pdbx_struct_assembly.details              author_and_software_defined_assembly 
_pdbx_struct_assembly.method_details       PISA 
_pdbx_struct_assembly.oligomeric_details   trimeric 
_pdbx_struct_assembly.oligomeric_count     3 
# 
loop_
_pdbx_struct_assembly_prop.biol_id 
_pdbx_struct_assembly_prop.type 
_pdbx_struct_assembly_prop.value 
_pdbx_struct_assembly_prop.details 
1 'ABSA (A^2)' 11820 ? 
1 MORE         -53.7 ? 
1 'SSA (A^2)'  23540 ? 
# 
_pdbx_struct_assembly_gen.assembly_id       1 
_pdbx_struct_assembly_gen.oper_expression   1,2,3 
_pdbx_struct_assembly_gen.asym_id_list      A,B,C,D 
# 
loop_
_pdbx_struct_oper_list.id 
_pdbx_struct_oper_list.type 
_pdbx_struct_oper_list.name 
_pdbx_struct_oper_list.symmetry_operation 
_pdbx_struct_oper_list.matrix[1][1] 
_pdbx_struct_oper_list.matrix[1][2] 
_pdbx_struct_oper_list.matrix[1][3] 
_pdbx_struct_oper_list.vector[1] 
_pdbx_struct_oper_list.matrix[2][1] 
_pdbx_struct_oper_list.matrix[2][2] 
_pdbx_struct_oper_list.matrix[2][3] 
_pdbx_struct_oper_list.vector[2] 
_pdbx_struct_oper_list.matrix[3][1] 
_pdbx_struct_oper_list.matrix[3][2] 
_pdbx_struct_oper_list.matrix[3][3] 
_pdbx_struct_oper_list.vector[3] 
1 'identity operation'         1_555 x,y,z     1.0000000000  0.0000000000  0.0000000000  0.0000000000   0.0000000000  1.0000000000 0.0000000000  0.0000000000  0.0000000000  0.0000000000  1.0000000000  0.0000000000  
2 'crystal symmetry operation' 3_555 -x+y,-x,z -0.2934260476 -0.7274411637 -0.6202664814 -7.2777921853  -0.2621606840 0.6851830852 -0.6795556750 1.4709632585  0.9193328725  -0.0367898508 -0.3917570376 14.9213441759 
3 'crystal symmetry operation' 2_555 -y,x-y,z  -0.2934260476 -0.2621606840 0.9193328725  -15.4675472639 -0.7274411637 0.6851830852 -0.0367898508 -5.7530907344 -0.6202664814 -0.6795556750 -0.3917570376 2.3309724703 
# 
loop_
_struct_conf.conf_type_id 
_struct_conf.id 
_struct_conf.pdbx_PDB_helix_id 
_struct_conf.beg_label_comp_id 
_struct_conf.beg_label_asym_id 
_struct_conf.beg_label_seq_id 
_struct_conf.pdbx_beg_PDB_ins_code 
_struct_conf.end_label_comp_id 
_struct_conf.end_label_asym_id 
_struct_conf.end_label_seq_id 
_struct_conf.pdbx_end_PDB_ins_code 
_struct_conf.beg_auth_comp_id 
_struct_conf.beg_auth_asym_id 
_struct_conf.beg_auth_seq_id 
_struct_conf.end_auth_comp_id 
_struct_conf.end_auth_asym_id 
_struct_conf.end_auth_seq_id 
_struct_conf.pdbx_PDB_helix_class 
_struct_conf.details 
_struct_conf.pdbx_PDB_helix_length 
HELX_P HELX_P1 1 ALA A 10  ? LYS A 40  ? ALA A 12  LYS A 42  1 ? 31 
HELX_P HELX_P2 2 ASN A 44  ? HIS A 51  ? ASN A 46  HIS A 53  1 ? 8  
HELX_P HELX_P3 3 GLY A 53  ? TYR A 56  ? GLY A 55  TYR A 58  5 ? 4  
HELX_P HELX_P4 4 ASP A 60  ? PHE A 89  ? ASP A 62  PHE A 91  1 ? 30 
HELX_P HELX_P5 5 ASN A 93  ? GLY A 117 ? ASN A 95  GLY A 119 1 ? 25 
HELX_P HELX_P6 6 PRO A 122 ? PHE A 150 ? PRO A 124 PHE A 152 1 ? 29 
HELX_P HELX_P7 7 PRO A 152 ? LEU A 159 ? PRO A 154 LEU A 161 1 ? 8  
# 
_struct_conf_type.id          HELX_P 
_struct_conf_type.criteria    ? 
_struct_conf_type.reference   ? 
# 
_struct_mon_prot_cis.pdbx_id                1 
_struct_mon_prot_cis.label_comp_id          ALA 
_struct_mon_prot_cis.label_seq_id           121 
_struct_mon_prot_cis.label_asym_id          A 
_struct_mon_prot_cis.label_alt_id           . 
_struct_mon_prot_cis.pdbx_PDB_ins_code      ? 
_struct_mon_prot_cis.auth_comp_id           ALA 
_struct_mon_prot_cis.auth_seq_id            123 
_struct_mon_prot_cis.auth_asym_id           A 
_struct_mon_prot_cis.pdbx_label_comp_id_2   PRO 
_struct_mon_prot_cis.pdbx_label_seq_id_2    122 
_struct_mon_prot_cis.pdbx_label_asym_id_2   A 
_struct_mon_prot_cis.pdbx_PDB_ins_code_2    ? 
_struct_mon_prot_cis.pdbx_auth_comp_id_2    PRO 
_struct_mon_prot_cis.pdbx_auth_seq_id_2     124 
_struct_mon_prot_cis.pdbx_auth_asym_id_2    A 
_struct_mon_prot_cis.pdbx_PDB_model_num     1 
_struct_mon_prot_cis.pdbx_omega_angle       0.35 
# 
loop_
_struct_site.id 
_struct_site.pdbx_evidence_code 
_struct_site.pdbx_auth_asym_id 
_struct_site.pdbx_auth_comp_id 
_struct_site.pdbx_auth_seq_id 
_struct_site.pdbx_auth_ins_code 
_struct_site.pdbx_num_residues 
_struct_site.details 
AC1 Software A GSH 1172 ? 17 'BINDING SITE FOR RESIDUE GSH A 1172' 
AC2 Software A LVJ 1173 ? 13 'BINDING SITE FOR RESIDUE LVJ A 1173' 
# 
loop_
_struct_site_gen.id 
_struct_site_gen.site_id 
_struct_site_gen.pdbx_num_res 
_struct_site_gen.label_comp_id 
_struct_site_gen.label_asym_id 
_struct_site_gen.label_seq_id 
_struct_site_gen.pdbx_auth_ins_code 
_struct_site_gen.auth_comp_id 
_struct_site_gen.auth_asym_id 
_struct_site_gen.auth_seq_id 
_struct_site_gen.label_atom_id 
_struct_site_gen.label_alt_id 
_struct_site_gen.symmetry 
_struct_site_gen.details 
1  AC1 17 ALA A 29  ? ALA A 31   . ? 2_555 ? 
2  AC1 17 THR A 32  ? THR A 34   . ? 2_555 ? 
3  AC1 17 ARG A 36  ? ARG A 38   . ? 2_555 ? 
4  AC1 17 LEU A 67  ? LEU A 69   . ? 2_555 ? 
5  AC1 17 ARG A 68  ? ARG A 70   . ? 1_555 ? 
6  AC1 17 ARG A 71  ? ARG A 73   . ? 1_555 ? 
7  AC1 17 ASN A 72  ? ASN A 74   . ? 1_555 ? 
8  AC1 17 GLU A 75  ? GLU A 77   . ? 1_555 ? 
9  AC1 17 HIS A 111 ? HIS A 113  . ? 1_555 ? 
10 AC1 17 TYR A 115 ? TYR A 117  . ? 1_555 ? 
11 AC1 17 ARG A 124 ? ARG A 126  . ? 1_555 ? 
12 AC1 17 SER A 125 ? SER A 127  . ? 1_555 ? 
13 AC1 17 TYR A 128 ? TYR A 130  . ? 1_555 ? 
14 AC1 17 LVJ C .   ? LVJ A 1173 . ? 1_555 ? 
15 AC1 17 HOH D .   ? HOH A 2004 . ? 2_555 ? 
16 AC1 17 HOH D .   ? HOH A 2024 . ? 1_555 ? 
17 AC1 17 HOH D .   ? HOH A 2037 . ? 1_555 ? 
18 AC2 13 GLY A 33  ? GLY A 35   . ? 2_555 ? 
19 AC2 13 GLN A 34  ? GLN A 36   . ? 2_555 ? 
20 AC2 13 LEU A 37  ? LEU A 39   . ? 2_555 ? 
21 AC2 13 ASP A 47  ? ASP A 49   . ? 2_555 ? 
22 AC2 13 ARG A 50  ? ARG A 52   . ? 2_555 ? 
23 AC2 13 HIS A 51  ? HIS A 53   . ? 2_555 ? 
24 AC2 13 ALA A 121 ? ALA A 123  . ? 1_555 ? 
25 AC2 13 PRO A 122 ? PRO A 124  . ? 1_555 ? 
26 AC2 13 SER A 125 ? SER A 127  . ? 1_555 ? 
27 AC2 13 VAL A 126 ? VAL A 128  . ? 1_555 ? 
28 AC2 13 THR A 129 ? THR A 131  . ? 1_555 ? 
29 AC2 13 LEU A 130 ? LEU A 132  . ? 1_555 ? 
30 AC2 13 GSH B .   ? GSH A 1172 . ? 1_555 ? 
# 
_pdbx_entry_details.entry_id                 4BPM 
_pdbx_entry_details.compound_details         ? 
_pdbx_entry_details.source_details           ? 
_pdbx_entry_details.nonpolymer_details       ? 
_pdbx_entry_details.sequence_details         
;THE N-TERMINAL 9 AMINO ACIDS MPAHSLVMS WERE OMITTED. A 6-
HIS TAG WAS PLACED AT THE N-TERMINUS. A POINT MUTATION
L152F WAS INTRODUCED. A FUSION PEPTIDE
LPAALRAALLGRLRTLRPWADYKDDDDK WAS ADDED IN THE C-TERMINUS.
;
_pdbx_entry_details.has_ligand_of_interest   ? 
# 
loop_
_pdbx_unobs_or_zero_occ_residues.id 
_pdbx_unobs_or_zero_occ_residues.PDB_model_num 
_pdbx_unobs_or_zero_occ_residues.polymer_flag 
_pdbx_unobs_or_zero_occ_residues.occupancy_flag 
_pdbx_unobs_or_zero_occ_residues.auth_asym_id 
_pdbx_unobs_or_zero_occ_residues.auth_comp_id 
_pdbx_unobs_or_zero_occ_residues.auth_seq_id 
_pdbx_unobs_or_zero_occ_residues.PDB_ins_code 
_pdbx_unobs_or_zero_occ_residues.label_asym_id 
_pdbx_unobs_or_zero_occ_residues.label_comp_id 
_pdbx_unobs_or_zero_occ_residues.label_seq_id 
1  1 Y 1 A MET 3   ? A MET 1   
2  1 Y 1 A HIS 4   ? A HIS 2   
3  1 Y 1 A HIS 5   ? A HIS 3   
4  1 Y 1 A HIS 6   ? A HIS 4   
5  1 Y 1 A HIS 7   ? A HIS 5   
6  1 Y 1 A HIS 8   ? A HIS 6   
7  1 Y 1 A HIS 9   ? A HIS 7   
8  1 Y 1 A ALA 172 ? A ALA 170 
9  1 Y 1 A ASP 173 ? A ASP 171 
10 1 Y 1 A TYR 174 ? A TYR 172 
11 1 Y 1 A LYS 175 ? A LYS 173 
12 1 Y 1 A ASP 176 ? A ASP 174 
13 1 Y 1 A ASP 177 ? A ASP 175 
14 1 Y 1 A ASP 178 ? A ASP 176 
15 1 Y 1 A ASP 179 ? A ASP 177 
16 1 Y 1 A LYS 180 ? A LYS 178 
# 
loop_
_chem_comp_atom.comp_id 
_chem_comp_atom.atom_id 
_chem_comp_atom.type_symbol 
_chem_comp_atom.pdbx_aromatic_flag 
_chem_comp_atom.pdbx_stereo_config 
_chem_comp_atom.pdbx_ordinal 
ALA N    N  N N 1   
ALA CA   C  N S 2   
ALA C    C  N N 3   
ALA O    O  N N 4   
ALA CB   C  N N 5   
ALA OXT  O  N N 6   
ALA H    H  N N 7   
ALA H2   H  N N 8   
ALA HA   H  N N 9   
ALA HB1  H  N N 10  
ALA HB2  H  N N 11  
ALA HB3  H  N N 12  
ALA HXT  H  N N 13  
ARG N    N  N N 14  
ARG CA   C  N S 15  
ARG C    C  N N 16  
ARG O    O  N N 17  
ARG CB   C  N N 18  
ARG CG   C  N N 19  
ARG CD   C  N N 20  
ARG NE   N  N N 21  
ARG CZ   C  N N 22  
ARG NH1  N  N N 23  
ARG NH2  N  N N 24  
ARG OXT  O  N N 25  
ARG H    H  N N 26  
ARG H2   H  N N 27  
ARG HA   H  N N 28  
ARG HB2  H  N N 29  
ARG HB3  H  N N 30  
ARG HG2  H  N N 31  
ARG HG3  H  N N 32  
ARG HD2  H  N N 33  
ARG HD3  H  N N 34  
ARG HE   H  N N 35  
ARG HH11 H  N N 36  
ARG HH12 H  N N 37  
ARG HH21 H  N N 38  
ARG HH22 H  N N 39  
ARG HXT  H  N N 40  
ASN N    N  N N 41  
ASN CA   C  N S 42  
ASN C    C  N N 43  
ASN O    O  N N 44  
ASN CB   C  N N 45  
ASN CG   C  N N 46  
ASN OD1  O  N N 47  
ASN ND2  N  N N 48  
ASN OXT  O  N N 49  
ASN H    H  N N 50  
ASN H2   H  N N 51  
ASN HA   H  N N 52  
ASN HB2  H  N N 53  
ASN HB3  H  N N 54  
ASN HD21 H  N N 55  
ASN HD22 H  N N 56  
ASN HXT  H  N N 57  
ASP N    N  N N 58  
ASP CA   C  N S 59  
ASP C    C  N N 60  
ASP O    O  N N 61  
ASP CB   C  N N 62  
ASP CG   C  N N 63  
ASP OD1  O  N N 64  
ASP OD2  O  N N 65  
ASP OXT  O  N N 66  
ASP H    H  N N 67  
ASP H2   H  N N 68  
ASP HA   H  N N 69  
ASP HB2  H  N N 70  
ASP HB3  H  N N 71  
ASP HD2  H  N N 72  
ASP HXT  H  N N 73  
CYS N    N  N N 74  
CYS CA   C  N R 75  
CYS C    C  N N 76  
CYS O    O  N N 77  
CYS CB   C  N N 78  
CYS SG   S  N N 79  
CYS OXT  O  N N 80  
CYS H    H  N N 81  
CYS H2   H  N N 82  
CYS HA   H  N N 83  
CYS HB2  H  N N 84  
CYS HB3  H  N N 85  
CYS HG   H  N N 86  
CYS HXT  H  N N 87  
GLN N    N  N N 88  
GLN CA   C  N S 89  
GLN C    C  N N 90  
GLN O    O  N N 91  
GLN CB   C  N N 92  
GLN CG   C  N N 93  
GLN CD   C  N N 94  
GLN OE1  O  N N 95  
GLN NE2  N  N N 96  
GLN OXT  O  N N 97  
GLN H    H  N N 98  
GLN H2   H  N N 99  
GLN HA   H  N N 100 
GLN HB2  H  N N 101 
GLN HB3  H  N N 102 
GLN HG2  H  N N 103 
GLN HG3  H  N N 104 
GLN HE21 H  N N 105 
GLN HE22 H  N N 106 
GLN HXT  H  N N 107 
GLU N    N  N N 108 
GLU CA   C  N S 109 
GLU C    C  N N 110 
GLU O    O  N N 111 
GLU CB   C  N N 112 
GLU CG   C  N N 113 
GLU CD   C  N N 114 
GLU OE1  O  N N 115 
GLU OE2  O  N N 116 
GLU OXT  O  N N 117 
GLU H    H  N N 118 
GLU H2   H  N N 119 
GLU HA   H  N N 120 
GLU HB2  H  N N 121 
GLU HB3  H  N N 122 
GLU HG2  H  N N 123 
GLU HG3  H  N N 124 
GLU HE2  H  N N 125 
GLU HXT  H  N N 126 
GLY N    N  N N 127 
GLY CA   C  N N 128 
GLY C    C  N N 129 
GLY O    O  N N 130 
GLY OXT  O  N N 131 
GLY H    H  N N 132 
GLY H2   H  N N 133 
GLY HA2  H  N N 134 
GLY HA3  H  N N 135 
GLY HXT  H  N N 136 
GSH N1   N  N N 137 
GSH CA1  C  N S 138 
GSH C1   C  N N 139 
GSH O11  O  N N 140 
GSH O12  O  N N 141 
GSH CB1  C  N N 142 
GSH CG1  C  N N 143 
GSH CD1  C  N N 144 
GSH OE1  O  N N 145 
GSH N2   N  N N 146 
GSH CA2  C  N R 147 
GSH C2   C  N N 148 
GSH O2   O  N N 149 
GSH CB2  C  N N 150 
GSH SG2  S  N N 151 
GSH N3   N  N N 152 
GSH CA3  C  N N 153 
GSH C3   C  N N 154 
GSH O31  O  N N 155 
GSH O32  O  N N 156 
GSH HN11 H  N N 157 
GSH HN12 H  N N 158 
GSH HA1  H  N N 159 
GSH H12  H  N N 160 
GSH HB12 H  N N 161 
GSH HB13 H  N N 162 
GSH HG12 H  N N 163 
GSH HG13 H  N N 164 
GSH HN2  H  N N 165 
GSH HA2  H  N N 166 
GSH HB22 H  N N 167 
GSH HB23 H  N N 168 
GSH HSG  H  N N 169 
GSH HN3  H  N N 170 
GSH HA31 H  N N 171 
GSH HA32 H  N N 172 
GSH H32  H  N N 173 
HIS N    N  N N 174 
HIS CA   C  N S 175 
HIS C    C  N N 176 
HIS O    O  N N 177 
HIS CB   C  N N 178 
HIS CG   C  Y N 179 
HIS ND1  N  Y N 180 
HIS CD2  C  Y N 181 
HIS CE1  C  Y N 182 
HIS NE2  N  Y N 183 
HIS OXT  O  N N 184 
HIS H    H  N N 185 
HIS H2   H  N N 186 
HIS HA   H  N N 187 
HIS HB2  H  N N 188 
HIS HB3  H  N N 189 
HIS HD1  H  N N 190 
HIS HD2  H  N N 191 
HIS HE1  H  N N 192 
HIS HE2  H  N N 193 
HIS HXT  H  N N 194 
HOH O    O  N N 195 
HOH H1   H  N N 196 
HOH H2   H  N N 197 
ILE N    N  N N 198 
ILE CA   C  N S 199 
ILE C    C  N N 200 
ILE O    O  N N 201 
ILE CB   C  N S 202 
ILE CG1  C  N N 203 
ILE CG2  C  N N 204 
ILE CD1  C  N N 205 
ILE OXT  O  N N 206 
ILE H    H  N N 207 
ILE H2   H  N N 208 
ILE HA   H  N N 209 
ILE HB   H  N N 210 
ILE HG12 H  N N 211 
ILE HG13 H  N N 212 
ILE HG21 H  N N 213 
ILE HG22 H  N N 214 
ILE HG23 H  N N 215 
ILE HD11 H  N N 216 
ILE HD12 H  N N 217 
ILE HD13 H  N N 218 
ILE HXT  H  N N 219 
LEU N    N  N N 220 
LEU CA   C  N S 221 
LEU C    C  N N 222 
LEU O    O  N N 223 
LEU CB   C  N N 224 
LEU CG   C  N N 225 
LEU CD1  C  N N 226 
LEU CD2  C  N N 227 
LEU OXT  O  N N 228 
LEU H    H  N N 229 
LEU H2   H  N N 230 
LEU HA   H  N N 231 
LEU HB2  H  N N 232 
LEU HB3  H  N N 233 
LEU HG   H  N N 234 
LEU HD11 H  N N 235 
LEU HD12 H  N N 236 
LEU HD13 H  N N 237 
LEU HD21 H  N N 238 
LEU HD22 H  N N 239 
LEU HD23 H  N N 240 
LEU HXT  H  N N 241 
LVJ O3   O  N N 242 
LVJ C22  C  N N 243 
LVJ C23  C  N N 244 
LVJ C26  C  N N 245 
LVJ C25  C  N N 246 
LVJ C24  C  N N 247 
LVJ N4   N  N N 248 
LVJ C21  C  N N 249 
LVJ C19  C  Y N 250 
LVJ C18  C  Y N 251 
LVJ C17  C  Y N 252 
LVJ C16  C  Y N 253 
LVJ CL   CL N N 254 
LVJ C20  C  Y N 255 
LVJ CL1  CL N N 256 
LVJ C15  C  Y N 257 
LVJ N3   N  N N 258 
LVJ C1   C  Y N 259 
LVJ N1   N  Y N 260 
LVJ C2   C  Y N 261 
LVJ C11  C  Y N 262 
LVJ N    N  Y N 263 
LVJ C    C  N N 264 
LVJ C10  C  Y N 265 
LVJ C5   C  Y N 266 
LVJ O    O  N N 267 
LVJ C6   C  N N 268 
LVJ C7   C  N N 269 
LVJ O1   O  N N 270 
LVJ C9   C  N N 271 
LVJ C8   C  N N 272 
LVJ C4   C  Y N 273 
LVJ C3   C  Y N 274 
LVJ C12  C  N N 275 
LVJ O2   O  N N 276 
LVJ N2   N  N N 277 
LVJ C13  C  N N 278 
LVJ C14  C  N N 279 
LVJ F    F  N N 280 
LVJ F1   F  N N 281 
LVJ F2   F  N N 282 
LVJ H4   H  N N 283 
LVJ H261 H  N N 284 
LVJ H262 H  N N 285 
LVJ H263 H  N N 286 
LVJ H251 H  N N 287 
LVJ H252 H  N N 288 
LVJ H253 H  N N 289 
LVJ H241 H  N N 290 
LVJ H242 H  N N 291 
LVJ H243 H  N N 292 
LVJ H211 H  N N 293 
LVJ H212 H  N N 294 
LVJ H18  H  N N 295 
LVJ H17  H  N N 296 
LVJ H3   H  N N 297 
LVJ HA   H  N N 298 
LVJ H10  H  N N 299 
LVJ HC1  H  N N 300 
LVJ HC2  H  N N 301 
LVJ HC3  H  N N 302 
LVJ H61C H  N N 303 
LVJ H62C H  N N 304 
LVJ H1   H  N N 305 
LVJ H91C H  N N 306 
LVJ H92C H  N N 307 
LVJ H93C H  N N 308 
LVJ H81C H  N N 309 
LVJ H82C H  N N 310 
LVJ H83C H  N N 311 
LVJ H2   H  N N 312 
LVJ H131 H  N N 313 
LVJ H132 H  N N 314 
LYS N    N  N N 315 
LYS CA   C  N S 316 
LYS C    C  N N 317 
LYS O    O  N N 318 
LYS CB   C  N N 319 
LYS CG   C  N N 320 
LYS CD   C  N N 321 
LYS CE   C  N N 322 
LYS NZ   N  N N 323 
LYS OXT  O  N N 324 
LYS H    H  N N 325 
LYS H2   H  N N 326 
LYS HA   H  N N 327 
LYS HB2  H  N N 328 
LYS HB3  H  N N 329 
LYS HG2  H  N N 330 
LYS HG3  H  N N 331 
LYS HD2  H  N N 332 
LYS HD3  H  N N 333 
LYS HE2  H  N N 334 
LYS HE3  H  N N 335 
LYS HZ1  H  N N 336 
LYS HZ2  H  N N 337 
LYS HZ3  H  N N 338 
LYS HXT  H  N N 339 
MET N    N  N N 340 
MET CA   C  N S 341 
MET C    C  N N 342 
MET O    O  N N 343 
MET CB   C  N N 344 
MET CG   C  N N 345 
MET SD   S  N N 346 
MET CE   C  N N 347 
MET OXT  O  N N 348 
MET H    H  N N 349 
MET H2   H  N N 350 
MET HA   H  N N 351 
MET HB2  H  N N 352 
MET HB3  H  N N 353 
MET HG2  H  N N 354 
MET HG3  H  N N 355 
MET HE1  H  N N 356 
MET HE2  H  N N 357 
MET HE3  H  N N 358 
MET HXT  H  N N 359 
PHE N    N  N N 360 
PHE CA   C  N S 361 
PHE C    C  N N 362 
PHE O    O  N N 363 
PHE CB   C  N N 364 
PHE CG   C  Y N 365 
PHE CD1  C  Y N 366 
PHE CD2  C  Y N 367 
PHE CE1  C  Y N 368 
PHE CE2  C  Y N 369 
PHE CZ   C  Y N 370 
PHE OXT  O  N N 371 
PHE H    H  N N 372 
PHE H2   H  N N 373 
PHE HA   H  N N 374 
PHE HB2  H  N N 375 
PHE HB3  H  N N 376 
PHE HD1  H  N N 377 
PHE HD2  H  N N 378 
PHE HE1  H  N N 379 
PHE HE2  H  N N 380 
PHE HZ   H  N N 381 
PHE HXT  H  N N 382 
PRO N    N  N N 383 
PRO CA   C  N S 384 
PRO C    C  N N 385 
PRO O    O  N N 386 
PRO CB   C  N N 387 
PRO CG   C  N N 388 
PRO CD   C  N N 389 
PRO OXT  O  N N 390 
PRO H    H  N N 391 
PRO HA   H  N N 392 
PRO HB2  H  N N 393 
PRO HB3  H  N N 394 
PRO HG2  H  N N 395 
PRO HG3  H  N N 396 
PRO HD2  H  N N 397 
PRO HD3  H  N N 398 
PRO HXT  H  N N 399 
SER N    N  N N 400 
SER CA   C  N S 401 
SER C    C  N N 402 
SER O    O  N N 403 
SER CB   C  N N 404 
SER OG   O  N N 405 
SER OXT  O  N N 406 
SER H    H  N N 407 
SER H2   H  N N 408 
SER HA   H  N N 409 
SER HB2  H  N N 410 
SER HB3  H  N N 411 
SER HG   H  N N 412 
SER HXT  H  N N 413 
THR N    N  N N 414 
THR CA   C  N S 415 
THR C    C  N N 416 
THR O    O  N N 417 
THR CB   C  N R 418 
THR OG1  O  N N 419 
THR CG2  C  N N 420 
THR OXT  O  N N 421 
THR H    H  N N 422 
THR H2   H  N N 423 
THR HA   H  N N 424 
THR HB   H  N N 425 
THR HG1  H  N N 426 
THR HG21 H  N N 427 
THR HG22 H  N N 428 
THR HG23 H  N N 429 
THR HXT  H  N N 430 
TRP N    N  N N 431 
TRP CA   C  N S 432 
TRP C    C  N N 433 
TRP O    O  N N 434 
TRP CB   C  N N 435 
TRP CG   C  Y N 436 
TRP CD1  C  Y N 437 
TRP CD2  C  Y N 438 
TRP NE1  N  Y N 439 
TRP CE2  C  Y N 440 
TRP CE3  C  Y N 441 
TRP CZ2  C  Y N 442 
TRP CZ3  C  Y N 443 
TRP CH2  C  Y N 444 
TRP OXT  O  N N 445 
TRP H    H  N N 446 
TRP H2   H  N N 447 
TRP HA   H  N N 448 
TRP HB2  H  N N 449 
TRP HB3  H  N N 450 
TRP HD1  H  N N 451 
TRP HE1  H  N N 452 
TRP HE3  H  N N 453 
TRP HZ2  H  N N 454 
TRP HZ3  H  N N 455 
TRP HH2  H  N N 456 
TRP HXT  H  N N 457 
TYR N    N  N N 458 
TYR CA   C  N S 459 
TYR C    C  N N 460 
TYR O    O  N N 461 
TYR CB   C  N N 462 
TYR CG   C  Y N 463 
TYR CD1  C  Y N 464 
TYR CD2  C  Y N 465 
TYR CE1  C  Y N 466 
TYR CE2  C  Y N 467 
TYR CZ   C  Y N 468 
TYR OH   O  N N 469 
TYR OXT  O  N N 470 
TYR H    H  N N 471 
TYR H2   H  N N 472 
TYR HA   H  N N 473 
TYR HB2  H  N N 474 
TYR HB3  H  N N 475 
TYR HD1  H  N N 476 
TYR HD2  H  N N 477 
TYR HE1  H  N N 478 
TYR HE2  H  N N 479 
TYR HH   H  N N 480 
TYR HXT  H  N N 481 
VAL N    N  N N 482 
VAL CA   C  N S 483 
VAL C    C  N N 484 
VAL O    O  N N 485 
VAL CB   C  N N 486 
VAL CG1  C  N N 487 
VAL CG2  C  N N 488 
VAL OXT  O  N N 489 
VAL H    H  N N 490 
VAL H2   H  N N 491 
VAL HA   H  N N 492 
VAL HB   H  N N 493 
VAL HG11 H  N N 494 
VAL HG12 H  N N 495 
VAL HG13 H  N N 496 
VAL HG21 H  N N 497 
VAL HG22 H  N N 498 
VAL HG23 H  N N 499 
VAL HXT  H  N N 500 
# 
loop_
_chem_comp_bond.comp_id 
_chem_comp_bond.atom_id_1 
_chem_comp_bond.atom_id_2 
_chem_comp_bond.value_order 
_chem_comp_bond.pdbx_aromatic_flag 
_chem_comp_bond.pdbx_stereo_config 
_chem_comp_bond.pdbx_ordinal 
ALA N   CA   sing N N 1   
ALA N   H    sing N N 2   
ALA N   H2   sing N N 3   
ALA CA  C    sing N N 4   
ALA CA  CB   sing N N 5   
ALA CA  HA   sing N N 6   
ALA C   O    doub N N 7   
ALA C   OXT  sing N N 8   
ALA CB  HB1  sing N N 9   
ALA CB  HB2  sing N N 10  
ALA CB  HB3  sing N N 11  
ALA OXT HXT  sing N N 12  
ARG N   CA   sing N N 13  
ARG N   H    sing N N 14  
ARG N   H2   sing N N 15  
ARG CA  C    sing N N 16  
ARG CA  CB   sing N N 17  
ARG CA  HA   sing N N 18  
ARG C   O    doub N N 19  
ARG C   OXT  sing N N 20  
ARG CB  CG   sing N N 21  
ARG CB  HB2  sing N N 22  
ARG CB  HB3  sing N N 23  
ARG CG  CD   sing N N 24  
ARG CG  HG2  sing N N 25  
ARG CG  HG3  sing N N 26  
ARG CD  NE   sing N N 27  
ARG CD  HD2  sing N N 28  
ARG CD  HD3  sing N N 29  
ARG NE  CZ   sing N N 30  
ARG NE  HE   sing N N 31  
ARG CZ  NH1  sing N N 32  
ARG CZ  NH2  doub N N 33  
ARG NH1 HH11 sing N N 34  
ARG NH1 HH12 sing N N 35  
ARG NH2 HH21 sing N N 36  
ARG NH2 HH22 sing N N 37  
ARG OXT HXT  sing N N 38  
ASN N   CA   sing N N 39  
ASN N   H    sing N N 40  
ASN N   H2   sing N N 41  
ASN CA  C    sing N N 42  
ASN CA  CB   sing N N 43  
ASN CA  HA   sing N N 44  
ASN C   O    doub N N 45  
ASN C   OXT  sing N N 46  
ASN CB  CG   sing N N 47  
ASN CB  HB2  sing N N 48  
ASN CB  HB3  sing N N 49  
ASN CG  OD1  doub N N 50  
ASN CG  ND2  sing N N 51  
ASN ND2 HD21 sing N N 52  
ASN ND2 HD22 sing N N 53  
ASN OXT HXT  sing N N 54  
ASP N   CA   sing N N 55  
ASP N   H    sing N N 56  
ASP N   H2   sing N N 57  
ASP CA  C    sing N N 58  
ASP CA  CB   sing N N 59  
ASP CA  HA   sing N N 60  
ASP C   O    doub N N 61  
ASP C   OXT  sing N N 62  
ASP CB  CG   sing N N 63  
ASP CB  HB2  sing N N 64  
ASP CB  HB3  sing N N 65  
ASP CG  OD1  doub N N 66  
ASP CG  OD2  sing N N 67  
ASP OD2 HD2  sing N N 68  
ASP OXT HXT  sing N N 69  
CYS N   CA   sing N N 70  
CYS N   H    sing N N 71  
CYS N   H2   sing N N 72  
CYS CA  C    sing N N 73  
CYS CA  CB   sing N N 74  
CYS CA  HA   sing N N 75  
CYS C   O    doub N N 76  
CYS C   OXT  sing N N 77  
CYS CB  SG   sing N N 78  
CYS CB  HB2  sing N N 79  
CYS CB  HB3  sing N N 80  
CYS SG  HG   sing N N 81  
CYS OXT HXT  sing N N 82  
GLN N   CA   sing N N 83  
GLN N   H    sing N N 84  
GLN N   H2   sing N N 85  
GLN CA  C    sing N N 86  
GLN CA  CB   sing N N 87  
GLN CA  HA   sing N N 88  
GLN C   O    doub N N 89  
GLN C   OXT  sing N N 90  
GLN CB  CG   sing N N 91  
GLN CB  HB2  sing N N 92  
GLN CB  HB3  sing N N 93  
GLN CG  CD   sing N N 94  
GLN CG  HG2  sing N N 95  
GLN CG  HG3  sing N N 96  
GLN CD  OE1  doub N N 97  
GLN CD  NE2  sing N N 98  
GLN NE2 HE21 sing N N 99  
GLN NE2 HE22 sing N N 100 
GLN OXT HXT  sing N N 101 
GLU N   CA   sing N N 102 
GLU N   H    sing N N 103 
GLU N   H2   sing N N 104 
GLU CA  C    sing N N 105 
GLU CA  CB   sing N N 106 
GLU CA  HA   sing N N 107 
GLU C   O    doub N N 108 
GLU C   OXT  sing N N 109 
GLU CB  CG   sing N N 110 
GLU CB  HB2  sing N N 111 
GLU CB  HB3  sing N N 112 
GLU CG  CD   sing N N 113 
GLU CG  HG2  sing N N 114 
GLU CG  HG3  sing N N 115 
GLU CD  OE1  doub N N 116 
GLU CD  OE2  sing N N 117 
GLU OE2 HE2  sing N N 118 
GLU OXT HXT  sing N N 119 
GLY N   CA   sing N N 120 
GLY N   H    sing N N 121 
GLY N   H2   sing N N 122 
GLY CA  C    sing N N 123 
GLY CA  HA2  sing N N 124 
GLY CA  HA3  sing N N 125 
GLY C   O    doub N N 126 
GLY C   OXT  sing N N 127 
GLY OXT HXT  sing N N 128 
GSH N1  CA1  sing N N 129 
GSH N1  HN11 sing N N 130 
GSH N1  HN12 sing N N 131 
GSH CA1 C1   sing N N 132 
GSH CA1 CB1  sing N N 133 
GSH CA1 HA1  sing N N 134 
GSH C1  O11  doub N N 135 
GSH C1  O12  sing N N 136 
GSH O12 H12  sing N N 137 
GSH CB1 CG1  sing N N 138 
GSH CB1 HB12 sing N N 139 
GSH CB1 HB13 sing N N 140 
GSH CG1 CD1  sing N N 141 
GSH CG1 HG12 sing N N 142 
GSH CG1 HG13 sing N N 143 
GSH CD1 OE1  doub N N 144 
GSH CD1 N2   sing N N 145 
GSH N2  CA2  sing N N 146 
GSH N2  HN2  sing N N 147 
GSH CA2 C2   sing N N 148 
GSH CA2 CB2  sing N N 149 
GSH CA2 HA2  sing N N 150 
GSH C2  O2   doub N N 151 
GSH C2  N3   sing N N 152 
GSH CB2 SG2  sing N N 153 
GSH CB2 HB22 sing N N 154 
GSH CB2 HB23 sing N N 155 
GSH SG2 HSG  sing N N 156 
GSH N3  CA3  sing N N 157 
GSH N3  HN3  sing N N 158 
GSH CA3 C3   sing N N 159 
GSH CA3 HA31 sing N N 160 
GSH CA3 HA32 sing N N 161 
GSH C3  O31  doub N N 162 
GSH C3  O32  sing N N 163 
GSH O32 H32  sing N N 164 
HIS N   CA   sing N N 165 
HIS N   H    sing N N 166 
HIS N   H2   sing N N 167 
HIS CA  C    sing N N 168 
HIS CA  CB   sing N N 169 
HIS CA  HA   sing N N 170 
HIS C   O    doub N N 171 
HIS C   OXT  sing N N 172 
HIS CB  CG   sing N N 173 
HIS CB  HB2  sing N N 174 
HIS CB  HB3  sing N N 175 
HIS CG  ND1  sing Y N 176 
HIS CG  CD2  doub Y N 177 
HIS ND1 CE1  doub Y N 178 
HIS ND1 HD1  sing N N 179 
HIS CD2 NE2  sing Y N 180 
HIS CD2 HD2  sing N N 181 
HIS CE1 NE2  sing Y N 182 
HIS CE1 HE1  sing N N 183 
HIS NE2 HE2  sing N N 184 
HIS OXT HXT  sing N N 185 
HOH O   H1   sing N N 186 
HOH O   H2   sing N N 187 
ILE N   CA   sing N N 188 
ILE N   H    sing N N 189 
ILE N   H2   sing N N 190 
ILE CA  C    sing N N 191 
ILE CA  CB   sing N N 192 
ILE CA  HA   sing N N 193 
ILE C   O    doub N N 194 
ILE C   OXT  sing N N 195 
ILE CB  CG1  sing N N 196 
ILE CB  CG2  sing N N 197 
ILE CB  HB   sing N N 198 
ILE CG1 CD1  sing N N 199 
ILE CG1 HG12 sing N N 200 
ILE CG1 HG13 sing N N 201 
ILE CG2 HG21 sing N N 202 
ILE CG2 HG22 sing N N 203 
ILE CG2 HG23 sing N N 204 
ILE CD1 HD11 sing N N 205 
ILE CD1 HD12 sing N N 206 
ILE CD1 HD13 sing N N 207 
ILE OXT HXT  sing N N 208 
LEU N   CA   sing N N 209 
LEU N   H    sing N N 210 
LEU N   H2   sing N N 211 
LEU CA  C    sing N N 212 
LEU CA  CB   sing N N 213 
LEU CA  HA   sing N N 214 
LEU C   O    doub N N 215 
LEU C   OXT  sing N N 216 
LEU CB  CG   sing N N 217 
LEU CB  HB2  sing N N 218 
LEU CB  HB3  sing N N 219 
LEU CG  CD1  sing N N 220 
LEU CG  CD2  sing N N 221 
LEU CG  HG   sing N N 222 
LEU CD1 HD11 sing N N 223 
LEU CD1 HD12 sing N N 224 
LEU CD1 HD13 sing N N 225 
LEU CD2 HD21 sing N N 226 
LEU CD2 HD22 sing N N 227 
LEU CD2 HD23 sing N N 228 
LEU OXT HXT  sing N N 229 
LVJ O3  C22  doub N N 230 
LVJ C22 C23  sing N N 231 
LVJ C22 N4   sing N N 232 
LVJ C23 C26  sing N N 233 
LVJ C23 C25  sing N N 234 
LVJ C23 C24  sing N N 235 
LVJ N4  C21  sing N N 236 
LVJ C21 C19  sing N N 237 
LVJ C19 C18  sing Y N 238 
LVJ C19 C20  doub Y N 239 
LVJ C18 C17  doub Y N 240 
LVJ C17 C16  sing Y N 241 
LVJ C16 CL   sing N N 242 
LVJ C16 C15  doub Y N 243 
LVJ C20 CL1  sing N N 244 
LVJ C20 C15  sing Y N 245 
LVJ C15 N3   sing N N 246 
LVJ N3  C1   sing N N 247 
LVJ C1  N1   doub Y N 248 
LVJ C1  N    sing Y N 249 
LVJ N1  C2   sing Y N 250 
LVJ C2  C11  sing Y N 251 
LVJ C2  C3   doub Y N 252 
LVJ C11 N    sing Y N 253 
LVJ C11 C10  doub Y N 254 
LVJ N   C    sing N N 255 
LVJ C10 C5   sing Y N 256 
LVJ C5  O    sing N N 257 
LVJ C5  C4   doub Y N 258 
LVJ O   C6   sing N N 259 
LVJ C6  C7   sing N N 260 
LVJ C7  O1   sing N N 261 
LVJ C7  C9   sing N N 262 
LVJ C7  C8   sing N N 263 
LVJ C4  C3   sing Y N 264 
LVJ C4  C12  sing N N 265 
LVJ C12 O2   doub N N 266 
LVJ C12 N2   sing N N 267 
LVJ N2  C13  sing N N 268 
LVJ C14 F    sing N N 269 
LVJ C14 F1   sing N N 270 
LVJ C14 F2   sing N N 271 
LVJ N4  H4   sing N N 272 
LVJ C26 H261 sing N N 273 
LVJ C26 H262 sing N N 274 
LVJ C26 H263 sing N N 275 
LVJ C25 H251 sing N N 276 
LVJ C25 H252 sing N N 277 
LVJ C25 H253 sing N N 278 
LVJ C24 H241 sing N N 279 
LVJ C24 H242 sing N N 280 
LVJ C24 H243 sing N N 281 
LVJ C21 H211 sing N N 282 
LVJ C21 H212 sing N N 283 
LVJ C18 H18  sing N N 284 
LVJ C17 H17  sing N N 285 
LVJ N3  H3   sing N N 286 
LVJ C3  HA   sing N N 287 
LVJ C10 H10  sing N N 288 
LVJ C   HC1  sing N N 289 
LVJ C   HC2  sing N N 290 
LVJ C   HC3  sing N N 291 
LVJ C6  H61C sing N N 292 
LVJ C6  H62C sing N N 293 
LVJ O1  H1   sing N N 294 
LVJ C9  H91C sing N N 295 
LVJ C9  H92C sing N N 296 
LVJ C9  H93C sing N N 297 
LVJ C8  H81C sing N N 298 
LVJ C8  H82C sing N N 299 
LVJ C8  H83C sing N N 300 
LVJ N2  H2   sing N N 301 
LVJ C13 H131 sing N N 302 
LVJ C13 H132 sing N N 303 
LVJ C13 C14  sing N N 304 
LYS N   CA   sing N N 305 
LYS N   H    sing N N 306 
LYS N   H2   sing N N 307 
LYS CA  C    sing N N 308 
LYS CA  CB   sing N N 309 
LYS CA  HA   sing N N 310 
LYS C   O    doub N N 311 
LYS C   OXT  sing N N 312 
LYS CB  CG   sing N N 313 
LYS CB  HB2  sing N N 314 
LYS CB  HB3  sing N N 315 
LYS CG  CD   sing N N 316 
LYS CG  HG2  sing N N 317 
LYS CG  HG3  sing N N 318 
LYS CD  CE   sing N N 319 
LYS CD  HD2  sing N N 320 
LYS CD  HD3  sing N N 321 
LYS CE  NZ   sing N N 322 
LYS CE  HE2  sing N N 323 
LYS CE  HE3  sing N N 324 
LYS NZ  HZ1  sing N N 325 
LYS NZ  HZ2  sing N N 326 
LYS NZ  HZ3  sing N N 327 
LYS OXT HXT  sing N N 328 
MET N   CA   sing N N 329 
MET N   H    sing N N 330 
MET N   H2   sing N N 331 
MET CA  C    sing N N 332 
MET CA  CB   sing N N 333 
MET CA  HA   sing N N 334 
MET C   O    doub N N 335 
MET C   OXT  sing N N 336 
MET CB  CG   sing N N 337 
MET CB  HB2  sing N N 338 
MET CB  HB3  sing N N 339 
MET CG  SD   sing N N 340 
MET CG  HG2  sing N N 341 
MET CG  HG3  sing N N 342 
MET SD  CE   sing N N 343 
MET CE  HE1  sing N N 344 
MET CE  HE2  sing N N 345 
MET CE  HE3  sing N N 346 
MET OXT HXT  sing N N 347 
PHE N   CA   sing N N 348 
PHE N   H    sing N N 349 
PHE N   H2   sing N N 350 
PHE CA  C    sing N N 351 
PHE CA  CB   sing N N 352 
PHE CA  HA   sing N N 353 
PHE C   O    doub N N 354 
PHE C   OXT  sing N N 355 
PHE CB  CG   sing N N 356 
PHE CB  HB2  sing N N 357 
PHE CB  HB3  sing N N 358 
PHE CG  CD1  doub Y N 359 
PHE CG  CD2  sing Y N 360 
PHE CD1 CE1  sing Y N 361 
PHE CD1 HD1  sing N N 362 
PHE CD2 CE2  doub Y N 363 
PHE CD2 HD2  sing N N 364 
PHE CE1 CZ   doub Y N 365 
PHE CE1 HE1  sing N N 366 
PHE CE2 CZ   sing Y N 367 
PHE CE2 HE2  sing N N 368 
PHE CZ  HZ   sing N N 369 
PHE OXT HXT  sing N N 370 
PRO N   CA   sing N N 371 
PRO N   CD   sing N N 372 
PRO N   H    sing N N 373 
PRO CA  C    sing N N 374 
PRO CA  CB   sing N N 375 
PRO CA  HA   sing N N 376 
PRO C   O    doub N N 377 
PRO C   OXT  sing N N 378 
PRO CB  CG   sing N N 379 
PRO CB  HB2  sing N N 380 
PRO CB  HB3  sing N N 381 
PRO CG  CD   sing N N 382 
PRO CG  HG2  sing N N 383 
PRO CG  HG3  sing N N 384 
PRO CD  HD2  sing N N 385 
PRO CD  HD3  sing N N 386 
PRO OXT HXT  sing N N 387 
SER N   CA   sing N N 388 
SER N   H    sing N N 389 
SER N   H2   sing N N 390 
SER CA  C    sing N N 391 
SER CA  CB   sing N N 392 
SER CA  HA   sing N N 393 
SER C   O    doub N N 394 
SER C   OXT  sing N N 395 
SER CB  OG   sing N N 396 
SER CB  HB2  sing N N 397 
SER CB  HB3  sing N N 398 
SER OG  HG   sing N N 399 
SER OXT HXT  sing N N 400 
THR N   CA   sing N N 401 
THR N   H    sing N N 402 
THR N   H2   sing N N 403 
THR CA  C    sing N N 404 
THR CA  CB   sing N N 405 
THR CA  HA   sing N N 406 
THR C   O    doub N N 407 
THR C   OXT  sing N N 408 
THR CB  OG1  sing N N 409 
THR CB  CG2  sing N N 410 
THR CB  HB   sing N N 411 
THR OG1 HG1  sing N N 412 
THR CG2 HG21 sing N N 413 
THR CG2 HG22 sing N N 414 
THR CG2 HG23 sing N N 415 
THR OXT HXT  sing N N 416 
TRP N   CA   sing N N 417 
TRP N   H    sing N N 418 
TRP N   H2   sing N N 419 
TRP CA  C    sing N N 420 
TRP CA  CB   sing N N 421 
TRP CA  HA   sing N N 422 
TRP C   O    doub N N 423 
TRP C   OXT  sing N N 424 
TRP CB  CG   sing N N 425 
TRP CB  HB2  sing N N 426 
TRP CB  HB3  sing N N 427 
TRP CG  CD1  doub Y N 428 
TRP CG  CD2  sing Y N 429 
TRP CD1 NE1  sing Y N 430 
TRP CD1 HD1  sing N N 431 
TRP CD2 CE2  doub Y N 432 
TRP CD2 CE3  sing Y N 433 
TRP NE1 CE2  sing Y N 434 
TRP NE1 HE1  sing N N 435 
TRP CE2 CZ2  sing Y N 436 
TRP CE3 CZ3  doub Y N 437 
TRP CE3 HE3  sing N N 438 
TRP CZ2 CH2  doub Y N 439 
TRP CZ2 HZ2  sing N N 440 
TRP CZ3 CH2  sing Y N 441 
TRP CZ3 HZ3  sing N N 442 
TRP CH2 HH2  sing N N 443 
TRP OXT HXT  sing N N 444 
TYR N   CA   sing N N 445 
TYR N   H    sing N N 446 
TYR N   H2   sing N N 447 
TYR CA  C    sing N N 448 
TYR CA  CB   sing N N 449 
TYR CA  HA   sing N N 450 
TYR C   O    doub N N 451 
TYR C   OXT  sing N N 452 
TYR CB  CG   sing N N 453 
TYR CB  HB2  sing N N 454 
TYR CB  HB3  sing N N 455 
TYR CG  CD1  doub Y N 456 
TYR CG  CD2  sing Y N 457 
TYR CD1 CE1  sing Y N 458 
TYR CD1 HD1  sing N N 459 
TYR CD2 CE2  doub Y N 460 
TYR CD2 HD2  sing N N 461 
TYR CE1 CZ   doub Y N 462 
TYR CE1 HE1  sing N N 463 
TYR CE2 CZ   sing Y N 464 
TYR CE2 HE2  sing N N 465 
TYR CZ  OH   sing N N 466 
TYR OH  HH   sing N N 467 
TYR OXT HXT  sing N N 468 
VAL N   CA   sing N N 469 
VAL N   H    sing N N 470 
VAL N   H2   sing N N 471 
VAL CA  C    sing N N 472 
VAL CA  CB   sing N N 473 
VAL CA  HA   sing N N 474 
VAL C   O    doub N N 475 
VAL C   OXT  sing N N 476 
VAL CB  CG1  sing N N 477 
VAL CB  CG2  sing N N 478 
VAL CB  HB   sing N N 479 
VAL CG1 HG11 sing N N 480 
VAL CG1 HG12 sing N N 481 
VAL CG1 HG13 sing N N 482 
VAL CG2 HG21 sing N N 483 
VAL CG2 HG22 sing N N 484 
VAL CG2 HG23 sing N N 485 
VAL OXT HXT  sing N N 486 
# 
_atom_sites.entry_id                    4BPM 
_atom_sites.fract_transf_matrix[1][1]   0.01005783 
_atom_sites.fract_transf_matrix[1][2]   0.00611240 
_atom_sites.fract_transf_matrix[1][3]   0.00633129 
_atom_sites.fract_transf_matrix[2][1]   0.01132517 
_atom_sites.fract_transf_matrix[2][2]   0.00275115 
_atom_sites.fract_transf_matrix[2][3]   -0.00654178 
_atom_sites.fract_transf_matrix[3][1]   -0.00204885 
_atom_sites.fract_transf_matrix[3][2]   0.00490755 
_atom_sites.fract_transf_matrix[3][3]   -0.00148311 
_atom_sites.fract_transf_vector[1]      0.048571 
_atom_sites.fract_transf_vector[2]      0.127412 
_atom_sites.fract_transf_vector[3]      0.199234 
# 
loop_
_atom_type.symbol 
C  
CL 
F  
N  
O  
S  
# 
loop_
_atom_site.group_PDB 
_atom_site.id 
_atom_site.type_symbol 
_atom_site.label_atom_id 
_atom_site.label_alt_id 
_atom_site.label_comp_id 
_atom_site.label_asym_id 
_atom_site.label_entity_id 
_atom_site.label_seq_id 
_atom_site.pdbx_PDB_ins_code 
_atom_site.Cartn_x 
_atom_site.Cartn_y 
_atom_site.Cartn_z 
_atom_site.occupancy 
_atom_site.B_iso_or_equiv 
_atom_site.pdbx_formal_charge 
_atom_site.auth_seq_id 
_atom_site.auth_comp_id 
_atom_site.auth_asym_id 
_atom_site.auth_atom_id 
_atom_site.pdbx_PDB_model_num 
ATOM   1    N  N   . SER A 1 8   ? 9.200   -18.253 6.639   1.00 87.29  ? 10   SER A N   1 
ATOM   2    C  CA  . SER A 1 8   ? 8.897   -17.096 5.805   1.00 65.50  ? 10   SER A CA  1 
ATOM   3    C  C   . SER A 1 8   ? 9.922   -15.980 6.021   1.00 67.26  ? 10   SER A C   1 
ATOM   4    O  O   . SER A 1 8   ? 9.702   -15.074 6.822   1.00 75.03  ? 10   SER A O   1 
ATOM   5    C  CB  . SER A 1 8   ? 7.477   -16.595 6.083   1.00 64.69  ? 10   SER A CB  1 
ATOM   6    O  OG  . SER A 1 8   ? 6.520   -17.615 5.842   1.00 97.64  ? 10   SER A OG  1 
ATOM   7    N  N   . PRO A 1 9   ? 11.052  -16.050 5.296   1.00 68.47  ? 11   PRO A N   1 
ATOM   8    C  CA  . PRO A 1 9   ? 12.177  -15.110 5.386   1.00 71.69  ? 11   PRO A CA  1 
ATOM   9    C  C   . PRO A 1 9   ? 11.817  -13.724 4.859   1.00 58.69  ? 11   PRO A C   1 
ATOM   10   O  O   . PRO A 1 9   ? 12.528  -12.753 5.123   1.00 67.45  ? 11   PRO A O   1 
ATOM   11   C  CB  . PRO A 1 9   ? 13.240  -15.745 4.478   1.00 60.87  ? 11   PRO A CB  1 
ATOM   12   C  CG  . PRO A 1 9   ? 12.784  -17.151 4.249   1.00 62.01  ? 11   PRO A CG  1 
ATOM   13   C  CD  . PRO A 1 9   ? 11.300  -17.098 4.296   1.00 65.06  ? 11   PRO A CD  1 
ATOM   14   N  N   . ALA A 1 10  ? 10.721  -13.644 4.113   1.00 59.40  ? 12   ALA A N   1 
ATOM   15   C  CA  . ALA A 1 10  ? 10.254  -12.379 3.564   1.00 54.92  ? 12   ALA A CA  1 
ATOM   16   C  C   . ALA A 1 10  ? 9.443   -11.611 4.599   1.00 45.91  ? 12   ALA A C   1 
ATOM   17   O  O   . ALA A 1 10  ? 9.303   -10.390 4.515   1.00 51.05  ? 12   ALA A O   1 
ATOM   18   C  CB  . ALA A 1 10  ? 9.421   -12.625 2.316   1.00 44.88  ? 12   ALA A CB  1 
ATOM   19   N  N   . LEU A 1 11  ? 8.920   -12.337 5.582   1.00 42.21  ? 13   LEU A N   1 
ATOM   20   C  CA  . LEU A 1 11  ? 8.045   -11.750 6.597   1.00 51.70  ? 13   LEU A CA  1 
ATOM   21   C  C   . LEU A 1 11  ? 8.657   -10.596 7.410   1.00 39.54  ? 13   LEU A C   1 
ATOM   22   O  O   . LEU A 1 11  ? 8.035   -9.542  7.526   1.00 43.76  ? 13   LEU A O   1 
ATOM   23   C  CB  . LEU A 1 11  ? 7.463   -12.824 7.526   1.00 40.37  ? 13   LEU A CB  1 
ATOM   24   C  CG  . LEU A 1 11  ? 6.397   -12.295 8.488   1.00 51.97  ? 13   LEU A CG  1 
ATOM   25   C  CD1 . LEU A 1 11  ? 5.268   -11.632 7.709   1.00 40.58  ? 13   LEU A CD1 1 
ATOM   26   C  CD2 . LEU A 1 11  ? 5.858   -13.405 9.375   1.00 70.07  ? 13   LEU A CD2 1 
ATOM   27   N  N   . PRO A 1 12  ? 9.865   -10.783 7.978   1.00 50.60  ? 14   PRO A N   1 
ATOM   28   C  CA  . PRO A 1 12  ? 10.422  -9.643  8.718   1.00 43.09  ? 14   PRO A CA  1 
ATOM   29   C  C   . PRO A 1 12  ? 10.712  -8.441  7.819   1.00 46.38  ? 14   PRO A C   1 
ATOM   30   O  O   . PRO A 1 12  ? 10.652  -7.304  8.286   1.00 40.72  ? 14   PRO A O   1 
ATOM   31   C  CB  . PRO A 1 12  ? 11.720  -10.204 9.307   1.00 63.35  ? 14   PRO A CB  1 
ATOM   32   C  CG  . PRO A 1 12  ? 12.060  -11.355 8.443   1.00 64.84  ? 14   PRO A CG  1 
ATOM   33   C  CD  . PRO A 1 12  ? 10.755  -11.954 8.043   1.00 52.59  ? 14   PRO A CD  1 
ATOM   34   N  N   . ALA A 1 13  ? 11.012  -8.694  6.548   1.00 39.63  ? 15   ALA A N   1 
ATOM   35   C  CA  . ALA A 1 13  ? 11.181  -7.621  5.577   1.00 47.61  ? 15   ALA A CA  1 
ATOM   36   C  C   . ALA A 1 13  ? 9.855   -6.895  5.384   1.00 41.45  ? 15   ALA A C   1 
ATOM   37   O  O   . ALA A 1 13  ? 9.806   -5.664  5.370   1.00 40.18  ? 15   ALA A O   1 
ATOM   38   C  CB  . ALA A 1 13  ? 11.680  -8.173  4.254   1.00 44.45  ? 15   ALA A CB  1 
ATOM   39   N  N   . PHE A 1 14  ? 8.780   -7.668  5.248   1.00 34.29  ? 16   PHE A N   1 
ATOM   40   C  CA  . PHE A 1 14  ? 7.446   -7.097  5.071   1.00 39.55  ? 16   PHE A CA  1 
ATOM   41   C  C   . PHE A 1 14  ? 6.995   -6.289  6.278   1.00 34.11  ? 16   PHE A C   1 
ATOM   42   O  O   . PHE A 1 14  ? 6.480   -5.182  6.133   1.00 41.02  ? 16   PHE A O   1 
ATOM   43   C  CB  . PHE A 1 14  ? 6.403   -8.176  4.778   1.00 35.55  ? 16   PHE A CB  1 
ATOM   44   C  CG  . PHE A 1 14  ? 4.988   -7.685  4.908   1.00 43.14  ? 16   PHE A CG  1 
ATOM   45   C  CD1 . PHE A 1 14  ? 4.438   -6.862  3.942   1.00 41.27  ? 16   PHE A CD1 1 
ATOM   46   C  CD2 . PHE A 1 14  ? 4.217   -8.028  6.007   1.00 36.19  ? 16   PHE A CD2 1 
ATOM   47   C  CE1 . PHE A 1 14  ? 3.144   -6.398  4.061   1.00 39.19  ? 16   PHE A CE1 1 
ATOM   48   C  CE2 . PHE A 1 14  ? 2.922   -7.568  6.132   1.00 38.68  ? 16   PHE A CE2 1 
ATOM   49   C  CZ  . PHE A 1 14  ? 2.384   -6.752  5.157   1.00 36.74  ? 16   PHE A CZ  1 
ATOM   50   N  N   . LEU A 1 15  ? 7.179   -6.853  7.469   1.00 37.87  ? 17   LEU A N   1 
ATOM   51   C  CA  . LEU A 1 15  ? 6.777   -6.192  8.708   1.00 41.15  ? 17   LEU A CA  1 
ATOM   52   C  C   . LEU A 1 15  ? 7.538   -4.890  8.896   1.00 44.09  ? 17   LEU A C   1 
ATOM   53   O  O   . LEU A 1 15  ? 7.039   -3.943  9.504   1.00 42.60  ? 17   LEU A O   1 
ATOM   54   C  CB  . LEU A 1 15  ? 7.020   -7.108  9.907   1.00 35.57  ? 17   LEU A CB  1 
ATOM   55   C  CG  . LEU A 1 15  ? 6.204   -8.402  9.907   1.00 38.71  ? 17   LEU A CG  1 
ATOM   56   C  CD1 . LEU A 1 15  ? 6.495   -9.231  11.148  1.00 42.81  ? 17   LEU A CD1 1 
ATOM   57   C  CD2 . LEU A 1 15  ? 4.721   -8.085  9.801   1.00 40.89  ? 17   LEU A CD2 1 
ATOM   58   N  N   A LEU A 1 16  ? 8.754   -4.851  8.364   0.50 41.13  ? 18   LEU A N   1 
ATOM   59   N  N   B LEU A 1 16  ? 8.753   -4.850  8.364   0.50 41.13  ? 18   LEU A N   1 
ATOM   60   C  CA  A LEU A 1 16  ? 9.606   -3.679  8.475   0.50 48.75  ? 18   LEU A CA  1 
ATOM   61   C  CA  B LEU A 1 16  ? 9.603   -3.676  8.477   0.50 48.74  ? 18   LEU A CA  1 
ATOM   62   C  C   A LEU A 1 16  ? 9.082   -2.549  7.597   0.50 41.40  ? 18   LEU A C   1 
ATOM   63   C  C   B LEU A 1 16  ? 9.082   -2.548  7.596   0.50 41.40  ? 18   LEU A C   1 
ATOM   64   O  O   A LEU A 1 16  ? 8.885   -1.427  8.060   0.50 44.28  ? 18   LEU A O   1 
ATOM   65   O  O   B LEU A 1 16  ? 8.887   -1.425  8.057   0.50 44.28  ? 18   LEU A O   1 
ATOM   66   C  CB  A LEU A 1 16  ? 11.037  -4.028  8.065   0.50 50.01  ? 18   LEU A CB  1 
ATOM   67   C  CB  B LEU A 1 16  ? 11.037  -4.023  8.080   0.50 50.02  ? 18   LEU A CB  1 
ATOM   68   C  CG  A LEU A 1 16  ? 12.121  -3.065  8.549   0.50 66.92  ? 18   LEU A CG  1 
ATOM   69   C  CG  B LEU A 1 16  ? 12.108  -3.044  8.561   0.50 66.91  ? 18   LEU A CG  1 
ATOM   70   C  CD1 A LEU A 1 16  ? 12.165  -3.052  10.067  0.50 62.10  ? 18   LEU A CD1 1 
ATOM   71   C  CD1 B LEU A 1 16  ? 12.109  -2.980  10.080  0.50 61.97  ? 18   LEU A CD1 1 
ATOM   72   C  CD2 A LEU A 1 16  ? 13.475  -3.443  7.974   0.50 53.36  ? 18   LEU A CD2 1 
ATOM   73   C  CD2 B LEU A 1 16  ? 13.478  -3.440  8.035   0.50 53.40  ? 18   LEU A CD2 1 
ATOM   74   N  N   . CYS A 1 17  ? 8.860   -2.860  6.323   1.00 39.30  ? 19   CYS A N   1 
ATOM   75   C  CA  . CYS A 1 17  ? 8.377   -1.877  5.360   1.00 41.43  ? 19   CYS A CA  1 
ATOM   76   C  C   . CYS A 1 17  ? 6.945   -1.443  5.660   1.00 45.44  ? 19   CYS A C   1 
ATOM   77   O  O   . CYS A 1 17  ? 6.618   -0.259  5.589   1.00 39.20  ? 19   CYS A O   1 
ATOM   78   C  CB  . CYS A 1 17  ? 8.467   -2.439  3.937   1.00 36.65  ? 19   CYS A CB  1 
ATOM   79   S  SG  . CYS A 1 17  ? 10.148  -2.818  3.377   1.00 51.69  ? 19   CYS A SG  1 
ATOM   80   N  N   . SER A 1 18  ? 6.097   -2.408  5.996   1.00 38.95  ? 20   SER A N   1 
ATOM   81   C  CA  . SER A 1 18  ? 4.689   -2.133  6.261   1.00 42.91  ? 20   SER A CA  1 
ATOM   82   C  C   . SER A 1 18  ? 4.493   -1.221  7.470   1.00 45.85  ? 20   SER A C   1 
ATOM   83   O  O   . SER A 1 18  ? 3.646   -0.327  7.451   1.00 38.24  ? 20   SER A O   1 
ATOM   84   C  CB  . SER A 1 18  ? 3.910   -3.436  6.465   1.00 46.49  ? 20   SER A CB  1 
ATOM   85   O  OG  . SER A 1 18  ? 4.332   -4.098  7.644   1.00 50.05  ? 20   SER A OG  1 
ATOM   86   N  N   . THR A 1 19  ? 5.275   -1.451  8.521   1.00 36.20  ? 21   THR A N   1 
ATOM   87   C  CA  . THR A 1 19  ? 5.153   -0.671  9.748   1.00 34.60  ? 21   THR A CA  1 
ATOM   88   C  C   . THR A 1 19  ? 5.695   0.746   9.563   1.00 33.86  ? 21   THR A C   1 
ATOM   89   O  O   . THR A 1 19  ? 5.162   1.701   10.126  1.00 41.22  ? 21   THR A O   1 
ATOM   90   C  CB  . THR A 1 19  ? 5.851   -1.364  10.944  1.00 42.18  ? 21   THR A CB  1 
ATOM   91   O  OG1 . THR A 1 19  ? 5.381   -2.711  11.056  1.00 52.77  ? 21   THR A OG1 1 
ATOM   92   C  CG2 . THR A 1 19  ? 5.554   -0.629  12.241  1.00 40.21  ? 21   THR A CG2 1 
ATOM   93   N  N   . LEU A 1 20  ? 6.750   0.878   8.765   1.00 37.14  ? 22   LEU A N   1 
ATOM   94   C  CA  . LEU A 1 20  ? 7.290   2.195   8.433   1.00 39.76  ? 22   LEU A CA  1 
ATOM   95   C  C   . LEU A 1 20  ? 6.274   3.015   7.645   1.00 34.71  ? 22   LEU A C   1 
ATOM   96   O  O   . LEU A 1 20  ? 6.226   4.241   7.752   1.00 37.28  ? 22   LEU A O   1 
ATOM   97   C  CB  . LEU A 1 20  ? 8.593   2.067   7.639   1.00 37.93  ? 22   LEU A CB  1 
ATOM   98   C  CG  . LEU A 1 20  ? 9.831   1.650   8.437   1.00 46.42  ? 22   LEU A CG  1 
ATOM   99   C  CD1 . LEU A 1 20  ? 11.034  1.483   7.521   1.00 40.39  ? 22   LEU A CD1 1 
ATOM   100  C  CD2 . LEU A 1 20  ? 10.125  2.664   9.532   1.00 41.13  ? 22   LEU A CD2 1 
ATOM   101  N  N   . LEU A 1 21  ? 5.461   2.326   6.853   1.00 36.06  ? 23   LEU A N   1 
ATOM   102  C  CA  . LEU A 1 21  ? 4.433   2.979   6.049   1.00 40.96  ? 23   LEU A CA  1 
ATOM   103  C  C   . LEU A 1 21  ? 3.265   3.463   6.898   1.00 35.84  ? 23   LEU A C   1 
ATOM   104  O  O   . LEU A 1 21  ? 2.718   4.536   6.657   1.00 36.41  ? 23   LEU A O   1 
ATOM   105  C  CB  . LEU A 1 21  ? 3.936   2.040   4.952   1.00 35.84  ? 23   LEU A CB  1 
ATOM   106  C  CG  . LEU A 1 21  ? 4.952   1.868   3.822   1.00 44.57  ? 23   LEU A CG  1 
ATOM   107  C  CD1 . LEU A 1 21  ? 4.553   0.732   2.907   1.00 49.74  ? 23   LEU A CD1 1 
ATOM   108  C  CD2 . LEU A 1 21  ? 5.087   3.170   3.048   1.00 51.02  ? 23   LEU A CD2 1 
ATOM   109  N  N   . VAL A 1 22  ? 2.883   2.660   7.886   1.00 33.30  ? 24   VAL A N   1 
ATOM   110  C  CA  . VAL A 1 22  ? 1.829   3.041   8.816   1.00 37.72  ? 24   VAL A CA  1 
ATOM   111  C  C   . VAL A 1 22  ? 2.264   4.270   9.610   1.00 37.60  ? 24   VAL A C   1 
ATOM   112  O  O   . VAL A 1 22  ? 1.481   5.194   9.835   1.00 36.22  ? 24   VAL A O   1 
ATOM   113  C  CB  . VAL A 1 22  ? 1.490   1.886   9.787   1.00 37.33  ? 24   VAL A CB  1 
ATOM   114  C  CG1 . VAL A 1 22  ? 0.534   2.357   10.874  1.00 42.20  ? 24   VAL A CG1 1 
ATOM   115  C  CG2 . VAL A 1 22  ? 0.903   0.708   9.024   1.00 39.08  ? 24   VAL A CG2 1 
ATOM   116  N  N   . ILE A 1 23  ? 3.528   4.271   10.019  1.00 28.50  ? 25   ILE A N   1 
ATOM   117  C  CA  . ILE A 1 23  ? 4.115   5.399   10.732  1.00 36.95  ? 25   ILE A CA  1 
ATOM   118  C  C   . ILE A 1 23  ? 4.155   6.647   9.850   1.00 35.19  ? 25   ILE A C   1 
ATOM   119  O  O   . ILE A 1 23  ? 3.915   7.760   10.321  1.00 44.12  ? 25   ILE A O   1 
ATOM   120  C  CB  . ILE A 1 23  ? 5.527   5.051   11.256  1.00 42.39  ? 25   ILE A CB  1 
ATOM   121  C  CG1 . ILE A 1 23  ? 5.414   4.040   12.401  1.00 38.36  ? 25   ILE A CG1 1 
ATOM   122  C  CG2 . ILE A 1 23  ? 6.267   6.302   11.716  1.00 34.46  ? 25   ILE A CG2 1 
ATOM   123  C  CD1 . ILE A 1 23  ? 6.736   3.493   12.868  1.00 48.22  ? 25   ILE A CD1 1 
ATOM   124  N  N   . LYS A 1 24  ? 4.436   6.451   8.565   1.00 35.34  ? 26   LYS A N   1 
ATOM   125  C  CA  . LYS A 1 24  ? 4.409   7.549   7.604   1.00 36.77  ? 26   LYS A CA  1 
ATOM   126  C  C   . LYS A 1 24  ? 3.004   8.141   7.531   1.00 44.55  ? 26   LYS A C   1 
ATOM   127  O  O   . LYS A 1 24  ? 2.834   9.352   7.401   1.00 37.78  ? 26   LYS A O   1 
ATOM   128  C  CB  . LYS A 1 24  ? 4.844   7.075   6.215   1.00 36.47  ? 26   LYS A CB  1 
ATOM   129  C  CG  . LYS A 1 24  ? 5.057   8.207   5.215   1.00 30.20  ? 26   LYS A CG  1 
ATOM   130  C  CD  . LYS A 1 24  ? 4.866   7.733   3.783   1.00 44.88  ? 26   LYS A CD  1 
ATOM   131  C  CE  . LYS A 1 24  ? 3.406   7.411   3.506   1.00 48.62  ? 26   LYS A CE  1 
ATOM   132  N  NZ  . LYS A 1 24  ? 2.537   8.598   3.745   1.00 46.69  ? 26   LYS A NZ  1 
ATOM   133  N  N   . MET A 1 25  ? 1.998   7.276   7.620   1.00 32.35  ? 27   MET A N   1 
ATOM   134  C  CA  . MET A 1 25  ? 0.609   7.719   7.605   1.00 38.79  ? 27   MET A CA  1 
ATOM   135  C  C   . MET A 1 25  ? 0.259   8.507   8.865   1.00 33.85  ? 27   MET A C   1 
ATOM   136  O  O   . MET A 1 25  ? -0.476  9.492   8.802   1.00 43.19  ? 27   MET A O   1 
ATOM   137  C  CB  . MET A 1 25  ? -0.349  6.535   7.418   1.00 34.29  ? 27   MET A CB  1 
ATOM   138  C  CG  . MET A 1 25  ? -0.293  5.911   6.029   1.00 46.74  ? 27   MET A CG  1 
ATOM   139  S  SD  . MET A 1 25  ? -1.469  4.564   5.785   1.00 46.21  ? 27   MET A SD  1 
ATOM   140  C  CE  . MET A 1 25  ? -3.024  5.434   5.952   1.00 55.16  ? 27   MET A CE  1 
ATOM   141  N  N   . TYR A 1 26  ? 0.790   8.068   10.002  1.00 34.76  ? 28   TYR A N   1 
ATOM   142  C  CA  . TYR A 1 26  ? 0.612   8.789   11.260  1.00 35.42  ? 28   TYR A CA  1 
ATOM   143  C  C   . TYR A 1 26  ? 1.242   10.177  11.183  1.00 39.14  ? 28   TYR A C   1 
ATOM   144  O  O   . TYR A 1 26  ? 0.728   11.139  11.756  1.00 37.88  ? 28   TYR A O   1 
ATOM   145  C  CB  . TYR A 1 26  ? 1.229   8.018   12.431  1.00 34.34  ? 28   TYR A CB  1 
ATOM   146  C  CG  . TYR A 1 26  ? 0.470   6.775   12.837  1.00 49.21  ? 28   TYR A CG  1 
ATOM   147  C  CD1 . TYR A 1 26  ? -0.792  6.509   12.322  1.00 41.24  ? 28   TYR A CD1 1 
ATOM   148  C  CD2 . TYR A 1 26  ? 1.015   5.875   13.744  1.00 44.03  ? 28   TYR A CD2 1 
ATOM   149  C  CE1 . TYR A 1 26  ? -1.488  5.376   12.692  1.00 45.54  ? 28   TYR A CE1 1 
ATOM   150  C  CE2 . TYR A 1 26  ? 0.326   4.740   14.122  1.00 43.08  ? 28   TYR A CE2 1 
ATOM   151  C  CZ  . TYR A 1 26  ? -0.924  4.494   13.592  1.00 44.54  ? 28   TYR A CZ  1 
ATOM   152  O  OH  . TYR A 1 26  ? -1.616  3.366   13.964  1.00 44.23  ? 28   TYR A OH  1 
ATOM   153  N  N   . VAL A 1 27  ? 2.364   10.269  10.478  1.00 36.36  ? 29   VAL A N   1 
ATOM   154  C  CA  . VAL A 1 27  ? 3.061   11.537  10.308  1.00 40.15  ? 29   VAL A CA  1 
ATOM   155  C  C   . VAL A 1 27  ? 2.245   12.497  9.439   1.00 39.48  ? 29   VAL A C   1 
ATOM   156  O  O   . VAL A 1 27  ? 2.174   13.692  9.725   1.00 41.40  ? 29   VAL A O   1 
ATOM   157  C  CB  . VAL A 1 27  ? 4.479   11.340  9.715   1.00 42.40  ? 29   VAL A CB  1 
ATOM   158  C  CG1 . VAL A 1 27  ? 5.085   12.676  9.301   1.00 39.02  ? 29   VAL A CG1 1 
ATOM   159  C  CG2 . VAL A 1 27  ? 5.378   10.636  10.720  1.00 45.02  ? 29   VAL A CG2 1 
ATOM   160  N  N   . VAL A 1 28  ? 1.620   11.966  8.391   1.00 36.93  ? 30   VAL A N   1 
ATOM   161  C  CA  . VAL A 1 28  ? 0.735   12.767  7.549   1.00 34.88  ? 30   VAL A CA  1 
ATOM   162  C  C   . VAL A 1 28  ? -0.424  13.323  8.378   1.00 40.10  ? 30   VAL A C   1 
ATOM   163  O  O   . VAL A 1 28  ? -0.818  14.482  8.218   1.00 38.22  ? 30   VAL A O   1 
ATOM   164  C  CB  . VAL A 1 28  ? 0.180   11.958  6.348   1.00 39.40  ? 30   VAL A CB  1 
ATOM   165  C  CG1 . VAL A 1 28  ? -0.833  12.784  5.562   1.00 37.72  ? 30   VAL A CG1 1 
ATOM   166  C  CG2 . VAL A 1 28  ? 1.311   11.507  5.438   1.00 38.48  ? 30   VAL A CG2 1 
ATOM   167  N  N   . ALA A 1 29  ? -0.952  12.494  9.273   1.00 35.00  ? 31   ALA A N   1 
ATOM   168  C  CA  . ALA A 1 29  ? -2.012  12.916  10.185  1.00 44.50  ? 31   ALA A CA  1 
ATOM   169  C  C   . ALA A 1 29  ? -1.553  14.069  11.073  1.00 35.41  ? 31   ALA A C   1 
ATOM   170  O  O   . ALA A 1 29  ? -2.279  15.045  11.265  1.00 38.33  ? 31   ALA A O   1 
ATOM   171  C  CB  . ALA A 1 29  ? -2.477  11.744  11.038  1.00 47.04  ? 31   ALA A CB  1 
ATOM   172  N  N   . ILE A 1 30  ? -0.343  13.945  11.609  1.00 35.52  ? 32   ILE A N   1 
ATOM   173  C  CA  . ILE A 1 30  ? 0.241   14.974  12.462  1.00 42.95  ? 32   ILE A CA  1 
ATOM   174  C  C   . ILE A 1 30  ? 0.446   16.280  11.696  1.00 37.96  ? 32   ILE A C   1 
ATOM   175  O  O   . ILE A 1 30  ? 0.105   17.359  12.185  1.00 42.95  ? 32   ILE A O   1 
ATOM   176  C  CB  . ILE A 1 30  ? 1.583   14.507  13.070  1.00 45.49  ? 32   ILE A CB  1 
ATOM   177  C  CG1 . ILE A 1 30  ? 1.332   13.427  14.129  1.00 45.68  ? 32   ILE A CG1 1 
ATOM   178  C  CG2 . ILE A 1 30  ? 2.349   15.684  13.662  1.00 38.19  ? 32   ILE A CG2 1 
ATOM   179  C  CD1 . ILE A 1 30  ? 2.593   12.831  14.720  1.00 47.74  ? 32   ILE A CD1 1 
ATOM   180  N  N   . ILE A 1 31  ? 0.992   16.165  10.489  1.00 38.64  ? 33   ILE A N   1 
ATOM   181  C  CA  . ILE A 1 31  ? 1.166   17.312  9.607   1.00 38.79  ? 33   ILE A CA  1 
ATOM   182  C  C   . ILE A 1 31  ? -0.174  17.990  9.330   1.00 49.19  ? 33   ILE A C   1 
ATOM   183  O  O   . ILE A 1 31  ? -0.278  19.218  9.366   1.00 41.42  ? 33   ILE A O   1 
ATOM   184  C  CB  . ILE A 1 31  ? 1.837   16.905  8.273   1.00 37.72  ? 33   ILE A CB  1 
ATOM   185  C  CG1 . ILE A 1 31  ? 3.301   16.519  8.515   1.00 37.61  ? 33   ILE A CG1 1 
ATOM   186  C  CG2 . ILE A 1 31  ? 1.733   18.029  7.249   1.00 34.17  ? 33   ILE A CG2 1 
ATOM   187  C  CD1 . ILE A 1 31  ? 3.997   15.926  7.305   1.00 40.61  ? 33   ILE A CD1 1 
ATOM   188  N  N   . THR A 1 32  ? -1.202  17.182  9.082   1.00 35.26  ? 34   THR A N   1 
ATOM   189  C  CA  . THR A 1 32  ? -2.542  17.700  8.817   1.00 31.90  ? 34   THR A CA  1 
ATOM   190  C  C   . THR A 1 32  ? -3.048  18.566  9.970   1.00 41.18  ? 34   THR A C   1 
ATOM   191  O  O   . THR A 1 32  ? -3.598  19.645  9.754   1.00 40.69  ? 34   THR A O   1 
ATOM   192  C  CB  . THR A 1 32  ? -3.553  16.562  8.547   1.00 40.61  ? 34   THR A CB  1 
ATOM   193  O  OG1 . THR A 1 32  ? -3.111  15.782  7.430   1.00 39.60  ? 34   THR A OG1 1 
ATOM   194  C  CG2 . THR A 1 32  ? -4.930  17.132  8.240   1.00 33.59  ? 34   THR A CG2 1 
ATOM   195  N  N   . GLY A 1 33  ? -2.841  18.094  11.194  1.00 38.31  ? 35   GLY A N   1 
ATOM   196  C  CA  . GLY A 1 33  ? -3.249  18.832  12.376  1.00 35.97  ? 35   GLY A CA  1 
ATOM   197  C  C   . GLY A 1 33  ? -2.507  20.145  12.543  1.00 42.45  ? 35   GLY A C   1 
ATOM   198  O  O   . GLY A 1 33  ? -3.098  21.165  12.897  1.00 39.23  ? 35   GLY A O   1 
ATOM   199  N  N   . GLN A 1 34  ? -1.203  20.116  12.285  1.00 33.22  ? 36   GLN A N   1 
ATOM   200  C  CA  . GLN A 1 34  ? -0.356  21.298  12.410  1.00 47.39  ? 36   GLN A CA  1 
ATOM   201  C  C   . GLN A 1 34  ? -0.707  22.361  11.373  1.00 34.90  ? 36   GLN A C   1 
ATOM   202  O  O   . GLN A 1 34  ? -0.675  23.557  11.662  1.00 41.62  ? 36   GLN A O   1 
ATOM   203  C  CB  . GLN A 1 34  ? 1.120   20.914  12.296  1.00 39.37  ? 36   GLN A CB  1 
ATOM   204  C  CG  . GLN A 1 34  ? 1.646   20.148  13.491  1.00 47.93  ? 36   GLN A CG  1 
ATOM   205  C  CD  . GLN A 1 34  ? 1.520   20.937  14.778  1.00 52.57  ? 36   GLN A CD  1 
ATOM   206  O  OE1 . GLN A 1 34  ? 2.195   21.948  14.970  1.00 63.74  ? 36   GLN A OE1 1 
ATOM   207  N  NE2 . GLN A 1 34  ? 0.642   20.484  15.665  1.00 56.49  ? 36   GLN A NE2 1 
ATOM   208  N  N   . VAL A 1 35  ? -1.035  21.916  10.163  1.00 37.61  ? 37   VAL A N   1 
ATOM   209  C  CA  . VAL A 1 35  ? -1.462  22.823  9.107   1.00 34.81  ? 37   VAL A CA  1 
ATOM   210  C  C   . VAL A 1 35  ? -2.788  23.471  9.494   1.00 50.98  ? 37   VAL A C   1 
ATOM   211  O  O   . VAL A 1 35  ? -3.008  24.657  9.243   1.00 39.64  ? 37   VAL A O   1 
ATOM   212  C  CB  . VAL A 1 35  ? -1.592  22.100  7.745   1.00 38.42  ? 37   VAL A CB  1 
ATOM   213  C  CG1 . VAL A 1 35  ? -2.186  23.026  6.696   1.00 45.57  ? 37   VAL A CG1 1 
ATOM   214  C  CG2 . VAL A 1 35  ? -0.236  21.585  7.285   1.00 43.35  ? 37   VAL A CG2 1 
ATOM   215  N  N   . ARG A 1 36  ? -3.662  22.690  10.125  1.00 42.36  ? 38   ARG A N   1 
ATOM   216  C  CA  . ARG A 1 36  ? -4.933  23.209  10.625  1.00 48.29  ? 38   ARG A CA  1 
ATOM   217  C  C   . ARG A 1 36  ? -4.717  24.316  11.651  1.00 41.63  ? 38   ARG A C   1 
ATOM   218  O  O   . ARG A 1 36  ? -5.391  25.343  11.622  1.00 37.92  ? 38   ARG A O   1 
ATOM   219  C  CB  . ARG A 1 36  ? -5.780  22.096  11.250  1.00 45.89  ? 38   ARG A CB  1 
ATOM   220  C  CG  . ARG A 1 36  ? -6.480  21.196  10.251  1.00 38.52  ? 38   ARG A CG  1 
ATOM   221  C  CD  . ARG A 1 36  ? -7.539  20.348  10.939  1.00 40.53  ? 38   ARG A CD  1 
ATOM   222  N  NE  . ARG A 1 36  ? -8.164  19.397  10.025  1.00 37.53  ? 38   ARG A NE  1 
ATOM   223  C  CZ  . ARG A 1 36  ? -9.157  19.699  9.195   1.00 47.79  ? 38   ARG A CZ  1 
ATOM   224  N  NH1 . ARG A 1 36  ? -9.642  20.932  9.160   1.00 40.48  ? 38   ARG A NH1 1 
ATOM   225  N  NH2 . ARG A 1 36  ? -9.660  18.765  8.398   1.00 47.68  ? 38   ARG A NH2 1 
ATOM   226  N  N   . LEU A 1 37  ? -3.772  24.095  12.560  1.00 45.81  ? 39   LEU A N   1 
ATOM   227  C  CA  . LEU A 1 37  ? -3.470  25.066  13.604  1.00 56.25  ? 39   LEU A CA  1 
ATOM   228  C  C   . LEU A 1 37  ? -2.908  26.361  13.034  1.00 57.96  ? 39   LEU A C   1 
ATOM   229  O  O   . LEU A 1 37  ? -3.383  27.451  13.350  1.00 50.47  ? 39   LEU A O   1 
ATOM   230  C  CB  . LEU A 1 37  ? -2.481  24.481  14.614  1.00 50.98  ? 39   LEU A CB  1 
ATOM   231  C  CG  . LEU A 1 37  ? -3.080  23.553  15.672  1.00 49.48  ? 39   LEU A CG  1 
ATOM   232  C  CD1 . LEU A 1 37  ? -1.997  23.014  16.593  1.00 56.13  ? 39   LEU A CD1 1 
ATOM   233  C  CD2 . LEU A 1 37  ? -4.146  24.292  16.466  1.00 61.72  ? 39   LEU A CD2 1 
ATOM   234  N  N   . ARG A 1 38  ? -1.890  26.228  12.191  1.00 42.64  ? 40   ARG A N   1 
ATOM   235  C  CA  . ARG A 1 38  ? -1.178  27.378  11.651  1.00 51.05  ? 40   ARG A CA  1 
ATOM   236  C  C   . ARG A 1 38  ? -2.041  28.212  10.705  1.00 54.44  ? 40   ARG A C   1 
ATOM   237  O  O   . ARG A 1 38  ? -1.980  29.440  10.715  1.00 56.21  ? 40   ARG A O   1 
ATOM   238  C  CB  . ARG A 1 38  ? 0.091   26.920  10.934  1.00 54.06  ? 40   ARG A CB  1 
ATOM   239  C  CG  . ARG A 1 38  ? 0.956   28.054  10.427  1.00 56.44  ? 40   ARG A CG  1 
ATOM   240  C  CD  . ARG A 1 38  ? 1.994   27.548  9.444   1.00 66.06  ? 40   ARG A CD  1 
ATOM   241  N  NE  . ARG A 1 38  ? 2.893   28.609  9.004   1.00 100.06 ? 40   ARG A NE  1 
ATOM   242  C  CZ  . ARG A 1 38  ? 4.047   28.899  9.593   1.00 89.77  ? 40   ARG A CZ  1 
ATOM   243  N  NH1 . ARG A 1 38  ? 4.444   28.203  10.649  1.00 97.83  ? 40   ARG A NH1 1 
ATOM   244  N  NH2 . ARG A 1 38  ? 4.804   29.884  9.128   1.00 101.03 ? 40   ARG A NH2 1 
ATOM   245  N  N   . LYS A 1 39  ? -2.842  27.537  9.886   1.00 44.92  ? 41   LYS A N   1 
ATOM   246  C  CA  . LYS A 1 39  ? -3.716  28.218  8.935   1.00 46.05  ? 41   LYS A CA  1 
ATOM   247  C  C   . LYS A 1 39  ? -5.049  28.601  9.570   1.00 48.99  ? 41   LYS A C   1 
ATOM   248  O  O   . LYS A 1 39  ? -5.838  29.333  8.971   1.00 51.28  ? 41   LYS A O   1 
ATOM   249  C  CB  . LYS A 1 39  ? -3.968  27.341  7.706   1.00 49.01  ? 41   LYS A CB  1 
ATOM   250  C  CG  . LYS A 1 39  ? -2.752  27.118  6.823   1.00 57.62  ? 41   LYS A CG  1 
ATOM   251  C  CD  . LYS A 1 39  ? -2.180  28.440  6.334   1.00 79.33  ? 41   LYS A CD  1 
ATOM   252  C  CE  . LYS A 1 39  ? -1.445  28.274  5.014   1.00 64.37  ? 41   LYS A CE  1 
ATOM   253  N  NZ  . LYS A 1 39  ? -2.393  28.005  3.894   1.00 69.42  ? 41   LYS A NZ  1 
ATOM   254  N  N   . LYS A 1 40  ? -5.287  28.103  10.779  1.00 45.68  ? 42   LYS A N   1 
ATOM   255  C  CA  . LYS A 1 40  ? -6.566  28.277  11.466  1.00 41.75  ? 42   LYS A CA  1 
ATOM   256  C  C   . LYS A 1 40  ? -7.738  27.860  10.588  1.00 51.01  ? 42   LYS A C   1 
ATOM   257  O  O   . LYS A 1 40  ? -8.656  28.640  10.344  1.00 45.67  ? 42   LYS A O   1 
ATOM   258  C  CB  . LYS A 1 40  ? -6.751  29.717  11.953  1.00 58.33  ? 42   LYS A CB  1 
ATOM   259  C  CG  . LYS A 1 40  ? -5.854  30.102  13.112  1.00 55.04  ? 42   LYS A CG  1 
ATOM   260  C  CD  . LYS A 1 40  ? -6.357  31.359  13.797  1.00 70.36  ? 42   LYS A CD  1 
ATOM   261  C  CE  . LYS A 1 40  ? -5.497  31.705  14.997  1.00 68.26  ? 42   LYS A CE  1 
ATOM   262  N  NZ  . LYS A 1 40  ? -5.474  30.596  15.993  1.00 59.99  ? 42   LYS A NZ  1 
ATOM   263  N  N   . ALA A 1 41  ? -7.688  26.626  10.101  1.00 43.00  ? 43   ALA A N   1 
ATOM   264  C  CA  . ALA A 1 41  ? -8.763  26.084  9.286   1.00 41.52  ? 43   ALA A CA  1 
ATOM   265  C  C   . ALA A 1 41  ? -9.253  24.780  9.895   1.00 48.80  ? 43   ALA A C   1 
ATOM   266  O  O   . ALA A 1 41  ? -8.653  23.725  9.700   1.00 39.86  ? 43   ALA A O   1 
ATOM   267  C  CB  . ALA A 1 41  ? -8.289  25.865  7.863   1.00 37.58  ? 43   ALA A CB  1 
ATOM   268  N  N   . PHE A 1 42  ? -10.347 24.863  10.643  1.00 43.55  ? 44   PHE A N   1 
ATOM   269  C  CA  . PHE A 1 42  ? -10.886 23.702  11.336  1.00 43.16  ? 44   PHE A CA  1 
ATOM   270  C  C   . PHE A 1 42  ? -12.153 23.184  10.662  1.00 47.65  ? 44   PHE A C   1 
ATOM   271  O  O   . PHE A 1 42  ? -12.880 23.937  10.012  1.00 43.79  ? 44   PHE A O   1 
ATOM   272  C  CB  . PHE A 1 42  ? -11.127 24.023  12.813  1.00 38.92  ? 44   PHE A CB  1 
ATOM   273  C  CG  . PHE A 1 42  ? -9.883  24.440  13.542  1.00 54.41  ? 44   PHE A CG  1 
ATOM   274  C  CD1 . PHE A 1 42  ? -9.504  25.770  13.585  1.00 42.15  ? 44   PHE A CD1 1 
ATOM   275  C  CD2 . PHE A 1 42  ? -9.081  23.498  14.163  1.00 44.55  ? 44   PHE A CD2 1 
ATOM   276  C  CE1 . PHE A 1 42  ? -8.355  26.155  14.244  1.00 53.29  ? 44   PHE A CE1 1 
ATOM   277  C  CE2 . PHE A 1 42  ? -7.931  23.879  14.824  1.00 44.41  ? 44   PHE A CE2 1 
ATOM   278  C  CZ  . PHE A 1 42  ? -7.569  25.209  14.864  1.00 50.06  ? 44   PHE A CZ  1 
ATOM   279  N  N   . ALA A 1 43  ? -12.397 21.888  10.811  1.00 56.95  ? 45   ALA A N   1 
ATOM   280  C  CA  . ALA A 1 43  ? -13.530 21.242  10.166  1.00 46.59  ? 45   ALA A CA  1 
ATOM   281  C  C   . ALA A 1 43  ? -14.784 21.347  11.022  1.00 44.86  ? 45   ALA A C   1 
ATOM   282  O  O   . ALA A 1 43  ? -15.902 21.285  10.516  1.00 46.27  ? 45   ALA A O   1 
ATOM   283  C  CB  . ALA A 1 43  ? -13.207 19.784  9.875   1.00 52.31  ? 45   ALA A CB  1 
ATOM   284  N  N   . ASN A 1 44  ? -14.591 21.518  12.325  1.00 38.19  ? 46   ASN A N   1 
ATOM   285  C  CA  . ASN A 1 44  ? -15.708 21.592  13.256  1.00 40.75  ? 46   ASN A CA  1 
ATOM   286  C  C   . ASN A 1 44  ? -15.779 22.932  13.985  1.00 47.26  ? 46   ASN A C   1 
ATOM   287  O  O   . ASN A 1 44  ? -14.755 23.470  14.402  1.00 43.12  ? 46   ASN A O   1 
ATOM   288  C  CB  . ASN A 1 44  ? -15.631 20.443  14.262  1.00 38.24  ? 46   ASN A CB  1 
ATOM   289  C  CG  . ASN A 1 44  ? -15.439 19.096  13.591  1.00 38.25  ? 46   ASN A CG  1 
ATOM   290  O  OD1 . ASN A 1 44  ? -16.365 18.554  12.988  1.00 49.20  ? 46   ASN A OD1 1 
ATOM   291  N  ND2 . ASN A 1 44  ? -14.232 18.547  13.695  1.00 42.08  ? 46   ASN A ND2 1 
ATOM   292  N  N   . PRO A 1 45  ? -16.995 23.480  14.129  1.00 42.70  ? 47   PRO A N   1 
ATOM   293  C  CA  . PRO A 1 45  ? -17.208 24.738  14.853  1.00 38.03  ? 47   PRO A CA  1 
ATOM   294  C  C   . PRO A 1 45  ? -16.691 24.702  16.291  1.00 48.21  ? 47   PRO A C   1 
ATOM   295  O  O   . PRO A 1 45  ? -16.177 25.714  16.768  1.00 51.02  ? 47   PRO A O   1 
ATOM   296  C  CB  . PRO A 1 45  ? -18.734 24.920  14.818  1.00 47.57  ? 47   PRO A CB  1 
ATOM   297  C  CG  . PRO A 1 45  ? -19.286 23.606  14.367  1.00 54.55  ? 47   PRO A CG  1 
ATOM   298  C  CD  . PRO A 1 45  ? -18.235 22.983  13.517  1.00 50.34  ? 47   PRO A CD  1 
ATOM   299  N  N   . GLU A 1 46  ? -16.805 23.559  16.964  1.00 41.75  ? 48   GLU A N   1 
ATOM   300  C  CA  . GLU A 1 46  ? -16.313 23.446  18.337  1.00 43.26  ? 48   GLU A CA  1 
ATOM   301  C  C   . GLU A 1 46  ? -14.797 23.619  18.423  1.00 51.55  ? 48   GLU A C   1 
ATOM   302  O  O   . GLU A 1 46  ? -14.288 24.212  19.374  1.00 46.62  ? 48   GLU A O   1 
ATOM   303  C  CB  . GLU A 1 46  ? -16.752 22.132  19.002  1.00 48.90  ? 48   GLU A CB  1 
ATOM   304  C  CG  . GLU A 1 46  ? -16.263 20.864  18.323  1.00 48.19  ? 48   GLU A CG  1 
ATOM   305  C  CD  . GLU A 1 46  ? -17.259 20.321  17.318  1.00 69.65  ? 48   GLU A CD  1 
ATOM   306  O  OE1 . GLU A 1 46  ? -17.863 21.129  16.581  1.00 45.01  ? 48   GLU A OE1 1 
ATOM   307  O  OE2 . GLU A 1 46  ? -17.445 19.084  17.274  1.00 58.03  ? 48   GLU A OE2 1 
ATOM   308  N  N   . ASP A 1 47  ? -14.081 23.104  17.428  1.00 48.49  ? 49   ASP A N   1 
ATOM   309  C  CA  . ASP A 1 47  ? -12.637 23.284  17.344  1.00 43.18  ? 49   ASP A CA  1 
ATOM   310  C  C   . ASP A 1 47  ? -12.308 24.752  17.111  1.00 39.77  ? 49   ASP A C   1 
ATOM   311  O  O   . ASP A 1 47  ? -11.368 25.293  17.695  1.00 41.73  ? 49   ASP A O   1 
ATOM   312  C  CB  . ASP A 1 47  ? -12.046 22.460  16.195  1.00 42.42  ? 49   ASP A CB  1 
ATOM   313  C  CG  . ASP A 1 47  ? -12.255 20.969  16.371  1.00 51.42  ? 49   ASP A CG  1 
ATOM   314  O  OD1 . ASP A 1 47  ? -12.553 20.530  17.501  1.00 48.57  ? 49   ASP A OD1 1 
ATOM   315  O  OD2 . ASP A 1 47  ? -12.110 20.233  15.372  1.00 48.12  ? 49   ASP A OD2 1 
ATOM   316  N  N   . ALA A 1 48  ? -13.090 25.385  16.243  1.00 39.29  ? 50   ALA A N   1 
ATOM   317  C  CA  . ALA A 1 48  ? -12.851 26.767  15.843  1.00 42.76  ? 50   ALA A CA  1 
ATOM   318  C  C   . ALA A 1 48  ? -13.023 27.759  16.994  1.00 56.34  ? 50   ALA A C   1 
ATOM   319  O  O   . ALA A 1 48  ? -12.318 28.767  17.061  1.00 51.64  ? 50   ALA A O   1 
ATOM   320  C  CB  . ALA A 1 48  ? -13.753 27.140  14.674  1.00 42.70  ? 50   ALA A CB  1 
ATOM   321  N  N   . LEU A 1 49  ? -13.959 27.472  17.894  1.00 48.95  ? 51   LEU A N   1 
ATOM   322  C  CA  . LEU A 1 49  ? -14.187 28.328  19.055  1.00 59.72  ? 51   LEU A CA  1 
ATOM   323  C  C   . LEU A 1 49  ? -12.978 28.319  19.984  1.00 59.17  ? 51   LEU A C   1 
ATOM   324  O  O   . LEU A 1 49  ? -12.554 29.359  20.486  1.00 64.94  ? 51   LEU A O   1 
ATOM   325  C  CB  . LEU A 1 49  ? -15.430 27.882  19.832  1.00 51.21  ? 51   LEU A CB  1 
ATOM   326  C  CG  . LEU A 1 49  ? -16.784 27.887  19.114  1.00 62.89  ? 51   LEU A CG  1 
ATOM   327  C  CD1 . LEU A 1 49  ? -17.920 27.755  20.121  1.00 59.00  ? 51   LEU A CD1 1 
ATOM   328  C  CD2 . LEU A 1 49  ? -16.953 29.139  18.266  1.00 70.66  ? 51   LEU A CD2 1 
ATOM   329  N  N   . ARG A 1 50  ? -12.432 27.128  20.203  1.00 53.40  ? 52   ARG A N   1 
ATOM   330  C  CA  . ARG A 1 50  ? -11.291 26.923  21.090  1.00 41.77  ? 52   ARG A CA  1 
ATOM   331  C  C   . ARG A 1 50  ? -10.026 27.623  20.580  1.00 51.95  ? 52   ARG A C   1 
ATOM   332  O  O   . ARG A 1 50  ? -9.111  27.909  21.352  1.00 58.13  ? 52   ARG A O   1 
ATOM   333  C  CB  . ARG A 1 50  ? -11.062 25.415  21.276  1.00 50.04  ? 52   ARG A CB  1 
ATOM   334  C  CG  . ARG A 1 50  ? -9.767  24.993  21.963  1.00 52.62  ? 52   ARG A CG  1 
ATOM   335  C  CD  . ARG A 1 50  ? -9.645  25.528  23.380  1.00 68.23  ? 52   ARG A CD  1 
ATOM   336  N  NE  . ARG A 1 50  ? -8.340  25.204  23.953  1.00 73.61  ? 52   ARG A NE  1 
ATOM   337  C  CZ  . ARG A 1 50  ? -7.220  25.862  23.673  1.00 89.04  ? 52   ARG A CZ  1 
ATOM   338  N  NH1 . ARG A 1 50  ? -7.242  26.883  22.828  1.00 76.70  ? 52   ARG A NH1 1 
ATOM   339  N  NH2 . ARG A 1 50  ? -6.075  25.498  24.237  1.00 72.15  ? 52   ARG A NH2 1 
ATOM   340  N  N   . HIS A 1 51  ? -9.987  27.919  19.283  1.00 49.02  ? 53   HIS A N   1 
ATOM   341  C  CA  . HIS A 1 51  ? -8.786  28.485  18.669  1.00 53.27  ? 53   HIS A CA  1 
ATOM   342  C  C   . HIS A 1 51  ? -8.971  29.839  17.977  1.00 61.50  ? 53   HIS A C   1 
ATOM   343  O  O   . HIS A 1 51  ? -8.257  30.149  17.023  1.00 67.69  ? 53   HIS A O   1 
ATOM   344  C  CB  . HIS A 1 51  ? -8.176  27.489  17.679  1.00 55.50  ? 53   HIS A CB  1 
ATOM   345  C  CG  . HIS A 1 51  ? -7.565  26.290  18.332  1.00 43.88  ? 53   HIS A CG  1 
ATOM   346  N  ND1 . HIS A 1 51  ? -6.315  26.316  18.911  1.00 50.62  ? 53   HIS A ND1 1 
ATOM   347  C  CD2 . HIS A 1 51  ? -8.032  25.029  18.500  1.00 44.09  ? 53   HIS A CD2 1 
ATOM   348  C  CE1 . HIS A 1 51  ? -6.036  25.123  19.407  1.00 60.96  ? 53   HIS A CE1 1 
ATOM   349  N  NE2 . HIS A 1 51  ? -7.061  24.325  19.171  1.00 66.02  ? 53   HIS A NE2 1 
ATOM   350  N  N   . GLY A 1 52  ? -9.916  30.644  18.451  1.00 56.36  ? 54   GLY A N   1 
ATOM   351  C  CA  . GLY A 1 52  ? -10.082 31.987  17.920  1.00 58.01  ? 54   GLY A CA  1 
ATOM   352  C  C   . GLY A 1 52  ? -11.517 32.425  17.700  1.00 66.27  ? 54   GLY A C   1 
ATOM   353  O  O   . GLY A 1 52  ? -11.877 33.559  18.008  1.00 69.40  ? 54   GLY A O   1 
ATOM   354  N  N   . GLY A 1 53  ? -12.339 31.532  17.159  1.00 54.79  ? 55   GLY A N   1 
ATOM   355  C  CA  . GLY A 1 53  ? -13.734 31.849  16.909  1.00 53.53  ? 55   GLY A CA  1 
ATOM   356  C  C   . GLY A 1 53  ? -14.339 31.141  15.709  1.00 51.33  ? 55   GLY A C   1 
ATOM   357  O  O   . GLY A 1 53  ? -13.661 30.377  15.024  1.00 50.91  ? 55   GLY A O   1 
ATOM   358  N  N   . PRO A 1 54  ? -15.627 31.410  15.443  1.00 55.90  ? 56   PRO A N   1 
ATOM   359  C  CA  . PRO A 1 54  ? -16.430 30.735  14.414  1.00 53.12  ? 56   PRO A CA  1 
ATOM   360  C  C   . PRO A 1 54  ? -15.935 30.936  12.980  1.00 56.82  ? 56   PRO A C   1 
ATOM   361  O  O   . PRO A 1 54  ? -16.182 30.073  12.138  1.00 61.76  ? 56   PRO A O   1 
ATOM   362  C  CB  . PRO A 1 54  ? -17.817 31.362  14.589  1.00 62.28  ? 56   PRO A CB  1 
ATOM   363  C  CG  . PRO A 1 54  ? -17.558 32.676  15.222  1.00 63.84  ? 56   PRO A CG  1 
ATOM   364  C  CD  . PRO A 1 54  ? -16.395 32.456  16.136  1.00 67.13  ? 56   PRO A CD  1 
ATOM   365  N  N   . GLN A 1 55  ? -15.250 32.044  12.705  1.00 51.50  ? 57   GLN A N   1 
ATOM   366  C  CA  . GLN A 1 55  ? -14.756 32.307  11.353  1.00 54.73  ? 57   GLN A CA  1 
ATOM   367  C  C   . GLN A 1 55  ? -13.681 31.306  10.933  1.00 47.92  ? 57   GLN A C   1 
ATOM   368  O  O   . GLN A 1 55  ? -13.425 31.116  9.746   1.00 54.08  ? 57   GLN A O   1 
ATOM   369  C  CB  . GLN A 1 55  ? -14.229 33.743  11.218  1.00 47.41  ? 57   GLN A CB  1 
ATOM   370  C  CG  . GLN A 1 55  ? -13.017 34.073  12.079  1.00 49.86  ? 57   GLN A CG  1 
ATOM   371  C  CD  . GLN A 1 55  ? -13.393 34.520  13.478  1.00 74.24  ? 57   GLN A CD  1 
ATOM   372  O  OE1 . GLN A 1 55  ? -14.387 34.063  14.042  1.00 62.17  ? 57   GLN A OE1 1 
ATOM   373  N  NE2 . GLN A 1 55  ? -12.605 35.430  14.042  1.00 66.77  ? 57   GLN A NE2 1 
ATOM   374  N  N   . TYR A 1 56  ? -13.064 30.661  11.918  1.00 51.35  ? 58   TYR A N   1 
ATOM   375  C  CA  . TYR A 1 56  ? -11.994 29.706  11.658  1.00 50.55  ? 58   TYR A CA  1 
ATOM   376  C  C   . TYR A 1 56  ? -12.513 28.296  11.386  1.00 50.04  ? 58   TYR A C   1 
ATOM   377  O  O   . TYR A 1 56  ? -11.734 27.355  11.253  1.00 51.40  ? 58   TYR A O   1 
ATOM   378  C  CB  . TYR A 1 56  ? -10.985 29.714  12.806  1.00 38.24  ? 58   TYR A CB  1 
ATOM   379  C  CG  . TYR A 1 56  ? -10.363 31.075  13.000  1.00 48.15  ? 58   TYR A CG  1 
ATOM   380  C  CD1 . TYR A 1 56  ? -9.922  31.813  11.909  1.00 54.12  ? 58   TYR A CD1 1 
ATOM   381  C  CD2 . TYR A 1 56  ? -10.249 31.636  14.264  1.00 55.16  ? 58   TYR A CD2 1 
ATOM   382  C  CE1 . TYR A 1 56  ? -9.364  33.063  12.071  1.00 75.74  ? 58   TYR A CE1 1 
ATOM   383  C  CE2 . TYR A 1 56  ? -9.690  32.888  14.438  1.00 85.27  ? 58   TYR A CE2 1 
ATOM   384  C  CZ  . TYR A 1 56  ? -9.250  33.595  13.337  1.00 61.60  ? 58   TYR A CZ  1 
ATOM   385  O  OH  . TYR A 1 56  ? -8.695  34.842  13.505  1.00 86.36  ? 58   TYR A OH  1 
ATOM   386  N  N   . CYS A 1 57  ? -13.832 28.156  11.306  1.00 49.07  ? 59   CYS A N   1 
ATOM   387  C  CA  . CYS A 1 57  ? -14.422 26.932  10.784  1.00 44.75  ? 59   CYS A CA  1 
ATOM   388  C  C   . CYS A 1 57  ? -14.526 27.090  9.275   1.00 69.15  ? 59   CYS A C   1 
ATOM   389  O  O   . CYS A 1 57  ? -15.522 27.595  8.756   1.00 55.35  ? 59   CYS A O   1 
ATOM   390  C  CB  . CYS A 1 57  ? -15.798 26.672  11.389  1.00 48.50  ? 59   CYS A CB  1 
ATOM   391  S  SG  . CYS A 1 57  ? -16.494 25.059  10.947  1.00 52.24  ? 59   CYS A SG  1 
ATOM   392  N  N   . ARG A 1 58  ? -13.480 26.666  8.579   1.00 42.56  ? 60   ARG A N   1 
ATOM   393  C  CA  . ARG A 1 58  ? -13.351 26.933  7.159   1.00 51.73  ? 60   ARG A CA  1 
ATOM   394  C  C   . ARG A 1 58  ? -12.357 25.971  6.533   1.00 44.22  ? 60   ARG A C   1 
ATOM   395  O  O   . ARG A 1 58  ? -11.599 25.300  7.232   1.00 40.92  ? 60   ARG A O   1 
ATOM   396  C  CB  . ARG A 1 58  ? -12.850 28.359  6.955   1.00 44.45  ? 60   ARG A CB  1 
ATOM   397  C  CG  . ARG A 1 58  ? -11.497 28.601  7.601   1.00 43.72  ? 60   ARG A CG  1 
ATOM   398  C  CD  . ARG A 1 58  ? -11.017 30.024  7.399   1.00 45.56  ? 60   ARG A CD  1 
ATOM   399  N  NE  . ARG A 1 58  ? -9.744  30.259  8.073   1.00 47.13  ? 60   ARG A NE  1 
ATOM   400  C  CZ  . ARG A 1 58  ? -9.107  31.425  8.074   1.00 55.02  ? 60   ARG A CZ  1 
ATOM   401  N  NH1 . ARG A 1 58  ? -9.626  32.464  7.437   1.00 51.27  ? 60   ARG A NH1 1 
ATOM   402  N  NH2 . ARG A 1 58  ? -7.952  31.552  8.715   1.00 49.39  ? 60   ARG A NH2 1 
ATOM   403  N  N   . SER A 1 59  ? -12.351 25.921  5.206   1.00 41.64  ? 61   SER A N   1 
ATOM   404  C  CA  . SER A 1 59  ? -11.414 25.073  4.489   1.00 58.06  ? 61   SER A CA  1 
ATOM   405  C  C   . SER A 1 59  ? -10.158 25.852  4.126   1.00 54.60  ? 61   SER A C   1 
ATOM   406  O  O   . SER A 1 59  ? -10.149 27.081  4.125   1.00 57.03  ? 61   SER A O   1 
ATOM   407  C  CB  . SER A 1 59  ? -12.060 24.507  3.223   1.00 51.78  ? 61   SER A CB  1 
ATOM   408  O  OG  . SER A 1 59  ? -12.269 25.526  2.261   1.00 63.11  ? 61   SER A OG  1 
ATOM   409  N  N   . ASP A 1 60  ? -9.098  25.117  3.812   1.00 47.06  ? 62   ASP A N   1 
ATOM   410  C  CA  . ASP A 1 60  ? -7.845  25.699  3.356   1.00 47.07  ? 62   ASP A CA  1 
ATOM   411  C  C   . ASP A 1 60  ? -7.223  24.739  2.349   1.00 44.94  ? 62   ASP A C   1 
ATOM   412  O  O   . ASP A 1 60  ? -7.301  23.524  2.525   1.00 45.89  ? 62   ASP A O   1 
ATOM   413  C  CB  . ASP A 1 60  ? -6.905  25.927  4.544   1.00 48.68  ? 62   ASP A CB  1 
ATOM   414  C  CG  . ASP A 1 60  ? -5.525  26.381  4.118   1.00 71.81  ? 62   ASP A CG  1 
ATOM   415  O  OD1 . ASP A 1 60  ? -5.313  27.604  3.976   1.00 81.02  ? 62   ASP A OD1 1 
ATOM   416  O  OD2 . ASP A 1 60  ? -4.653  25.511  3.926   1.00 72.12  ? 62   ASP A OD2 1 
ATOM   417  N  N   . PRO A 1 61  ? -6.623  25.278  1.278   1.00 43.93  ? 63   PRO A N   1 
ATOM   418  C  CA  . PRO A 1 61  ? -6.013  24.460  0.223   1.00 49.49  ? 63   PRO A CA  1 
ATOM   419  C  C   . PRO A 1 61  ? -4.976  23.467  0.751   1.00 39.35  ? 63   PRO A C   1 
ATOM   420  O  O   . PRO A 1 61  ? -4.909  22.341  0.258   1.00 42.36  ? 63   PRO A O   1 
ATOM   421  C  CB  . PRO A 1 61  ? -5.343  25.497  -0.679  1.00 45.70  ? 63   PRO A CB  1 
ATOM   422  C  CG  . PRO A 1 61  ? -6.139  26.734  -0.473  1.00 58.46  ? 63   PRO A CG  1 
ATOM   423  C  CD  . PRO A 1 61  ? -6.567  26.716  0.961   1.00 52.05  ? 63   PRO A CD  1 
ATOM   424  N  N   . ASP A 1 62  ? -4.188  23.876  1.741   1.00 38.82  ? 64   ASP A N   1 
ATOM   425  C  CA  . ASP A 1 62  ? -3.163  23.002  2.303   1.00 45.13  ? 64   ASP A CA  1 
ATOM   426  C  C   . ASP A 1 62  ? -3.765  21.864  3.123   1.00 47.87  ? 64   ASP A C   1 
ATOM   427  O  O   . ASP A 1 62  ? -3.285  20.732  3.064   1.00 40.66  ? 64   ASP A O   1 
ATOM   428  C  CB  . ASP A 1 62  ? -2.154  23.797  3.137   1.00 43.44  ? 64   ASP A CB  1 
ATOM   429  C  CG  . ASP A 1 62  ? -1.265  24.687  2.286   1.00 49.62  ? 64   ASP A CG  1 
ATOM   430  O  OD1 . ASP A 1 62  ? -1.196  24.460  1.059   1.00 57.86  ? 64   ASP A OD1 1 
ATOM   431  O  OD2 . ASP A 1 62  ? -0.630  25.606  2.845   1.00 58.01  ? 64   ASP A OD2 1 
ATOM   432  N  N   . VAL A 1 63  ? -4.812  22.167  3.884   1.00 39.56  ? 65   VAL A N   1 
ATOM   433  C  CA  . VAL A 1 63  ? -5.520  21.142  4.641   1.00 40.80  ? 65   VAL A CA  1 
ATOM   434  C  C   . VAL A 1 63  ? -6.117  20.108  3.692   1.00 41.05  ? 65   VAL A C   1 
ATOM   435  O  O   . VAL A 1 63  ? -5.970  18.903  3.896   1.00 37.53  ? 65   VAL A O   1 
ATOM   436  C  CB  . VAL A 1 63  ? -6.649  21.734  5.511   1.00 44.94  ? 65   VAL A CB  1 
ATOM   437  C  CG1 . VAL A 1 63  ? -7.407  20.622  6.224   1.00 36.67  ? 65   VAL A CG1 1 
ATOM   438  C  CG2 . VAL A 1 63  ? -6.085  22.723  6.518   1.00 38.38  ? 65   VAL A CG2 1 
ATOM   439  N  N   . GLU A 1 64  ? -6.785  20.596  2.649   1.00 37.68  ? 66   GLU A N   1 
ATOM   440  C  CA  . GLU A 1 64  ? -7.381  19.727  1.639   1.00 39.58  ? 66   GLU A CA  1 
ATOM   441  C  C   . GLU A 1 64  ? -6.333  18.858  0.960   1.00 32.78  ? 66   GLU A C   1 
ATOM   442  O  O   . GLU A 1 64  ? -6.564  17.679  0.695   1.00 44.24  ? 66   GLU A O   1 
ATOM   443  C  CB  . GLU A 1 64  ? -8.125  20.550  0.587   1.00 37.96  ? 66   GLU A CB  1 
ATOM   444  C  CG  . GLU A 1 64  ? -9.431  21.146  1.070   1.00 46.21  ? 66   GLU A CG  1 
ATOM   445  C  CD  . GLU A 1 64  ? -10.237 21.763  -0.058  1.00 76.64  ? 66   GLU A CD  1 
ATOM   446  O  OE1 . GLU A 1 64  ? -9.844  21.595  -1.231  1.00 102.90 ? 66   GLU A OE1 1 
ATOM   447  O  OE2 . GLU A 1 64  ? -11.261 22.417  0.230   1.00 108.35 ? 66   GLU A OE2 1 
ATOM   448  N  N   . ARG A 1 65  ? -5.181  19.456  0.675   1.00 32.36  ? 67   ARG A N   1 
ATOM   449  C  CA  . ARG A 1 65  ? -4.067  18.733  0.073   1.00 32.69  ? 67   ARG A CA  1 
ATOM   450  C  C   . ARG A 1 65  ? -3.577  17.624  1.000   1.00 35.89  ? 67   ARG A C   1 
ATOM   451  O  O   . ARG A 1 65  ? -3.332  16.499  0.564   1.00 35.19  ? 67   ARG A O   1 
ATOM   452  C  CB  . ARG A 1 65  ? -2.922  19.692  -0.258  1.00 39.21  ? 67   ARG A CB  1 
ATOM   453  C  CG  . ARG A 1 65  ? -1.706  19.018  -0.871  1.00 35.53  ? 67   ARG A CG  1 
ATOM   454  C  CD  . ARG A 1 65  ? -0.660  20.043  -1.278  1.00 40.41  ? 67   ARG A CD  1 
ATOM   455  N  NE  . ARG A 1 65  ? -1.124  20.891  -2.373  1.00 37.92  ? 67   ARG A NE  1 
ATOM   456  C  CZ  . ARG A 1 65  ? -0.918  20.629  -3.659  1.00 39.95  ? 67   ARG A CZ  1 
ATOM   457  N  NH1 . ARG A 1 65  ? -0.250  19.541  -4.014  1.00 37.40  ? 67   ARG A NH1 1 
ATOM   458  N  NH2 . ARG A 1 65  ? -1.377  21.458  -4.589  1.00 42.27  ? 67   ARG A NH2 1 
ATOM   459  N  N   . CYS A 1 66  ? -3.437  17.950  2.282   1.00 33.14  ? 68   CYS A N   1 
ATOM   460  C  CA  . CYS A 1 66  ? -3.032  16.970  3.284   1.00 35.59  ? 68   CYS A CA  1 
ATOM   461  C  C   . CYS A 1 66  ? -4.021  15.810  3.359   1.00 34.23  ? 68   CYS A C   1 
ATOM   462  O  O   . CYS A 1 66  ? -3.625  14.648  3.425   1.00 36.33  ? 68   CYS A O   1 
ATOM   463  C  CB  . CYS A 1 66  ? -2.885  17.627  4.661   1.00 43.00  ? 68   CYS A CB  1 
ATOM   464  S  SG  . CYS A 1 66  ? -1.470  18.743  4.813   1.00 42.44  ? 68   CYS A SG  1 
ATOM   465  N  N   . LEU A 1 67  ? -5.310  16.139  3.348   1.00 32.03  ? 69   LEU A N   1 
ATOM   466  C  CA  . LEU A 1 67  ? -6.361  15.126  3.382   1.00 37.26  ? 69   LEU A CA  1 
ATOM   467  C  C   . LEU A 1 67  ? -6.350  14.240  2.138   1.00 38.84  ? 69   LEU A C   1 
ATOM   468  O  O   . LEU A 1 67  ? -6.631  13.044  2.218   1.00 37.22  ? 69   LEU A O   1 
ATOM   469  C  CB  . LEU A 1 67  ? -7.739  15.774  3.554   1.00 38.39  ? 69   LEU A CB  1 
ATOM   470  C  CG  . LEU A 1 67  ? -8.038  16.367  4.934   1.00 45.83  ? 69   LEU A CG  1 
ATOM   471  C  CD1 . LEU A 1 67  ? -9.407  17.027  4.957   1.00 49.87  ? 69   LEU A CD1 1 
ATOM   472  C  CD2 . LEU A 1 67  ? -7.946  15.293  6.008   1.00 44.01  ? 69   LEU A CD2 1 
ATOM   473  N  N   . ARG A 1 68  ? -6.033  14.830  0.989   1.00 30.73  ? 70   ARG A N   1 
ATOM   474  C  CA  . ARG A 1 68  ? -5.936  14.069  -0.252  1.00 35.32  ? 70   ARG A CA  1 
ATOM   475  C  C   . ARG A 1 68  ? -4.770  13.087  -0.211  1.00 31.07  ? 70   ARG A C   1 
ATOM   476  O  O   . ARG A 1 68  ? -4.886  11.949  -0.669  1.00 35.61  ? 70   ARG A O   1 
ATOM   477  C  CB  . ARG A 1 68  ? -5.810  14.996  -1.468  1.00 41.25  ? 70   ARG A CB  1 
ATOM   478  C  CG  . ARG A 1 68  ? -7.100  15.710  -1.840  1.00 32.56  ? 70   ARG A CG  1 
ATOM   479  C  CD  . ARG A 1 68  ? -7.059  16.244  -3.266  1.00 35.82  ? 70   ARG A CD  1 
ATOM   480  N  NE  . ARG A 1 68  ? -6.019  17.253  -3.454  1.00 33.33  ? 70   ARG A NE  1 
ATOM   481  C  CZ  . ARG A 1 68  ? -6.139  18.526  -3.093  1.00 38.38  ? 70   ARG A CZ  1 
ATOM   482  N  NH1 . ARG A 1 68  ? -7.255  18.949  -2.517  1.00 37.53  ? 70   ARG A NH1 1 
ATOM   483  N  NH2 . ARG A 1 68  ? -5.140  19.374  -3.304  1.00 36.92  ? 70   ARG A NH2 1 
ATOM   484  N  N   . ALA A 1 69  ? -3.646  13.536  0.340   1.00 29.97  ? 71   ALA A N   1 
ATOM   485  C  CA  . ALA A 1 69  ? -2.472  12.686  0.481   1.00 34.57  ? 71   ALA A CA  1 
ATOM   486  C  C   . ALA A 1 69  ? -2.765  11.516  1.413   1.00 34.85  ? 71   ALA A C   1 
ATOM   487  O  O   . ALA A 1 69  ? -2.371  10.381  1.147   1.00 33.61  ? 71   ALA A O   1 
ATOM   488  C  CB  . ALA A 1 69  ? -1.291  13.494  0.999   1.00 40.33  ? 71   ALA A CB  1 
ATOM   489  N  N   . HIS A 1 70  ? -3.475  11.805  2.500   1.00 32.91  ? 72   HIS A N   1 
ATOM   490  C  CA  . HIS A 1 70  ? -3.835  10.780  3.475   1.00 37.01  ? 72   HIS A CA  1 
ATOM   491  C  C   . HIS A 1 70  ? -4.803  9.767   2.875   1.00 37.39  ? 72   HIS A C   1 
ATOM   492  O  O   . HIS A 1 70  ? -4.663  8.564   3.091   1.00 34.99  ? 72   HIS A O   1 
ATOM   493  C  CB  . HIS A 1 70  ? -4.439  11.409  4.734   1.00 33.16  ? 72   HIS A CB  1 
ATOM   494  C  CG  . HIS A 1 70  ? -4.352  10.534  5.946   1.00 37.88  ? 72   HIS A CG  1 
ATOM   495  N  ND1 . HIS A 1 70  ? -4.717  10.965  7.205   1.00 59.40  ? 72   HIS A ND1 1 
ATOM   496  C  CD2 . HIS A 1 70  ? -3.936  9.253   6.094   1.00 51.85  ? 72   HIS A CD2 1 
ATOM   497  C  CE1 . HIS A 1 70  ? -4.532  9.989   8.076   1.00 50.38  ? 72   HIS A CE1 1 
ATOM   498  N  NE2 . HIS A 1 70  ? -4.060  8.938   7.426   1.00 43.94  ? 72   HIS A NE2 1 
ATOM   499  N  N   . ARG A 1 71  ? -5.779  10.255  2.114   1.00 38.54  ? 73   ARG A N   1 
ATOM   500  C  CA  . ARG A 1 71  ? -6.744  9.374   1.465   1.00 35.22  ? 73   ARG A CA  1 
ATOM   501  C  C   . ARG A 1 71  ? -6.066  8.461   0.449   1.00 35.37  ? 73   ARG A C   1 
ATOM   502  O  O   . ARG A 1 71  ? -6.366  7.269   0.375   1.00 39.50  ? 73   ARG A O   1 
ATOM   503  C  CB  . ARG A 1 71  ? -7.867  10.164  0.785   1.00 33.65  ? 73   ARG A CB  1 
ATOM   504  C  CG  . ARG A 1 71  ? -8.786  9.280   -0.049  1.00 36.91  ? 73   ARG A CG  1 
ATOM   505  C  CD  . ARG A 1 71  ? -9.914  10.059  -0.707  1.00 37.94  ? 73   ARG A CD  1 
ATOM   506  N  NE  . ARG A 1 71  ? -9.433  11.208  -1.471  1.00 63.37  ? 73   ARG A NE  1 
ATOM   507  C  CZ  . ARG A 1 71  ? -8.795  11.125  -2.634  1.00 61.57  ? 73   ARG A CZ  1 
ATOM   508  N  NH1 . ARG A 1 71  ? -8.544  9.942   -3.173  1.00 68.03  ? 73   ARG A NH1 1 
ATOM   509  N  NH2 . ARG A 1 71  ? -8.399  12.230  -3.250  1.00 57.04  ? 73   ARG A NH2 1 
ATOM   510  N  N   . ASN A 1 72  ? -5.150  9.027   -0.333  1.00 35.40  ? 74   ASN A N   1 
ATOM   511  C  CA  . ASN A 1 72  ? -4.422  8.247   -1.328  1.00 38.42  ? 74   ASN A CA  1 
ATOM   512  C  C   . ASN A 1 72  ? -3.578  7.159   -0.677  1.00 33.11  ? 74   ASN A C   1 
ATOM   513  O  O   . ASN A 1 72  ? -3.465  6.056   -1.207  1.00 37.22  ? 74   ASN A O   1 
ATOM   514  C  CB  . ASN A 1 72  ? -3.547  9.147   -2.206  1.00 32.02  ? 74   ASN A CB  1 
ATOM   515  C  CG  . ASN A 1 72  ? -3.000  8.417   -3.420  1.00 42.30  ? 74   ASN A CG  1 
ATOM   516  O  OD1 . ASN A 1 72  ? -1.932  7.806   -3.364  1.00 38.22  ? 74   ASN A OD1 1 
ATOM   517  N  ND2 . ASN A 1 72  ? -3.733  8.476   -4.527  1.00 36.89  ? 74   ASN A ND2 1 
ATOM   518  N  N   . ASP A 1 73  ? -2.988  7.478   0.472   1.00 34.51  ? 75   ASP A N   1 
ATOM   519  C  CA  . ASP A 1 73  ? -2.280  6.484   1.271   1.00 37.75  ? 75   ASP A CA  1 
ATOM   520  C  C   . ASP A 1 73  ? -3.222  5.353   1.654   1.00 38.63  ? 75   ASP A C   1 
ATOM   521  O  O   . ASP A 1 73  ? -2.877  4.176   1.547   1.00 35.44  ? 75   ASP A O   1 
ATOM   522  C  CB  . ASP A 1 73  ? -1.695  7.111   2.541   1.00 36.86  ? 75   ASP A CB  1 
ATOM   523  C  CG  . ASP A 1 73  ? -0.450  7.932   2.268   1.00 47.44  ? 75   ASP A CG  1 
ATOM   524  O  OD1 . ASP A 1 73  ? 0.063   7.879   1.131   1.00 43.53  ? 75   ASP A OD1 1 
ATOM   525  O  OD2 . ASP A 1 73  ? 0.021   8.620   3.198   1.00 46.68  ? 75   ASP A OD2 1 
ATOM   526  N  N   . MET A 1 74  ? -4.421  5.719   2.097   1.00 36.04  ? 76   MET A N   1 
ATOM   527  C  CA  . MET A 1 74  ? -5.420  4.734   2.488   1.00 36.87  ? 76   MET A CA  1 
ATOM   528  C  C   . MET A 1 74  ? -5.853  3.870   1.307   1.00 40.12  ? 76   MET A C   1 
ATOM   529  O  O   . MET A 1 74  ? -6.137  2.684   1.465   1.00 38.08  ? 76   MET A O   1 
ATOM   530  C  CB  . MET A 1 74  ? -6.636  5.411   3.132   1.00 33.74  ? 76   MET A CB  1 
ATOM   531  C  CG  . MET A 1 74  ? -6.369  6.009   4.506   1.00 51.08  ? 76   MET A CG  1 
ATOM   532  S  SD  . MET A 1 74  ? -7.883  6.312   5.437   1.00 45.20  ? 76   MET A SD  1 
ATOM   533  C  CE  . MET A 1 74  ? -8.594  7.667   4.512   1.00 46.54  ? 76   MET A CE  1 
ATOM   534  N  N   . GLU A 1 75  ? -5.894  4.472   0.123   1.00 31.72  ? 77   GLU A N   1 
ATOM   535  C  CA  . GLU A 1 75  ? -6.298  3.758   -1.085  1.00 33.57  ? 77   GLU A CA  1 
ATOM   536  C  C   . GLU A 1 75  ? -5.222  2.799   -1.595  1.00 29.68  ? 77   GLU A C   1 
ATOM   537  O  O   . GLU A 1 75  ? -5.503  1.919   -2.410  1.00 35.63  ? 77   GLU A O   1 
ATOM   538  C  CB  . GLU A 1 75  ? -6.688  4.750   -2.190  1.00 40.34  ? 77   GLU A CB  1 
ATOM   539  C  CG  . GLU A 1 75  ? -7.924  5.580   -1.873  1.00 36.20  ? 77   GLU A CG  1 
ATOM   540  C  CD  . GLU A 1 75  ? -8.190  6.669   -2.899  1.00 61.05  ? 77   GLU A CD  1 
ATOM   541  O  OE1 . GLU A 1 75  ? -7.377  6.822   -3.834  1.00 50.33  ? 77   GLU A OE1 1 
ATOM   542  O  OE2 . GLU A 1 75  ? -9.214  7.374   -2.767  1.00 49.82  ? 77   GLU A OE2 1 
ATOM   543  N  N   . THR A 1 76  ? -3.994  2.962   -1.112  1.00 35.95  ? 78   THR A N   1 
ATOM   544  C  CA  . THR A 1 76  ? -2.868  2.186   -1.631  1.00 31.89  ? 78   THR A CA  1 
ATOM   545  C  C   . THR A 1 76  ? -2.134  1.354   -0.580  1.00 40.65  ? 78   THR A C   1 
ATOM   546  O  O   . THR A 1 76  ? -1.802  0.193   -0.821  1.00 38.45  ? 78   THR A O   1 
ATOM   547  C  CB  . THR A 1 76  ? -1.840  3.092   -2.333  1.00 34.32  ? 78   THR A CB  1 
ATOM   548  O  OG1 . THR A 1 76  ? -1.413  4.117   -1.429  1.00 38.35  ? 78   THR A OG1 1 
ATOM   549  C  CG2 . THR A 1 76  ? -2.452  3.742   -3.563  1.00 34.61  ? 78   THR A CG2 1 
ATOM   550  N  N   . ILE A 1 77  ? -1.869  1.952   0.577   1.00 29.05  ? 79   ILE A N   1 
ATOM   551  C  CA  . ILE A 1 77  ? -1.084  1.286   1.616   1.00 30.62  ? 79   ILE A CA  1 
ATOM   552  C  C   . ILE A 1 77  ? -1.861  0.161   2.303   1.00 33.36  ? 79   ILE A C   1 
ATOM   553  O  O   . ILE A 1 77  ? -1.307  -0.900  2.595   1.00 35.53  ? 79   ILE A O   1 
ATOM   554  C  CB  . ILE A 1 77  ? -0.548  2.299   2.657   1.00 32.70  ? 79   ILE A CB  1 
ATOM   555  C  CG1 . ILE A 1 77  ? 0.424   3.274   1.984   1.00 38.69  ? 79   ILE A CG1 1 
ATOM   556  C  CG2 . ILE A 1 77  ? 0.139   1.580   3.813   1.00 34.18  ? 79   ILE A CG2 1 
ATOM   557  C  CD1 . ILE A 1 77  ? 0.868   4.418   2.870   1.00 43.14  ? 79   ILE A CD1 1 
ATOM   558  N  N   . TYR A 1 78  ? -3.149  0.387   2.540   1.00 36.45  ? 80   TYR A N   1 
ATOM   559  C  CA  . TYR A 1 78  ? -3.993  -0.632  3.167   1.00 39.03  ? 80   TYR A CA  1 
ATOM   560  C  C   . TYR A 1 78  ? -4.093  -1.948  2.368   1.00 37.72  ? 80   TYR A C   1 
ATOM   561  O  O   . TYR A 1 78  ? -3.962  -3.026  2.946   1.00 38.71  ? 80   TYR A O   1 
ATOM   562  C  CB  . TYR A 1 78  ? -5.387  -0.081  3.512   1.00 33.49  ? 80   TYR A CB  1 
ATOM   563  C  CG  . TYR A 1 78  ? -5.399  0.984   4.588   1.00 36.84  ? 80   TYR A CG  1 
ATOM   564  C  CD1 . TYR A 1 78  ? -4.295  1.188   5.408   1.00 45.53  ? 80   TYR A CD1 1 
ATOM   565  C  CD2 . TYR A 1 78  ? -6.522  1.779   4.785   1.00 41.47  ? 80   TYR A CD2 1 
ATOM   566  C  CE1 . TYR A 1 78  ? -4.309  2.160   6.392   1.00 38.23  ? 80   TYR A CE1 1 
ATOM   567  C  CE2 . TYR A 1 78  ? -6.544  2.751   5.764   1.00 31.07  ? 80   TYR A CE2 1 
ATOM   568  C  CZ  . TYR A 1 78  ? -5.437  2.938   6.564   1.00 44.11  ? 80   TYR A CZ  1 
ATOM   569  O  OH  . TYR A 1 78  ? -5.463  3.907   7.538   1.00 39.29  ? 80   TYR A OH  1 
ATOM   570  N  N   . PRO A 1 79  ? -4.331  -1.874  1.044   1.00 33.41  ? 81   PRO A N   1 
ATOM   571  C  CA  . PRO A 1 79  ? -4.294  -3.143  0.306   1.00 36.12  ? 81   PRO A CA  1 
ATOM   572  C  C   . PRO A 1 79  ? -2.905  -3.781  0.283   1.00 40.84  ? 81   PRO A C   1 
ATOM   573  O  O   . PRO A 1 79  ? -2.802  -5.002  0.176   1.00 37.94  ? 81   PRO A O   1 
ATOM   574  C  CB  . PRO A 1 79  ? -4.737  -2.750  -1.110  1.00 38.13  ? 81   PRO A CB  1 
ATOM   575  C  CG  . PRO A 1 79  ? -4.599  -1.277  -1.175  1.00 47.76  ? 81   PRO A CG  1 
ATOM   576  C  CD  . PRO A 1 79  ? -4.839  -0.774  0.206   1.00 39.34  ? 81   PRO A CD  1 
ATOM   577  N  N   . PHE A 1 80  ? -1.857  -2.967  0.390   1.00 35.33  ? 82   PHE A N   1 
ATOM   578  C  CA  . PHE A 1 80  ? -0.495  -3.493  0.470   1.00 50.77  ? 82   PHE A CA  1 
ATOM   579  C  C   . PHE A 1 80  ? -0.287  -4.287  1.751   1.00 45.39  ? 82   PHE A C   1 
ATOM   580  O  O   . PHE A 1 80  ? 0.390   -5.316  1.750   1.00 39.62  ? 82   PHE A O   1 
ATOM   581  C  CB  . PHE A 1 80  ? 0.549   -2.374  0.385   1.00 29.98  ? 82   PHE A CB  1 
ATOM   582  C  CG  . PHE A 1 80  ? 1.958   -2.840  0.658   1.00 30.40  ? 82   PHE A CG  1 
ATOM   583  C  CD1 . PHE A 1 80  ? 2.720   -3.408  -0.348  1.00 41.10  ? 82   PHE A CD1 1 
ATOM   584  C  CD2 . PHE A 1 80  ? 2.518   -2.704  1.917   1.00 38.86  ? 82   PHE A CD2 1 
ATOM   585  C  CE1 . PHE A 1 80  ? 4.009   -3.833  -0.105  1.00 40.27  ? 82   PHE A CE1 1 
ATOM   586  C  CE2 . PHE A 1 80  ? 3.807   -3.131  2.167   1.00 40.63  ? 82   PHE A CE2 1 
ATOM   587  C  CZ  . PHE A 1 80  ? 4.555   -3.694  1.155   1.00 43.19  ? 82   PHE A CZ  1 
ATOM   588  N  N   . LEU A 1 81  ? -0.863  -3.794  2.845   1.00 36.75  ? 83   LEU A N   1 
ATOM   589  C  CA  . LEU A 1 81  ? -0.769  -4.468  4.137   1.00 36.12  ? 83   LEU A CA  1 
ATOM   590  C  C   . LEU A 1 81  ? -1.350  -5.868  4.036   1.00 46.99  ? 83   LEU A C   1 
ATOM   591  O  O   . LEU A 1 81  ? -0.876  -6.799  4.687   1.00 42.97  ? 83   LEU A O   1 
ATOM   592  C  CB  . LEU A 1 81  ? -1.513  -3.678  5.217   1.00 34.29  ? 83   LEU A CB  1 
ATOM   593  C  CG  . LEU A 1 81  ? -0.972  -2.283  5.536   1.00 45.56  ? 83   LEU A CG  1 
ATOM   594  C  CD1 . LEU A 1 81  ? -1.687  -1.682  6.739   1.00 34.89  ? 83   LEU A CD1 1 
ATOM   595  C  CD2 . LEU A 1 81  ? 0.527   -2.337  5.773   1.00 43.08  ? 83   LEU A CD2 1 
ATOM   596  N  N   . PHE A 1 82  ? -2.381  -6.004  3.208   1.00 36.88  ? 84   PHE A N   1 
ATOM   597  C  CA  . PHE A 1 82  ? -3.041  -7.287  2.994   1.00 41.28  ? 84   PHE A CA  1 
ATOM   598  C  C   . PHE A 1 82  ? -2.285  -8.154  1.993   1.00 40.22  ? 84   PHE A C   1 
ATOM   599  O  O   . PHE A 1 82  ? -1.962  -9.307  2.282   1.00 38.68  ? 84   PHE A O   1 
ATOM   600  C  CB  . PHE A 1 82  ? -4.482  -7.077  2.517   1.00 41.38  ? 84   PHE A CB  1 
ATOM   601  C  CG  . PHE A 1 82  ? -5.181  -8.348  2.134   1.00 36.88  ? 84   PHE A CG  1 
ATOM   602  C  CD1 . PHE A 1 82  ? -5.679  -9.197  3.106   1.00 44.95  ? 84   PHE A CD1 1 
ATOM   603  C  CD2 . PHE A 1 82  ? -5.337  -8.694  0.805   1.00 36.19  ? 84   PHE A CD2 1 
ATOM   604  C  CE1 . PHE A 1 82  ? -6.322  -10.366 2.759   1.00 41.09  ? 84   PHE A CE1 1 
ATOM   605  C  CE2 . PHE A 1 82  ? -5.977  -9.862  0.453   1.00 45.83  ? 84   PHE A CE2 1 
ATOM   606  C  CZ  . PHE A 1 82  ? -6.471  -10.698 1.430   1.00 38.86  ? 84   PHE A CZ  1 
ATOM   607  N  N   . LEU A 1 83  ? -2.008  -7.596  0.818   1.00 34.43  ? 85   LEU A N   1 
ATOM   608  C  CA  . LEU A 1 83  ? -1.340  -8.335  -0.251  1.00 45.11  ? 85   LEU A CA  1 
ATOM   609  C  C   . LEU A 1 83  ? 0.070   -8.764  0.137   1.00 40.67  ? 85   LEU A C   1 
ATOM   610  O  O   . LEU A 1 83  ? 0.467   -9.899  -0.110  1.00 38.86  ? 85   LEU A O   1 
ATOM   611  C  CB  . LEU A 1 83  ? -1.282  -7.503  -1.536  1.00 34.51  ? 85   LEU A CB  1 
ATOM   612  C  CG  . LEU A 1 83  ? -2.600  -7.170  -2.241  1.00 44.79  ? 85   LEU A CG  1 
ATOM   613  C  CD1 . LEU A 1 83  ? -2.343  -6.264  -3.436  1.00 42.58  ? 85   LEU A CD1 1 
ATOM   614  C  CD2 . LEU A 1 83  ? -3.324  -8.436  -2.678  1.00 37.90  ? 85   LEU A CD2 1 
ATOM   615  N  N   . GLY A 1 84  ? 0.821   -7.845  0.734   1.00 34.09  ? 86   GLY A N   1 
ATOM   616  C  CA  . GLY A 1 84  ? 2.195   -8.110  1.116   1.00 42.71  ? 86   GLY A CA  1 
ATOM   617  C  C   . GLY A 1 84  ? 2.310   -9.201  2.161   1.00 42.11  ? 86   GLY A C   1 
ATOM   618  O  O   . GLY A 1 84  ? 3.244   -10.004 2.138   1.00 34.71  ? 86   GLY A O   1 
ATOM   619  N  N   . PHE A 1 85  ? 1.351   -9.230  3.082   1.00 39.87  ? 87   PHE A N   1 
ATOM   620  C  CA  . PHE A 1 85  ? 1.332   -10.240 4.135   1.00 38.50  ? 87   PHE A CA  1 
ATOM   621  C  C   . PHE A 1 85  ? 1.109   -11.637 3.560   1.00 41.57  ? 87   PHE A C   1 
ATOM   622  O  O   . PHE A 1 85  ? 1.843   -12.570 3.880   1.00 41.18  ? 87   PHE A O   1 
ATOM   623  C  CB  . PHE A 1 85  ? 0.254   -9.928  5.179   1.00 42.63  ? 87   PHE A CB  1 
ATOM   624  C  CG  . PHE A 1 85  ? 0.273   -10.858 6.360   1.00 49.99  ? 87   PHE A CG  1 
ATOM   625  C  CD1 . PHE A 1 85  ? 1.081   -10.592 7.451   1.00 50.15  ? 87   PHE A CD1 1 
ATOM   626  C  CD2 . PHE A 1 85  ? -0.513  -11.999 6.378   1.00 57.11  ? 87   PHE A CD2 1 
ATOM   627  C  CE1 . PHE A 1 85  ? 1.105   -11.443 8.539   1.00 58.57  ? 87   PHE A CE1 1 
ATOM   628  C  CE2 . PHE A 1 85  ? -0.494  -12.855 7.463   1.00 61.37  ? 87   PHE A CE2 1 
ATOM   629  C  CZ  . PHE A 1 85  ? 0.316   -12.576 8.545   1.00 57.06  ? 87   PHE A CZ  1 
ATOM   630  N  N   . VAL A 1 86  ? 0.090   -11.770 2.717   1.00 33.06  ? 88   VAL A N   1 
ATOM   631  C  CA  . VAL A 1 86  ? -0.246  -13.045 2.090   1.00 42.04  ? 88   VAL A CA  1 
ATOM   632  C  C   . VAL A 1 86  ? 0.889   -13.512 1.186   1.00 47.08  ? 88   VAL A C   1 
ATOM   633  O  O   . VAL A 1 86  ? 1.274   -14.684 1.196   1.00 41.76  ? 88   VAL A O   1 
ATOM   634  C  CB  . VAL A 1 86  ? -1.537  -12.926 1.249   1.00 42.30  ? 88   VAL A CB  1 
ATOM   635  C  CG1 . VAL A 1 86  ? -1.789  -14.203 0.462   1.00 37.37  ? 88   VAL A CG1 1 
ATOM   636  C  CG2 . VAL A 1 86  ? -2.723  -12.593 2.142   1.00 41.42  ? 88   VAL A CG2 1 
ATOM   637  N  N   . TYR A 1 87  ? 1.418   -12.571 0.412   1.00 39.28  ? 89   TYR A N   1 
ATOM   638  C  CA  . TYR A 1 87  ? 2.540   -12.809 -0.491  1.00 43.28  ? 89   TYR A CA  1 
ATOM   639  C  C   . TYR A 1 87  ? 3.763   -13.344 0.251   1.00 42.43  ? 89   TYR A C   1 
ATOM   640  O  O   . TYR A 1 87  ? 4.521   -14.157 -0.282  1.00 42.20  ? 89   TYR A O   1 
ATOM   641  C  CB  . TYR A 1 87  ? 2.878   -11.514 -1.237  1.00 42.53  ? 89   TYR A CB  1 
ATOM   642  C  CG  . TYR A 1 87  ? 4.148   -11.542 -2.052  1.00 44.65  ? 89   TYR A CG  1 
ATOM   643  C  CD1 . TYR A 1 87  ? 4.198   -12.195 -3.277  1.00 46.42  ? 89   TYR A CD1 1 
ATOM   644  C  CD2 . TYR A 1 87  ? 5.290   -10.885 -1.609  1.00 44.60  ? 89   TYR A CD2 1 
ATOM   645  C  CE1 . TYR A 1 87  ? 5.355   -12.209 -4.029  1.00 42.91  ? 89   TYR A CE1 1 
ATOM   646  C  CE2 . TYR A 1 87  ? 6.450   -10.892 -2.354  1.00 52.26  ? 89   TYR A CE2 1 
ATOM   647  C  CZ  . TYR A 1 87  ? 6.478   -11.556 -3.563  1.00 46.98  ? 89   TYR A CZ  1 
ATOM   648  O  OH  . TYR A 1 87  ? 7.633   -11.568 -4.308  1.00 52.63  ? 89   TYR A OH  1 
ATOM   649  N  N   . SER A 1 88  ? 3.942   -12.891 1.489   1.00 38.61  ? 90   SER A N   1 
ATOM   650  C  CA  . SER A 1 88  ? 5.059   -13.326 2.325   1.00 42.08  ? 90   SER A CA  1 
ATOM   651  C  C   . SER A 1 88  ? 5.015   -14.823 2.646   1.00 47.78  ? 90   SER A C   1 
ATOM   652  O  O   . SER A 1 88  ? 6.046   -15.432 2.928   1.00 50.54  ? 90   SER A O   1 
ATOM   653  C  CB  . SER A 1 88  ? 5.110   -12.518 3.627   1.00 40.65  ? 90   SER A CB  1 
ATOM   654  O  OG  . SER A 1 88  ? 5.601   -11.205 3.404   1.00 48.68  ? 90   SER A OG  1 
ATOM   655  N  N   . PHE A 1 89  ? 3.821   -15.408 2.604   1.00 48.55  ? 91   PHE A N   1 
ATOM   656  C  CA  . PHE A 1 89  ? 3.646   -16.828 2.911   1.00 47.70  ? 91   PHE A CA  1 
ATOM   657  C  C   . PHE A 1 89  ? 3.553   -17.693 1.654   1.00 57.23  ? 91   PHE A C   1 
ATOM   658  O  O   . PHE A 1 89  ? 3.215   -18.874 1.723   1.00 58.66  ? 91   PHE A O   1 
ATOM   659  C  CB  . PHE A 1 89  ? 2.413   -17.046 3.792   1.00 39.93  ? 91   PHE A CB  1 
ATOM   660  C  CG  . PHE A 1 89  ? 2.587   -16.555 5.199   1.00 51.30  ? 91   PHE A CG  1 
ATOM   661  C  CD1 . PHE A 1 89  ? 3.113   -17.386 6.173   1.00 53.32  ? 91   PHE A CD1 1 
ATOM   662  C  CD2 . PHE A 1 89  ? 2.233   -15.264 5.546   1.00 55.34  ? 91   PHE A CD2 1 
ATOM   663  C  CE1 . PHE A 1 89  ? 3.279   -16.939 7.467   1.00 60.20  ? 91   PHE A CE1 1 
ATOM   664  C  CE2 . PHE A 1 89  ? 2.397   -14.811 6.839   1.00 59.22  ? 91   PHE A CE2 1 
ATOM   665  C  CZ  . PHE A 1 89  ? 2.919   -15.651 7.801   1.00 52.52  ? 91   PHE A CZ  1 
ATOM   666  N  N   . LEU A 1 90  ? 3.853   -17.095 0.508   1.00 54.78  ? 92   LEU A N   1 
ATOM   667  C  CA  . LEU A 1 90  ? 3.861   -17.824 -0.755  1.00 53.33  ? 92   LEU A CA  1 
ATOM   668  C  C   . LEU A 1 90  ? 5.273   -18.287 -1.093  1.00 56.17  ? 92   LEU A C   1 
ATOM   669  O  O   . LEU A 1 90  ? 5.546   -18.725 -2.212  1.00 65.28  ? 92   LEU A O   1 
ATOM   670  C  CB  . LEU A 1 90  ? 3.305   -16.949 -1.878  1.00 53.10  ? 92   LEU A CB  1 
ATOM   671  C  CG  . LEU A 1 90  ? 1.869   -17.243 -2.322  1.00 68.79  ? 92   LEU A CG  1 
ATOM   672  C  CD1 . LEU A 1 90  ? 0.921   -17.311 -1.131  1.00 54.33  ? 92   LEU A CD1 1 
ATOM   673  C  CD2 . LEU A 1 90  ? 1.397   -16.198 -3.320  1.00 56.75  ? 92   LEU A CD2 1 
ATOM   674  N  N   . GLY A 1 91  ? 6.159   -18.184 -0.108  1.00 58.79  ? 93   GLY A N   1 
ATOM   675  C  CA  . GLY A 1 91  ? 7.562   -18.521 -0.270  1.00 69.40  ? 93   GLY A CA  1 
ATOM   676  C  C   . GLY A 1 91  ? 8.227   -17.935 -1.504  1.00 74.95  ? 93   GLY A C   1 
ATOM   677  O  O   . GLY A 1 91  ? 8.786   -18.674 -2.314  1.00 66.56  ? 93   GLY A O   1 
ATOM   678  N  N   . PRO A 1 92  ? 8.173   -16.603 -1.667  1.00 63.04  ? 94   PRO A N   1 
ATOM   679  C  CA  . PRO A 1 92  ? 8.836   -16.072 -2.858  1.00 74.59  ? 94   PRO A CA  1 
ATOM   680  C  C   . PRO A 1 92  ? 10.339  -15.966 -2.641  1.00 67.04  ? 94   PRO A C   1 
ATOM   681  O  O   . PRO A 1 92  ? 10.802  -16.055 -1.502  1.00 65.96  ? 94   PRO A O   1 
ATOM   682  C  CB  . PRO A 1 92  ? 8.231   -14.678 -2.988  1.00 65.95  ? 94   PRO A CB  1 
ATOM   683  C  CG  . PRO A 1 92  ? 7.962   -14.276 -1.586  1.00 58.78  ? 94   PRO A CG  1 
ATOM   684  C  CD  . PRO A 1 92  ? 7.573   -15.533 -0.850  1.00 55.90  ? 94   PRO A CD  1 
ATOM   685  N  N   . ASN A 1 93  ? 11.082  -15.799 -3.729  1.00 60.76  ? 95   ASN A N   1 
ATOM   686  C  CA  . ASN A 1 93  ? 12.499  -15.479 -3.660  1.00 64.59  ? 95   ASN A CA  1 
ATOM   687  C  C   . ASN A 1 93  ? 12.695  -14.272 -2.744  1.00 65.31  ? 95   ASN A C   1 
ATOM   688  O  O   . ASN A 1 93  ? 12.064  -13.235 -2.941  1.00 64.55  ? 95   ASN A O   1 
ATOM   689  C  CB  . ASN A 1 93  ? 13.019  -15.185 -5.069  1.00 53.02  ? 95   ASN A CB  1 
ATOM   690  C  CG  . ASN A 1 93  ? 14.503  -14.875 -5.101  1.00 72.41  ? 95   ASN A CG  1 
ATOM   691  O  OD1 . ASN A 1 93  ? 14.948  -13.846 -4.593  1.00 63.56  ? 95   ASN A OD1 1 
ATOM   692  N  ND2 . ASN A 1 93  ? 15.275  -15.753 -5.731  1.00 86.54  ? 95   ASN A ND2 1 
ATOM   693  N  N   . PRO A 1 94  ? 13.563  -14.412 -1.729  1.00 64.44  ? 96   PRO A N   1 
ATOM   694  C  CA  . PRO A 1 94  ? 13.766  -13.397 -0.688  1.00 67.19  ? 96   PRO A CA  1 
ATOM   695  C  C   . PRO A 1 94  ? 14.201  -12.054 -1.258  1.00 62.89  ? 96   PRO A C   1 
ATOM   696  O  O   . PRO A 1 94  ? 13.752  -11.007 -0.792  1.00 56.80  ? 96   PRO A O   1 
ATOM   697  C  CB  . PRO A 1 94  ? 14.895  -13.988 0.163   1.00 78.55  ? 96   PRO A CB  1 
ATOM   698  C  CG  . PRO A 1 94  ? 14.858  -15.447 -0.111  1.00 65.70  ? 96   PRO A CG  1 
ATOM   699  C  CD  . PRO A 1 94  ? 14.442  -15.577 -1.539  1.00 68.47  ? 96   PRO A CD  1 
ATOM   700  N  N   . PHE A 1 95  ? 15.075  -12.093 -2.257  1.00 55.51  ? 97   PHE A N   1 
ATOM   701  C  CA  . PHE A 1 95  ? 15.559  -10.874 -2.890  1.00 60.21  ? 97   PHE A CA  1 
ATOM   702  C  C   . PHE A 1 95  ? 14.458  -10.205 -3.703  1.00 56.39  ? 97   PHE A C   1 
ATOM   703  O  O   . PHE A 1 95  ? 14.334  -8.981  -3.708  1.00 53.86  ? 97   PHE A O   1 
ATOM   704  C  CB  . PHE A 1 95  ? 16.768  -11.165 -3.782  1.00 51.21  ? 97   PHE A CB  1 
ATOM   705  C  CG  . PHE A 1 95  ? 17.190  -9.993  -4.617  1.00 59.85  ? 97   PHE A CG  1 
ATOM   706  C  CD1 . PHE A 1 95  ? 17.835  -8.915  -4.041  1.00 59.45  ? 97   PHE A CD1 1 
ATOM   707  C  CD2 . PHE A 1 95  ? 16.934  -9.967  -5.977  1.00 52.91  ? 97   PHE A CD2 1 
ATOM   708  C  CE1 . PHE A 1 95  ? 18.221  -7.833  -4.804  1.00 58.25  ? 97   PHE A CE1 1 
ATOM   709  C  CE2 . PHE A 1 95  ? 17.320  -8.888  -6.746  1.00 68.52  ? 97   PHE A CE2 1 
ATOM   710  C  CZ  . PHE A 1 95  ? 17.964  -7.819  -6.157  1.00 61.71  ? 97   PHE A CZ  1 
ATOM   711  N  N   . VAL A 1 96  ? 13.665  -11.020 -4.393  1.00 49.10  ? 98   VAL A N   1 
ATOM   712  C  CA  . VAL A 1 96  ? 12.537  -10.529 -5.174  1.00 53.09  ? 98   VAL A CA  1 
ATOM   713  C  C   . VAL A 1 96  ? 11.494  -9.893  -4.256  1.00 42.00  ? 98   VAL A C   1 
ATOM   714  O  O   . VAL A 1 96  ? 10.947  -8.832  -4.563  1.00 51.98  ? 98   VAL A O   1 
ATOM   715  C  CB  . VAL A 1 96  ? 11.883  -11.668 -5.999  1.00 54.33  ? 98   VAL A CB  1 
ATOM   716  C  CG1 . VAL A 1 96  ? 10.645  -11.171 -6.716  1.00 53.53  ? 98   VAL A CG1 1 
ATOM   717  C  CG2 . VAL A 1 96  ? 12.874  -12.238 -7.000  1.00 67.00  ? 98   VAL A CG2 1 
ATOM   718  N  N   . ALA A 1 97  ? 11.235  -10.546 -3.126  1.00 48.78  ? 99   ALA A N   1 
ATOM   719  C  CA  . ALA A 1 97  ? 10.287  -10.041 -2.138  1.00 53.53  ? 99   ALA A CA  1 
ATOM   720  C  C   . ALA A 1 97  ? 10.728  -8.683  -1.596  1.00 50.72  ? 99   ALA A C   1 
ATOM   721  O  O   . ALA A 1 97  ? 9.923   -7.755  -1.500  1.00 51.45  ? 99   ALA A O   1 
ATOM   722  C  CB  . ALA A 1 97  ? 10.123  -11.037 -1.000  1.00 44.51  ? 99   ALA A CB  1 
ATOM   723  N  N   . TRP A 1 98  ? 12.009  -8.584  -1.247  1.00 45.70  ? 100  TRP A N   1 
ATOM   724  C  CA  . TRP A 1 98  ? 12.612  -7.327  -0.803  1.00 51.60  ? 100  TRP A CA  1 
ATOM   725  C  C   . TRP A 1 98  ? 12.379  -6.216  -1.815  1.00 50.52  ? 100  TRP A C   1 
ATOM   726  O  O   . TRP A 1 98  ? 12.007  -5.099  -1.457  1.00 52.93  ? 100  TRP A O   1 
ATOM   727  C  CB  . TRP A 1 98  ? 14.120  -7.494  -0.595  1.00 60.35  ? 100  TRP A CB  1 
ATOM   728  C  CG  . TRP A 1 98  ? 14.529  -7.670  0.831   1.00 47.14  ? 100  TRP A CG  1 
ATOM   729  C  CD1 . TRP A 1 98  ? 15.119  -8.768  1.386   1.00 65.76  ? 100  TRP A CD1 1 
ATOM   730  C  CD2 . TRP A 1 98  ? 14.378  -6.717  1.888   1.00 61.77  ? 100  TRP A CD2 1 
ATOM   731  N  NE1 . TRP A 1 98  ? 15.349  -8.557  2.723   1.00 59.40  ? 100  TRP A NE1 1 
ATOM   732  C  CE2 . TRP A 1 98  ? 14.902  -7.305  3.057   1.00 57.79  ? 100  TRP A CE2 1 
ATOM   733  C  CE3 . TRP A 1 98  ? 13.853  -5.423  1.961   1.00 58.85  ? 100  TRP A CE3 1 
ATOM   734  C  CZ2 . TRP A 1 98  ? 14.916  -6.647  4.282   1.00 66.29  ? 100  TRP A CZ2 1 
ATOM   735  C  CZ3 . TRP A 1 98  ? 13.866  -4.770  3.177   1.00 63.12  ? 100  TRP A CZ3 1 
ATOM   736  C  CH2 . TRP A 1 98  ? 14.393  -5.382  4.323   1.00 62.51  ? 100  TRP A CH2 1 
ATOM   737  N  N   . MET A 1 99  ? 12.608  -6.543  -3.083  1.00 42.35  ? 101  MET A N   1 
ATOM   738  C  CA  . MET A 1 99  ? 12.446  -5.594  -4.176  1.00 52.88  ? 101  MET A CA  1 
ATOM   739  C  C   . MET A 1 99  ? 11.016  -5.077  -4.260  1.00 41.10  ? 101  MET A C   1 
ATOM   740  O  O   . MET A 1 99  ? 10.794  -3.886  -4.456  1.00 45.89  ? 101  MET A O   1 
ATOM   741  C  CB  . MET A 1 99  ? 12.865  -6.230  -5.504  1.00 57.09  ? 101  MET A CB  1 
ATOM   742  C  CG  . MET A 1 99  ? 14.371  -6.399  -5.671  1.00 70.26  ? 101  MET A CG  1 
ATOM   743  S  SD  . MET A 1 99  ? 15.267  -4.832  -5.663  1.00 74.99  ? 101  MET A SD  1 
ATOM   744  C  CE  . MET A 1 99  ? 16.015  -4.860  -4.037  1.00 51.08  ? 101  MET A CE  1 
ATOM   745  N  N   . HIS A 1 100 ? 10.050  -5.978  -4.108  1.00 41.65  ? 102  HIS A N   1 
ATOM   746  C  CA  . HIS A 1 100 ? 8.644   -5.589  -4.101  1.00 41.31  ? 102  HIS A CA  1 
ATOM   747  C  C   . HIS A 1 100 ? 8.361   -4.609  -2.972  1.00 39.04  ? 102  HIS A C   1 
ATOM   748  O  O   . HIS A 1 100 ? 7.762   -3.555  -3.183  1.00 38.67  ? 102  HIS A O   1 
ATOM   749  C  CB  . HIS A 1 100 ? 7.740   -6.814  -3.953  1.00 42.44  ? 102  HIS A CB  1 
ATOM   750  C  CG  . HIS A 1 100 ? 7.565   -7.592  -5.218  1.00 48.70  ? 102  HIS A CG  1 
ATOM   751  N  ND1 . HIS A 1 100 ? 8.492   -8.512  -5.663  1.00 48.64  ? 102  HIS A ND1 1 
ATOM   752  C  CD2 . HIS A 1 100 ? 6.570   -7.586  -6.137  1.00 49.15  ? 102  HIS A CD2 1 
ATOM   753  C  CE1 . HIS A 1 100 ? 8.074   -9.041  -6.800  1.00 46.77  ? 102  HIS A CE1 1 
ATOM   754  N  NE2 . HIS A 1 100 ? 6.911   -8.495  -7.110  1.00 57.62  ? 102  HIS A NE2 1 
ATOM   755  N  N   . PHE A 1 101 ? 8.809   -4.968  -1.774  1.00 36.35  ? 103  PHE A N   1 
ATOM   756  C  CA  . PHE A 1 101 ? 8.548   -4.178  -0.578  1.00 46.36  ? 103  PHE A CA  1 
ATOM   757  C  C   . PHE A 1 101 ? 9.251   -2.826  -0.659  1.00 44.02  ? 103  PHE A C   1 
ATOM   758  O  O   . PHE A 1 101 ? 8.693   -1.797  -0.273  1.00 43.25  ? 103  PHE A O   1 
ATOM   759  C  CB  . PHE A 1 101 ? 9.002   -4.938  0.676   1.00 35.81  ? 103  PHE A CB  1 
ATOM   760  C  CG  . PHE A 1 101 ? 8.339   -6.283  0.849   1.00 43.32  ? 103  PHE A CG  1 
ATOM   761  C  CD1 . PHE A 1 101 ? 7.131   -6.564  0.233   1.00 36.01  ? 103  PHE A CD1 1 
ATOM   762  C  CD2 . PHE A 1 101 ? 8.926   -7.262  1.633   1.00 45.66  ? 103  PHE A CD2 1 
ATOM   763  C  CE1 . PHE A 1 101 ? 6.525   -7.795  0.392   1.00 43.27  ? 103  PHE A CE1 1 
ATOM   764  C  CE2 . PHE A 1 101 ? 8.325   -8.496  1.797   1.00 37.50  ? 103  PHE A CE2 1 
ATOM   765  C  CZ  . PHE A 1 101 ? 7.122   -8.761  1.176   1.00 39.26  ? 103  PHE A CZ  1 
ATOM   766  N  N   . LEU A 1 102 ? 10.475  -2.834  -1.177  1.00 38.83  ? 104  LEU A N   1 
ATOM   767  C  CA  . LEU A 1 102 ? 11.280  -1.622  -1.256  1.00 39.07  ? 104  LEU A CA  1 
ATOM   768  C  C   . LEU A 1 102 ? 10.798  -0.651  -2.327  1.00 35.09  ? 104  LEU A C   1 
ATOM   769  O  O   . LEU A 1 102 ? 10.833  0.562   -2.125  1.00 44.07  ? 104  LEU A O   1 
ATOM   770  C  CB  . LEU A 1 102 ? 12.757  -1.958  -1.472  1.00 46.84  ? 104  LEU A CB  1 
ATOM   771  C  CG  . LEU A 1 102 ? 13.554  -2.166  -0.183  1.00 57.27  ? 104  LEU A CG  1 
ATOM   772  C  CD1 . LEU A 1 102 ? 15.015  -2.432  -0.492  1.00 56.26  ? 104  LEU A CD1 1 
ATOM   773  C  CD2 . LEU A 1 102 ? 13.405  -0.953  0.725   1.00 66.71  ? 104  LEU A CD2 1 
ATOM   774  N  N   . VAL A 1 103 ? 10.362  -1.180  -3.465  1.00 37.72  ? 105  VAL A N   1 
ATOM   775  C  CA  . VAL A 1 103 ? 9.823   -0.335  -4.524  1.00 42.87  ? 105  VAL A CA  1 
ATOM   776  C  C   . VAL A 1 103 ? 8.560   0.360   -4.031  1.00 49.03  ? 105  VAL A C   1 
ATOM   777  O  O   . VAL A 1 103 ? 8.365   1.554   -4.262  1.00 43.03  ? 105  VAL A O   1 
ATOM   778  C  CB  . VAL A 1 103 ? 9.523   -1.131  -5.819  1.00 45.57  ? 105  VAL A CB  1 
ATOM   779  C  CG1 . VAL A 1 103 ? 8.671   -0.303  -6.773  1.00 38.47  ? 105  VAL A CG1 1 
ATOM   780  C  CG2 . VAL A 1 103 ? 10.814  -1.550  -6.499  1.00 48.11  ? 105  VAL A CG2 1 
ATOM   781  N  N   . PHE A 1 104 ? 7.713   -0.386  -3.327  1.00 43.11  ? 106  PHE A N   1 
ATOM   782  C  CA  . PHE A 1 104 ? 6.484   0.187   -2.784  1.00 42.66  ? 106  PHE A CA  1 
ATOM   783  C  C   . PHE A 1 104 ? 6.762   1.240   -1.715  1.00 38.55  ? 106  PHE A C   1 
ATOM   784  O  O   . PHE A 1 104 ? 6.121   2.289   -1.685  1.00 41.19  ? 106  PHE A O   1 
ATOM   785  C  CB  . PHE A 1 104 ? 5.556   -0.890  -2.219  1.00 38.49  ? 106  PHE A CB  1 
ATOM   786  C  CG  . PHE A 1 104 ? 4.228   -0.351  -1.772  1.00 40.78  ? 106  PHE A CG  1 
ATOM   787  C  CD1 . PHE A 1 104 ? 3.267   -0.001  -2.700  1.00 33.21  ? 106  PHE A CD1 1 
ATOM   788  C  CD2 . PHE A 1 104 ? 3.950   -0.174  -0.428  1.00 32.70  ? 106  PHE A CD2 1 
ATOM   789  C  CE1 . PHE A 1 104 ? 2.047   0.504   -2.299  1.00 40.43  ? 106  PHE A CE1 1 
ATOM   790  C  CE2 . PHE A 1 104 ? 2.732   0.331   -0.023  1.00 34.13  ? 106  PHE A CE2 1 
ATOM   791  C  CZ  . PHE A 1 104 ? 1.780   0.669   -0.959  1.00 37.08  ? 106  PHE A CZ  1 
ATOM   792  N  N   A LEU A 1 105 ? 7.721   0.948   -0.842  0.60 38.71  ? 107  LEU A N   1 
ATOM   793  N  N   B LEU A 1 105 ? 7.721   0.953   -0.839  0.40 38.76  ? 107  LEU A N   1 
ATOM   794  C  CA  A LEU A 1 105 ? 8.073   1.851   0.247   0.60 46.26  ? 107  LEU A CA  1 
ATOM   795  C  CA  B LEU A 1 105 ? 8.065   1.868   0.245   0.40 46.15  ? 107  LEU A CA  1 
ATOM   796  C  C   A LEU A 1 105 ? 8.676   3.158   -0.262  0.60 40.89  ? 107  LEU A C   1 
ATOM   797  C  C   B LEU A 1 105 ? 8.647   3.167   -0.294  0.40 40.90  ? 107  LEU A C   1 
ATOM   798  O  O   A LEU A 1 105 ? 8.286   4.239   0.174   0.60 42.12  ? 107  LEU A O   1 
ATOM   799  O  O   B LEU A 1 105 ? 8.226   4.255   0.100   0.40 42.19  ? 107  LEU A O   1 
ATOM   800  C  CB  A LEU A 1 105 ? 9.043   1.172   1.218   0.60 41.25  ? 107  LEU A CB  1 
ATOM   801  C  CB  B LEU A 1 105 ? 9.055   1.212   1.220   0.40 41.36  ? 107  LEU A CB  1 
ATOM   802  C  CG  A LEU A 1 105 ? 9.716   2.073   2.260   0.60 45.56  ? 107  LEU A CG  1 
ATOM   803  C  CG  B LEU A 1 105 ? 9.363   1.891   2.568   0.40 40.09  ? 107  LEU A CG  1 
ATOM   804  C  CD1 A LEU A 1 105 ? 8.689   2.707   3.188   0.60 43.18  ? 107  LEU A CD1 1 
ATOM   805  C  CD1 B LEU A 1 105 ? 9.915   0.874   3.547   0.40 46.36  ? 107  LEU A CD1 1 
ATOM   806  C  CD2 A LEU A 1 105 ? 10.753  1.298   3.059   0.60 37.53  ? 107  LEU A CD2 1 
ATOM   807  C  CD2 B LEU A 1 105 ? 10.346  3.054   2.443   0.40 38.47  ? 107  LEU A CD2 1 
ATOM   808  N  N   . VAL A 1 106 ? 9.633   3.048   -1.177  1.00 39.98  ? 108  VAL A N   1 
ATOM   809  C  CA  . VAL A 1 106 ? 10.287  4.216   -1.754  1.00 50.76  ? 108  VAL A CA  1 
ATOM   810  C  C   . VAL A 1 106 ? 9.285   5.035   -2.565  1.00 38.45  ? 108  VAL A C   1 
ATOM   811  O  O   . VAL A 1 106 ? 9.262   6.262   -2.489  1.00 42.25  ? 108  VAL A O   1 
ATOM   812  C  CB  . VAL A 1 106 ? 11.495  3.816   -2.643  1.00 45.25  ? 108  VAL A CB  1 
ATOM   813  C  CG1 . VAL A 1 106 ? 12.003  5.009   -3.438  1.00 52.18  ? 108  VAL A CG1 1 
ATOM   814  C  CG2 . VAL A 1 106 ? 12.612  3.227   -1.791  1.00 45.32  ? 108  VAL A CG2 1 
ATOM   815  N  N   . GLY A 1 107 ? 8.440   4.337   -3.316  1.00 40.42  ? 109  GLY A N   1 
ATOM   816  C  CA  . GLY A 1 107 ? 7.424   4.974   -4.131  1.00 37.27  ? 109  GLY A CA  1 
ATOM   817  C  C   . GLY A 1 107 ? 6.398   5.767   -3.338  1.00 33.64  ? 109  GLY A C   1 
ATOM   818  O  O   . GLY A 1 107 ? 6.059   6.894   -3.700  1.00 38.29  ? 109  GLY A O   1 
ATOM   819  N  N   . ARG A 1 108 ? 5.903   5.180   -2.252  1.00 34.19  ? 110  ARG A N   1 
ATOM   820  C  CA  . ARG A 1 108 ? 4.894   5.830   -1.422  1.00 31.37  ? 110  ARG A CA  1 
ATOM   821  C  C   . ARG A 1 108 ? 5.451   7.027   -0.658  1.00 36.63  ? 110  ARG A C   1 
ATOM   822  O  O   . ARG A 1 108 ? 4.776   8.044   -0.511  1.00 38.30  ? 110  ARG A O   1 
ATOM   823  C  CB  . ARG A 1 108 ? 4.253   4.835   -0.450  1.00 38.07  ? 110  ARG A CB  1 
ATOM   824  C  CG  . ARG A 1 108 ? 3.358   3.808   -1.119  1.00 38.47  ? 110  ARG A CG  1 
ATOM   825  C  CD  . ARG A 1 108 ? 2.390   4.460   -2.102  1.00 34.88  ? 110  ARG A CD  1 
ATOM   826  N  NE  . ARG A 1 108 ? 1.580   5.506   -1.480  1.00 39.89  ? 110  ARG A NE  1 
ATOM   827  C  CZ  . ARG A 1 108 ? 0.694   6.251   -2.131  1.00 43.77  ? 110  ARG A CZ  1 
ATOM   828  N  NH1 . ARG A 1 108 ? 0.496   6.065   -3.429  1.00 33.39  ? 110  ARG A NH1 1 
ATOM   829  N  NH2 . ARG A 1 108 ? 0.003   7.180   -1.483  1.00 38.50  ? 110  ARG A NH2 1 
ATOM   830  N  N   . VAL A 1 109 ? 6.678   6.896   -0.163  1.00 44.09  ? 111  VAL A N   1 
ATOM   831  C  CA  . VAL A 1 109 ? 7.360   8.012   0.480   1.00 39.31  ? 111  VAL A CA  1 
ATOM   832  C  C   . VAL A 1 109 ? 7.546   9.141   -0.529  1.00 36.35  ? 111  VAL A C   1 
ATOM   833  O  O   . VAL A 1 109 ? 7.276   10.307  -0.233  1.00 37.83  ? 111  VAL A O   1 
ATOM   834  C  CB  . VAL A 1 109 ? 8.731   7.593   1.059   1.00 45.39  ? 111  VAL A CB  1 
ATOM   835  C  CG1 . VAL A 1 109 ? 9.549   8.816   1.438   1.00 45.61  ? 111  VAL A CG1 1 
ATOM   836  C  CG2 . VAL A 1 109 ? 8.544   6.679   2.262   1.00 37.59  ? 111  VAL A CG2 1 
ATOM   837  N  N   . ALA A 1 110 ? 7.991   8.779   -1.729  1.00 32.25  ? 112  ALA A N   1 
ATOM   838  C  CA  . ALA A 1 110 ? 8.156   9.741   -2.813  1.00 42.01  ? 112  ALA A CA  1 
ATOM   839  C  C   . ALA A 1 110 ? 6.825   10.367  -3.216  1.00 47.71  ? 112  ALA A C   1 
ATOM   840  O  O   . ALA A 1 110 ? 6.767   11.552  -3.545  1.00 38.83  ? 112  ALA A O   1 
ATOM   841  C  CB  . ALA A 1 110 ? 8.816   9.083   -4.018  1.00 39.06  ? 112  ALA A CB  1 
ATOM   842  N  N   . HIS A 1 111 ? 5.759   9.571   -3.187  1.00 34.75  ? 113  HIS A N   1 
ATOM   843  C  CA  . HIS A 1 111 ? 4.429   10.078  -3.520  1.00 36.06  ? 113  HIS A CA  1 
ATOM   844  C  C   . HIS A 1 111 ? 4.014   11.189  -2.566  1.00 36.55  ? 113  HIS A C   1 
ATOM   845  O  O   . HIS A 1 111 ? 3.526   12.236  -2.991  1.00 42.08  ? 113  HIS A O   1 
ATOM   846  C  CB  . HIS A 1 111 ? 3.378   8.963   -3.494  1.00 34.66  ? 113  HIS A CB  1 
ATOM   847  C  CG  . HIS A 1 111 ? 2.017   9.415   -3.926  1.00 31.54  ? 113  HIS A CG  1 
ATOM   848  N  ND1 . HIS A 1 111 ? 1.095   9.953   -3.050  1.00 36.78  ? 113  HIS A ND1 1 
ATOM   849  C  CD2 . HIS A 1 111 ? 1.425   9.421   -5.144  1.00 38.54  ? 113  HIS A CD2 1 
ATOM   850  C  CE1 . HIS A 1 111 ? -0.008  10.263  -3.709  1.00 34.16  ? 113  HIS A CE1 1 
ATOM   851  N  NE2 . HIS A 1 111 ? 0.166   9.952   -4.982  1.00 37.54  ? 113  HIS A NE2 1 
ATOM   852  N  N   . THR A 1 112 ? 4.216   10.952  -1.275  1.00 35.65  ? 114  THR A N   1 
ATOM   853  C  CA  . THR A 1 112 ? 3.838   11.916  -0.249  1.00 37.83  ? 114  THR A CA  1 
ATOM   854  C  C   . THR A 1 112 ? 4.683   13.188  -0.331  1.00 38.69  ? 114  THR A C   1 
ATOM   855  O  O   . THR A 1 112 ? 4.174   14.293  -0.151  1.00 36.31  ? 114  THR A O   1 
ATOM   856  C  CB  . THR A 1 112 ? 3.949   11.302  1.164   1.00 39.86  ? 114  THR A CB  1 
ATOM   857  O  OG1 . THR A 1 112 ? 3.192   10.088  1.219   1.00 38.52  ? 114  THR A OG1 1 
ATOM   858  C  CG2 . THR A 1 112 ? 3.416   12.267  2.211   1.00 42.30  ? 114  THR A CG2 1 
ATOM   859  N  N   . VAL A 1 113 ? 5.973   13.023  -0.611  1.00 34.15  ? 115  VAL A N   1 
ATOM   860  C  CA  . VAL A 1 113 ? 6.875   14.160  -0.773  1.00 34.32  ? 115  VAL A CA  1 
ATOM   861  C  C   . VAL A 1 113 ? 6.454   15.029  -1.959  1.00 36.68  ? 115  VAL A C   1 
ATOM   862  O  O   . VAL A 1 113 ? 6.421   16.258  -1.864  1.00 44.72  ? 115  VAL A O   1 
ATOM   863  C  CB  . VAL A 1 113 ? 8.347   13.704  -0.954  1.00 34.44  ? 115  VAL A CB  1 
ATOM   864  C  CG1 . VAL A 1 113 ? 9.220   14.866  -1.411  1.00 41.68  ? 115  VAL A CG1 1 
ATOM   865  C  CG2 . VAL A 1 113 ? 8.883   13.103  0.337   1.00 42.40  ? 115  VAL A CG2 1 
ATOM   866  N  N   . ALA A 1 114 ? 6.119   14.383  -3.071  1.00 33.63  ? 116  ALA A N   1 
ATOM   867  C  CA  . ALA A 1 114 ? 5.690   15.096  -4.269  1.00 42.34  ? 116  ALA A CA  1 
ATOM   868  C  C   . ALA A 1 114 ? 4.331   15.763  -4.070  1.00 44.80  ? 116  ALA A C   1 
ATOM   869  O  O   . ALA A 1 114 ? 4.036   16.792  -4.681  1.00 42.83  ? 116  ALA A O   1 
ATOM   870  C  CB  . ALA A 1 114 ? 5.647   14.150  -5.461  1.00 39.16  ? 116  ALA A CB  1 
ATOM   871  N  N   . TYR A 1 115 ? 3.506   15.175  -3.208  1.00 33.71  ? 117  TYR A N   1 
ATOM   872  C  CA  . TYR A 1 115 ? 2.166   15.701  -2.959  1.00 36.58  ? 117  TYR A CA  1 
ATOM   873  C  C   . TYR A 1 115 ? 2.189   16.912  -2.031  1.00 37.55  ? 117  TYR A C   1 
ATOM   874  O  O   . TYR A 1 115 ? 1.695   17.984  -2.383  1.00 34.91  ? 117  TYR A O   1 
ATOM   875  C  CB  . TYR A 1 115 ? 1.238   14.618  -2.394  1.00 41.64  ? 117  TYR A CB  1 
ATOM   876  C  CG  . TYR A 1 115 ? -0.189  14.731  -2.889  1.00 47.66  ? 117  TYR A CG  1 
ATOM   877  C  CD1 . TYR A 1 115 ? -0.679  15.936  -3.379  1.00 49.76  ? 117  TYR A CD1 1 
ATOM   878  C  CD2 . TYR A 1 115 ? -1.039  13.630  -2.883  1.00 39.51  ? 117  TYR A CD2 1 
ATOM   879  C  CE1 . TYR A 1 115 ? -1.975  16.046  -3.839  1.00 47.15  ? 117  TYR A CE1 1 
ATOM   880  C  CE2 . TYR A 1 115 ? -2.339  13.730  -3.345  1.00 38.17  ? 117  TYR A CE2 1 
ATOM   881  C  CZ  . TYR A 1 115 ? -2.801  14.941  -3.821  1.00 43.71  ? 117  TYR A CZ  1 
ATOM   882  O  OH  . TYR A 1 115 ? -4.092  15.052  -4.282  1.00 40.50  ? 117  TYR A OH  1 
ATOM   883  N  N   . LEU A 1 116 ? 2.764   16.736  -0.847  1.00 34.85  ? 118  LEU A N   1 
ATOM   884  C  CA  . LEU A 1 116 ? 2.825   17.807  0.144   1.00 34.54  ? 118  LEU A CA  1 
ATOM   885  C  C   . LEU A 1 116 ? 3.850   18.870  -0.239  1.00 37.54  ? 118  LEU A C   1 
ATOM   886  O  O   . LEU A 1 116 ? 3.797   20.000  0.244   1.00 41.43  ? 118  LEU A O   1 
ATOM   887  C  CB  . LEU A 1 116 ? 3.138   17.243  1.534   1.00 34.65  ? 118  LEU A CB  1 
ATOM   888  C  CG  . LEU A 1 116 ? 2.095   16.289  2.127   1.00 43.27  ? 118  LEU A CG  1 
ATOM   889  C  CD1 . LEU A 1 116 ? 2.477   15.877  3.542   1.00 46.89  ? 118  LEU A CD1 1 
ATOM   890  C  CD2 . LEU A 1 116 ? 0.709   16.920  2.110   1.00 44.13  ? 118  LEU A CD2 1 
ATOM   891  N  N   . GLY A 1 117 ? 4.786   18.498  -1.106  1.00 39.91  ? 119  GLY A N   1 
ATOM   892  C  CA  . GLY A 1 117 ? 5.810   19.415  -1.570  1.00 34.70  ? 119  GLY A CA  1 
ATOM   893  C  C   . GLY A 1 117 ? 5.422   20.125  -2.853  1.00 47.14  ? 119  GLY A C   1 
ATOM   894  O  O   . GLY A 1 117 ? 6.174   20.956  -3.361  1.00 46.73  ? 119  GLY A O   1 
ATOM   895  N  N   . LYS A 1 118 ? 4.249   19.784  -3.378  1.00 45.51  ? 120  LYS A N   1 
ATOM   896  C  CA  . LYS A 1 118 ? 3.681   20.441  -4.555  1.00 41.28  ? 120  LYS A CA  1 
ATOM   897  C  C   . LYS A 1 118 ? 4.636   20.476  -5.743  1.00 49.59  ? 120  LYS A C   1 
ATOM   898  O  O   . LYS A 1 118 ? 4.802   21.512  -6.387  1.00 52.61  ? 120  LYS A O   1 
ATOM   899  C  CB  . LYS A 1 118 ? 3.244   21.862  -4.206  1.00 43.74  ? 120  LYS A CB  1 
ATOM   900  C  CG  . LYS A 1 118 ? 2.380   21.945  -2.969  1.00 49.37  ? 120  LYS A CG  1 
ATOM   901  C  CD  . LYS A 1 118 ? 2.033   23.377  -2.632  1.00 48.01  ? 120  LYS A CD  1 
ATOM   902  C  CE  . LYS A 1 118 ? 1.132   23.440  -1.414  1.00 45.27  ? 120  LYS A CE  1 
ATOM   903  N  NZ  . LYS A 1 118 ? 0.839   24.841  -1.012  1.00 49.20  ? 120  LYS A NZ  1 
ATOM   904  N  N   . LEU A 1 119 ? 5.268   19.343  -6.025  1.00 44.80  ? 121  LEU A N   1 
ATOM   905  C  CA  . LEU A 1 119 ? 6.189   19.258  -7.147  1.00 45.11  ? 121  LEU A CA  1 
ATOM   906  C  C   . LEU A 1 119 ? 5.410   19.279  -8.454  1.00 56.90  ? 121  LEU A C   1 
ATOM   907  O  O   . LEU A 1 119 ? 4.210   19.002  -8.478  1.00 41.93  ? 121  LEU A O   1 
ATOM   908  C  CB  . LEU A 1 119 ? 7.051   17.998  -7.046  1.00 41.51  ? 121  LEU A CB  1 
ATOM   909  C  CG  . LEU A 1 119 ? 7.825   17.841  -5.732  1.00 48.22  ? 121  LEU A CG  1 
ATOM   910  C  CD1 . LEU A 1 119 ? 8.771   16.649  -5.795  1.00 42.24  ? 121  LEU A CD1 1 
ATOM   911  C  CD2 . LEU A 1 119 ? 8.585   19.117  -5.384  1.00 54.17  ? 121  LEU A CD2 1 
ATOM   912  N  N   . ARG A 1 120 ? 6.097   19.615  -9.540  1.00 48.14  ? 122  ARG A N   1 
ATOM   913  C  CA  . ARG A 1 120 ? 5.455   19.754  -10.840 1.00 57.46  ? 122  ARG A CA  1 
ATOM   914  C  C   . ARG A 1 120 ? 4.878   18.426  -11.324 1.00 51.81  ? 122  ARG A C   1 
ATOM   915  O  O   . ARG A 1 120 ? 5.469   17.368  -11.116 1.00 46.80  ? 122  ARG A O   1 
ATOM   916  C  CB  . ARG A 1 120 ? 6.455   20.291  -11.867 1.00 53.50  ? 122  ARG A CB  1 
ATOM   917  C  CG  . ARG A 1 120 ? 7.686   19.417  -12.021 1.00 60.20  ? 122  ARG A CG  1 
ATOM   918  C  CD  . ARG A 1 120 ? 8.537   19.819  -13.209 1.00 71.51  ? 122  ARG A CD  1 
ATOM   919  N  NE  . ARG A 1 120 ? 9.504   18.774  -13.533 1.00 66.98  ? 122  ARG A NE  1 
ATOM   920  C  CZ  . ARG A 1 120 ? 9.234   17.724  -14.300 1.00 66.95  ? 122  ARG A CZ  1 
ATOM   921  N  NH1 . ARG A 1 120 ? 8.026   17.582  -14.829 1.00 71.25  ? 122  ARG A NH1 1 
ATOM   922  N  NH2 . ARG A 1 120 ? 10.170  16.815  -14.540 1.00 73.96  ? 122  ARG A NH2 1 
ATOM   923  N  N   . ALA A 1 121 ? 3.712   18.488  -11.957 1.00 51.58  ? 123  ALA A N   1 
ATOM   924  C  CA  . ALA A 1 121 ? 3.140   17.323  -12.616 1.00 49.45  ? 123  ALA A CA  1 
ATOM   925  C  C   . ALA A 1 121 ? 4.062   16.921  -13.765 1.00 52.67  ? 123  ALA A C   1 
ATOM   926  O  O   . ALA A 1 121 ? 4.734   17.775  -14.343 1.00 58.84  ? 123  ALA A O   1 
ATOM   927  C  CB  . ALA A 1 121 ? 1.749   17.648  -13.133 1.00 46.09  ? 123  ALA A CB  1 
ATOM   928  N  N   . PRO A 1 122 ? 4.107   15.621  -14.100 1.00 51.37  ? 124  PRO A N   1 
ATOM   929  C  CA  . PRO A 1 122 ? 3.360   14.521  -13.488 1.00 50.99  ? 124  PRO A CA  1 
ATOM   930  C  C   . PRO A 1 122 ? 4.202   13.689  -12.522 1.00 48.86  ? 124  PRO A C   1 
ATOM   931  O  O   . PRO A 1 122 ? 4.043   12.468  -12.502 1.00 45.43  ? 124  PRO A O   1 
ATOM   932  C  CB  . PRO A 1 122 ? 3.009   13.665  -14.698 1.00 52.33  ? 124  PRO A CB  1 
ATOM   933  C  CG  . PRO A 1 122 ? 4.233   13.781  -15.554 1.00 53.99  ? 124  PRO A CG  1 
ATOM   934  C  CD  . PRO A 1 122 ? 4.797   15.174  -15.323 1.00 53.22  ? 124  PRO A CD  1 
ATOM   935  N  N   . ILE A 1 123 ? 5.069   14.329  -11.741 1.00 38.97  ? 125  ILE A N   1 
ATOM   936  C  CA  . ILE A 1 123 ? 5.965   13.612  -10.831 1.00 38.15  ? 125  ILE A CA  1 
ATOM   937  C  C   . ILE A 1 123 ? 5.213   12.714  -9.849  1.00 49.45  ? 125  ILE A C   1 
ATOM   938  O  O   . ILE A 1 123 ? 5.537   11.535  -9.701  1.00 43.43  ? 125  ILE A O   1 
ATOM   939  C  CB  . ILE A 1 123 ? 6.869   14.581  -10.039 1.00 47.74  ? 125  ILE A CB  1 
ATOM   940  C  CG1 . ILE A 1 123 ? 7.830   15.306  -10.984 1.00 50.37  ? 125  ILE A CG1 1 
ATOM   941  C  CG2 . ILE A 1 123 ? 7.649   13.830  -8.966  1.00 51.60  ? 125  ILE A CG2 1 
ATOM   942  C  CD1 . ILE A 1 123 ? 8.642   16.390  -10.306 1.00 41.22  ? 125  ILE A CD1 1 
ATOM   943  N  N   . ARG A 1 124 ? 4.205   13.278  -9.191  1.00 44.65  ? 126  ARG A N   1 
ATOM   944  C  CA  . ARG A 1 124 ? 3.406   12.534  -8.226  1.00 50.25  ? 126  ARG A CA  1 
ATOM   945  C  C   . ARG A 1 124 ? 2.699   11.354  -8.884  1.00 41.22  ? 126  ARG A C   1 
ATOM   946  O  O   . ARG A 1 124 ? 2.688   10.246  -8.350  1.00 37.35  ? 126  ARG A O   1 
ATOM   947  C  CB  . ARG A 1 124 ? 2.372   13.447  -7.563  1.00 41.76  ? 126  ARG A CB  1 
ATOM   948  C  CG  . ARG A 1 124 ? 1.604   12.784  -6.431  1.00 45.21  ? 126  ARG A CG  1 
ATOM   949  C  CD  . ARG A 1 124 ? 0.336   13.547  -6.085  1.00 39.98  ? 126  ARG A CD  1 
ATOM   950  N  NE  . ARG A 1 124 ? -0.692  13.432  -7.117  1.00 42.06  ? 126  ARG A NE  1 
ATOM   951  C  CZ  . ARG A 1 124 ? -0.998  14.396  -7.979  1.00 55.36  ? 126  ARG A CZ  1 
ATOM   952  N  NH1 . ARG A 1 124 ? -0.357  15.555  -7.933  1.00 41.60  ? 126  ARG A NH1 1 
ATOM   953  N  NH2 . ARG A 1 124 ? -1.949  14.200  -8.884  1.00 47.96  ? 126  ARG A NH2 1 
ATOM   954  N  N   . SER A 1 125 ? 2.111   11.605  -10.050 1.00 37.12  ? 127  SER A N   1 
ATOM   955  C  CA  . SER A 1 125 ? 1.360   10.588  -10.777 1.00 44.10  ? 127  SER A CA  1 
ATOM   956  C  C   . SER A 1 125 ? 2.264   9.427   -11.181 1.00 43.56  ? 127  SER A C   1 
ATOM   957  O  O   . SER A 1 125 ? 1.840   8.272   -11.195 1.00 45.82  ? 127  SER A O   1 
ATOM   958  C  CB  . SER A 1 125 ? 0.699   11.200  -12.015 1.00 40.38  ? 127  SER A CB  1 
ATOM   959  O  OG  . SER A 1 125 ? -0.335  10.369  -12.517 1.00 57.90  ? 127  SER A OG  1 
ATOM   960  N  N   . VAL A 1 126 ? 3.512   9.745   -11.509 1.00 41.00  ? 128  VAL A N   1 
ATOM   961  C  CA  . VAL A 1 126 ? 4.495   8.728   -11.862 1.00 47.49  ? 128  VAL A CA  1 
ATOM   962  C  C   . VAL A 1 126 ? 4.836   7.841   -10.663 1.00 53.63  ? 128  VAL A C   1 
ATOM   963  O  O   . VAL A 1 126 ? 4.886   6.615   -10.784 1.00 44.50  ? 128  VAL A O   1 
ATOM   964  C  CB  . VAL A 1 126 ? 5.789   9.358   -12.436 1.00 40.89  ? 128  VAL A CB  1 
ATOM   965  C  CG1 . VAL A 1 126 ? 6.914   8.335   -12.478 1.00 39.72  ? 128  VAL A CG1 1 
ATOM   966  C  CG2 . VAL A 1 126 ? 5.535   9.931   -13.822 1.00 48.44  ? 128  VAL A CG2 1 
ATOM   967  N  N   . THR A 1 127 ? 5.053   8.463   -9.506  1.00 44.50  ? 129  THR A N   1 
ATOM   968  C  CA  . THR A 1 127 ? 5.394   7.729   -8.289  1.00 52.83  ? 129  THR A CA  1 
ATOM   969  C  C   . THR A 1 127 ? 4.250   6.822   -7.850  1.00 42.62  ? 129  THR A C   1 
ATOM   970  O  O   . THR A 1 127 ? 4.478   5.749   -7.289  1.00 44.11  ? 129  THR A O   1 
ATOM   971  C  CB  . THR A 1 127 ? 5.759   8.672   -7.121  1.00 42.34  ? 129  THR A CB  1 
ATOM   972  O  OG1 . THR A 1 127 ? 4.629   9.485   -6.787  1.00 50.14  ? 129  THR A OG1 1 
ATOM   973  C  CG2 . THR A 1 127 ? 6.928   9.564   -7.497  1.00 56.59  ? 129  THR A CG2 1 
ATOM   974  N  N   . TYR A 1 128 ? 3.022   7.263   -8.105  1.00 42.96  ? 130  TYR A N   1 
ATOM   975  C  CA  . TYR A 1 128 ? 1.843   6.451   -7.824  1.00 48.12  ? 130  TYR A CA  1 
ATOM   976  C  C   . TYR A 1 128 ? 1.880   5.163   -8.636  1.00 49.61  ? 130  TYR A C   1 
ATOM   977  O  O   . TYR A 1 128 ? 1.727   4.070   -8.091  1.00 43.98  ? 130  TYR A O   1 
ATOM   978  C  CB  . TYR A 1 128 ? 0.553   7.217   -8.130  1.00 34.56  ? 130  TYR A CB  1 
ATOM   979  C  CG  . TYR A 1 128 ? -0.677  6.333   -8.141  1.00 46.58  ? 130  TYR A CG  1 
ATOM   980  C  CD1 . TYR A 1 128 ? -1.266  5.921   -6.953  1.00 40.26  ? 130  TYR A CD1 1 
ATOM   981  C  CD2 . TYR A 1 128 ? -1.241  5.908   -9.340  1.00 51.35  ? 130  TYR A CD2 1 
ATOM   982  C  CE1 . TYR A 1 128 ? -2.384  5.111   -6.956  1.00 42.67  ? 130  TYR A CE1 1 
ATOM   983  C  CE2 . TYR A 1 128 ? -2.359  5.097   -9.352  1.00 49.75  ? 130  TYR A CE2 1 
ATOM   984  C  CZ  . TYR A 1 128 ? -2.926  4.702   -8.158  1.00 51.14  ? 130  TYR A CZ  1 
ATOM   985  O  OH  . TYR A 1 128 ? -4.040  3.895   -8.162  1.00 51.13  ? 130  TYR A OH  1 
ATOM   986  N  N   . THR A 1 129 ? 2.088   5.304   -9.941  1.00 41.87  ? 131  THR A N   1 
ATOM   987  C  CA  . THR A 1 129 ? 2.099   4.169   -10.860 1.00 44.76  ? 131  THR A CA  1 
ATOM   988  C  C   . THR A 1 129 ? 3.241   3.195   -10.573 1.00 41.97  ? 131  THR A C   1 
ATOM   989  O  O   . THR A 1 129 ? 3.045   1.979   -10.585 1.00 45.79  ? 131  THR A O   1 
ATOM   990  C  CB  . THR A 1 129 ? 2.170   4.638   -12.332 1.00 53.66  ? 131  THR A CB  1 
ATOM   991  O  OG1 . THR A 1 129 ? 0.960   5.325   -12.671 1.00 50.10  ? 131  THR A OG1 1 
ATOM   992  C  CG2 . THR A 1 129 ? 2.343   3.453   -13.271 1.00 44.01  ? 131  THR A CG2 1 
ATOM   993  N  N   . LEU A 1 130 ? 4.428   3.731   -10.304 1.00 42.10  ? 132  LEU A N   1 
ATOM   994  C  CA  . LEU A 1 130 ? 5.588   2.898   -9.995  1.00 46.99  ? 132  LEU A CA  1 
ATOM   995  C  C   . LEU A 1 130 ? 5.373   2.085   -8.722  1.00 47.32  ? 132  LEU A C   1 
ATOM   996  O  O   . LEU A 1 130 ? 5.728   0.907   -8.658  1.00 42.25  ? 132  LEU A O   1 
ATOM   997  C  CB  . LEU A 1 130 ? 6.856   3.747   -9.870  1.00 45.97  ? 132  LEU A CB  1 
ATOM   998  C  CG  . LEU A 1 130 ? 7.302   4.476   -11.140 1.00 60.28  ? 132  LEU A CG  1 
ATOM   999  C  CD1 . LEU A 1 130 ? 8.664   5.125   -10.949 1.00 57.25  ? 132  LEU A CD1 1 
ATOM   1000 C  CD2 . LEU A 1 130 ? 7.319   3.526   -12.328 1.00 53.16  ? 132  LEU A CD2 1 
ATOM   1001 N  N   . ALA A 1 131 ? 4.787   2.719   -7.713  1.00 38.43  ? 133  ALA A N   1 
ATOM   1002 C  CA  . ALA A 1 131 ? 4.519   2.054   -6.443  1.00 42.74  ? 133  ALA A CA  1 
ATOM   1003 C  C   . ALA A 1 131 ? 3.446   0.976   -6.588  1.00 42.54  ? 133  ALA A C   1 
ATOM   1004 O  O   . ALA A 1 131 ? 3.455   -0.021  -5.867  1.00 46.75  ? 133  ALA A O   1 
ATOM   1005 C  CB  . ALA A 1 131 ? 4.113   3.070   -5.385  1.00 42.84  ? 133  ALA A CB  1 
ATOM   1006 N  N   . GLN A 1 132 ? 2.528   1.178   -7.527  1.00 36.47  ? 134  GLN A N   1 
ATOM   1007 C  CA  . GLN A 1 132 ? 1.440   0.229   -7.756  1.00 42.69  ? 134  GLN A CA  1 
ATOM   1008 C  C   . GLN A 1 132 ? 1.900   -1.037  -8.477  1.00 39.43  ? 134  GLN A C   1 
ATOM   1009 O  O   . GLN A 1 132 ? 1.232   -2.071  -8.420  1.00 43.74  ? 134  GLN A O   1 
ATOM   1010 C  CB  . GLN A 1 132 ? 0.291   0.888   -8.530  1.00 38.09  ? 134  GLN A CB  1 
ATOM   1011 C  CG  . GLN A 1 132 ? -0.531  1.868   -7.711  1.00 40.54  ? 134  GLN A CG  1 
ATOM   1012 C  CD  . GLN A 1 132 ? -1.062  1.257   -6.428  1.00 49.28  ? 134  GLN A CD  1 
ATOM   1013 O  OE1 . GLN A 1 132 ? -0.466  1.412   -5.361  1.00 48.44  ? 134  GLN A OE1 1 
ATOM   1014 N  NE2 . GLN A 1 132 ? -2.186  0.555   -6.525  1.00 56.10  ? 134  GLN A NE2 1 
ATOM   1015 N  N   . LEU A 1 133 ? 3.039   -0.951  -9.159  1.00 41.61  ? 135  LEU A N   1 
ATOM   1016 C  CA  . LEU A 1 133 ? 3.579   -2.096  -9.895  1.00 42.05  ? 135  LEU A CA  1 
ATOM   1017 C  C   . LEU A 1 133 ? 3.823   -3.352  -9.038  1.00 38.96  ? 135  LEU A C   1 
ATOM   1018 O  O   . LEU A 1 133 ? 3.361   -4.435  -9.399  1.00 45.10  ? 135  LEU A O   1 
ATOM   1019 C  CB  . LEU A 1 133 ? 4.830   -1.709  -10.699 1.00 44.70  ? 135  LEU A CB  1 
ATOM   1020 C  CG  . LEU A 1 133 ? 4.585   -0.860  -11.950 1.00 50.76  ? 135  LEU A CG  1 
ATOM   1021 C  CD1 . LEU A 1 133 ? 5.902   -0.494  -12.617 1.00 53.85  ? 135  LEU A CD1 1 
ATOM   1022 C  CD2 . LEU A 1 133 ? 3.677   -1.594  -12.926 1.00 57.76  ? 135  LEU A CD2 1 
ATOM   1023 N  N   . PRO A 1 134 ? 4.546   -3.225  -7.908  1.00 38.18  ? 136  PRO A N   1 
ATOM   1024 C  CA  . PRO A 1 134 ? 4.715   -4.440  -7.100  1.00 39.28  ? 136  PRO A CA  1 
ATOM   1025 C  C   . PRO A 1 134 ? 3.413   -4.955  -6.480  1.00 37.90  ? 136  PRO A C   1 
ATOM   1026 O  O   . PRO A 1 134 ? 3.289   -6.158  -6.257  1.00 44.23  ? 136  PRO A O   1 
ATOM   1027 C  CB  . PRO A 1 134 ? 5.701   -4.006  -6.009  1.00 49.46  ? 136  PRO A CB  1 
ATOM   1028 C  CG  . PRO A 1 134 ? 5.590   -2.533  -5.960  1.00 47.34  ? 136  PRO A CG  1 
ATOM   1029 C  CD  . PRO A 1 134 ? 5.322   -2.099  -7.361  1.00 40.31  ? 136  PRO A CD  1 
ATOM   1030 N  N   . CYS A 1 135 ? 2.460   -4.067  -6.212  1.00 44.29  ? 137  CYS A N   1 
ATOM   1031 C  CA  . CYS A 1 135 ? 1.157   -4.483  -5.697  1.00 37.50  ? 137  CYS A CA  1 
ATOM   1032 C  C   . CYS A 1 135 ? 0.421   -5.330  -6.726  1.00 42.27  ? 137  CYS A C   1 
ATOM   1033 O  O   . CYS A 1 135 ? -0.158  -6.368  -6.396  1.00 40.90  ? 137  CYS A O   1 
ATOM   1034 C  CB  . CYS A 1 135 ? 0.305   -3.269  -5.320  1.00 41.18  ? 137  CYS A CB  1 
ATOM   1035 S  SG  . CYS A 1 135 ? 0.943   -2.320  -3.925  1.00 50.02  ? 137  CYS A SG  1 
ATOM   1036 N  N   . ALA A 1 136 ? 0.446   -4.872  -7.974  1.00 40.32  ? 138  ALA A N   1 
ATOM   1037 C  CA  . ALA A 1 136 ? -0.161  -5.603  -9.078  1.00 53.57  ? 138  ALA A CA  1 
ATOM   1038 C  C   . ALA A 1 136 ? 0.482   -6.976  -9.234  1.00 39.91  ? 138  ALA A C   1 
ATOM   1039 O  O   . ALA A 1 136 ? -0.207  -7.972  -9.448  1.00 46.06  ? 138  ALA A O   1 
ATOM   1040 C  CB  . ALA A 1 136 ? -0.039  -4.810  -10.372 1.00 46.32  ? 138  ALA A CB  1 
ATOM   1041 N  N   . SER A 1 137 ? 1.804   -7.022  -9.107  1.00 37.62  ? 139  SER A N   1 
ATOM   1042 C  CA  . SER A 1 137 ? 2.547   -8.272  -9.210  1.00 43.36  ? 139  SER A CA  1 
ATOM   1043 C  C   . SER A 1 137 ? 2.167   -9.247  -8.101  1.00 44.94  ? 139  SER A C   1 
ATOM   1044 O  O   . SER A 1 137 ? 1.969   -10.435 -8.351  1.00 41.27  ? 139  SER A O   1 
ATOM   1045 C  CB  . SER A 1 137 ? 4.056   -8.010  -9.178  1.00 41.95  ? 139  SER A CB  1 
ATOM   1046 O  OG  . SER A 1 137 ? 4.791   -9.224  -9.216  1.00 46.10  ? 139  SER A OG  1 
ATOM   1047 N  N   . MET A 1 138 ? 2.066   -8.743  -6.875  1.00 41.59  ? 140  MET A N   1 
ATOM   1048 C  CA  . MET A 1 138 ? 1.702   -9.585  -5.739  1.00 45.03  ? 140  MET A CA  1 
ATOM   1049 C  C   . MET A 1 138 ? 0.273   -10.110 -5.859  1.00 41.72  ? 140  MET A C   1 
ATOM   1050 O  O   . MET A 1 138 ? 0.000   -11.263 -5.528  1.00 39.42  ? 140  MET A O   1 
ATOM   1051 C  CB  . MET A 1 138 ? 1.893   -8.839  -4.414  1.00 41.84  ? 140  MET A CB  1 
ATOM   1052 C  CG  . MET A 1 138 ? 3.351   -8.567  -4.059  1.00 42.84  ? 140  MET A CG  1 
ATOM   1053 S  SD  . MET A 1 138 ? 3.565   -8.014  -2.355  1.00 47.12  ? 140  MET A SD  1 
ATOM   1054 C  CE  . MET A 1 138 ? 2.515   -6.567  -2.326  1.00 49.91  ? 140  MET A CE  1 
ATOM   1055 N  N   . ALA A 1 139 ? -0.632  -9.262  -6.338  1.00 40.33  ? 141  ALA A N   1 
ATOM   1056 C  CA  . ALA A 1 139 ? -2.028  -9.650  -6.518  1.00 46.72  ? 141  ALA A CA  1 
ATOM   1057 C  C   . ALA A 1 139 ? -2.172  -10.762 -7.551  1.00 39.64  ? 141  ALA A C   1 
ATOM   1058 O  O   . ALA A 1 139 ? -2.910  -11.726 -7.346  1.00 43.31  ? 141  ALA A O   1 
ATOM   1059 C  CB  . ALA A 1 139 ? -2.870  -8.447  -6.915  1.00 38.46  ? 141  ALA A CB  1 
ATOM   1060 N  N   . LEU A 1 140 ? -1.458  -10.620 -8.664  1.00 45.06  ? 142  LEU A N   1 
ATOM   1061 C  CA  . LEU A 1 140 ? -1.475  -11.630 -9.715  1.00 45.40  ? 142  LEU A CA  1 
ATOM   1062 C  C   . LEU A 1 140 ? -0.897  -12.956 -9.227  1.00 39.64  ? 142  LEU A C   1 
ATOM   1063 O  O   . LEU A 1 140 ? -1.435  -14.023 -9.521  1.00 41.15  ? 142  LEU A O   1 
ATOM   1064 C  CB  . LEU A 1 140 ? -0.715  -11.135 -10.950 1.00 38.08  ? 142  LEU A CB  1 
ATOM   1065 C  CG  . LEU A 1 140 ? -1.375  -9.956  -11.673 1.00 54.62  ? 142  LEU A CG  1 
ATOM   1066 C  CD1 . LEU A 1 140 ? -0.556  -9.508  -12.873 1.00 58.06  ? 142  LEU A CD1 1 
ATOM   1067 C  CD2 . LEU A 1 140 ? -2.792  -10.316 -12.091 1.00 51.88  ? 142  LEU A CD2 1 
ATOM   1068 N  N   . GLN A 1 141 ? 0.195   -12.879 -8.473  1.00 40.62  ? 143  GLN A N   1 
ATOM   1069 C  CA  . GLN A 1 141 ? 0.842   -14.074 -7.938  1.00 38.89  ? 143  GLN A CA  1 
ATOM   1070 C  C   . GLN A 1 141 ? -0.042  -14.804 -6.928  1.00 49.43  ? 143  GLN A C   1 
ATOM   1071 O  O   . GLN A 1 141 ? -0.073  -16.035 -6.895  1.00 48.91  ? 143  GLN A O   1 
ATOM   1072 C  CB  . GLN A 1 141 ? 2.193   -13.726 -7.306  1.00 43.50  ? 143  GLN A CB  1 
ATOM   1073 C  CG  . GLN A 1 141 ? 3.258   -13.314 -8.309  1.00 43.27  ? 143  GLN A CG  1 
ATOM   1074 C  CD  . GLN A 1 141 ? 4.601   -13.033 -7.659  1.00 52.81  ? 143  GLN A CD  1 
ATOM   1075 O  OE1 . GLN A 1 141 ? 5.190   -13.906 -7.021  1.00 45.95  ? 143  GLN A OE1 1 
ATOM   1076 N  NE2 . GLN A 1 141 ? 5.088   -11.806 -7.813  1.00 48.17  ? 143  GLN A NE2 1 
ATOM   1077 N  N   . ILE A 1 142 ? -0.755  -14.040 -6.104  1.00 41.37  ? 144  ILE A N   1 
ATOM   1078 C  CA  . ILE A 1 142 ? -1.688  -14.613 -5.136  1.00 37.78  ? 144  ILE A CA  1 
ATOM   1079 C  C   . ILE A 1 142 ? -2.849  -15.279 -5.867  1.00 42.22  ? 144  ILE A C   1 
ATOM   1080 O  O   . ILE A 1 142 ? -3.264  -16.390 -5.529  1.00 39.19  ? 144  ILE A O   1 
ATOM   1081 C  CB  . ILE A 1 142 ? -2.241  -13.541 -4.173  1.00 41.22  ? 144  ILE A CB  1 
ATOM   1082 C  CG1 . ILE A 1 142 ? -1.138  -13.053 -3.227  1.00 41.49  ? 144  ILE A CG1 1 
ATOM   1083 C  CG2 . ILE A 1 142 ? -3.419  -14.090 -3.377  1.00 42.16  ? 144  ILE A CG2 1 
ATOM   1084 C  CD1 . ILE A 1 142 ? -1.522  -11.826 -2.417  1.00 41.83  ? 144  ILE A CD1 1 
ATOM   1085 N  N   A LEU A 1 143 ? -3.378  -14.583 -6.871  0.86 37.00  ? 145  LEU A N   1 
ATOM   1086 N  N   B LEU A 1 143 ? -3.353  -14.586 -6.882  0.14 37.64  ? 145  LEU A N   1 
ATOM   1087 C  CA  A LEU A 1 143 ? -4.465  -15.116 -7.686  0.86 47.08  ? 145  LEU A CA  1 
ATOM   1088 C  CA  B LEU A 1 143 ? -4.453  -15.077 -7.699  0.14 46.79  ? 145  LEU A CA  1 
ATOM   1089 C  C   A LEU A 1 143 ? -4.038  -16.402 -8.374  0.86 47.45  ? 145  LEU A C   1 
ATOM   1090 C  C   B LEU A 1 143 ? -4.049  -16.369 -8.403  0.14 47.36  ? 145  LEU A C   1 
ATOM   1091 O  O   A LEU A 1 143 ? -4.821  -17.343 -8.489  0.86 49.24  ? 145  LEU A O   1 
ATOM   1092 O  O   B LEU A 1 143 ? -4.855  -17.288 -8.544  0.14 49.23  ? 145  LEU A O   1 
ATOM   1093 C  CB  A LEU A 1 143 ? -4.898  -14.104 -8.747  0.86 45.22  ? 145  LEU A CB  1 
ATOM   1094 C  CB  B LEU A 1 143 ? -4.836  -14.016 -8.730  0.14 45.18  ? 145  LEU A CB  1 
ATOM   1095 C  CG  A LEU A 1 143 ? -6.085  -13.192 -8.433  0.86 41.52  ? 145  LEU A CG  1 
ATOM   1096 C  CG  B LEU A 1 143 ? -6.317  -13.723 -8.978  0.14 46.24  ? 145  LEU A CG  1 
ATOM   1097 C  CD1 A LEU A 1 143 ? -6.362  -12.287 -9.619  0.86 54.89  ? 145  LEU A CD1 1 
ATOM   1098 C  CD1 B LEU A 1 143 ? -7.085  -13.641 -7.667  0.14 48.82  ? 145  LEU A CD1 1 
ATOM   1099 C  CD2 A LEU A 1 143 ? -7.320  -14.008 -8.092  0.86 50.08  ? 145  LEU A CD2 1 
ATOM   1100 C  CD2 B LEU A 1 143 ? -6.453  -12.421 -9.751  0.14 53.31  ? 145  LEU A CD2 1 
ATOM   1101 N  N   . TRP A 1 144 ? -2.792  -16.425 -8.835  1.00 49.30  ? 146  TRP A N   1 
ATOM   1102 C  CA  . TRP A 1 144 ? -2.245  -17.597 -9.508  1.00 45.53  ? 146  TRP A CA  1 
ATOM   1103 C  C   . TRP A 1 144 ? -2.266  -18.806 -8.580  1.00 60.59  ? 146  TRP A C   1 
ATOM   1104 O  O   . TRP A 1 144 ? -2.706  -19.890 -8.963  1.00 52.72  ? 146  TRP A O   1 
ATOM   1105 C  CB  . TRP A 1 144 ? -0.812  -17.336 -9.986  1.00 48.81  ? 146  TRP A CB  1 
ATOM   1106 C  CG  . TRP A 1 144 ? -0.232  -18.485 -10.756 1.00 77.34  ? 146  TRP A CG  1 
ATOM   1107 C  CD1 . TRP A 1 144 ? 0.472   -19.540 -10.252 1.00 63.62  ? 146  TRP A CD1 1 
ATOM   1108 C  CD2 . TRP A 1 144 ? -0.323  -18.701 -12.168 1.00 63.97  ? 146  TRP A CD2 1 
ATOM   1109 N  NE1 . TRP A 1 144 ? 0.829   -20.398 -11.263 1.00 55.92  ? 146  TRP A NE1 1 
ATOM   1110 C  CE2 . TRP A 1 144 ? 0.354   -19.905 -12.449 1.00 78.89  ? 146  TRP A CE2 1 
ATOM   1111 C  CE3 . TRP A 1 144 ? -0.907  -17.992 -13.221 1.00 66.84  ? 146  TRP A CE3 1 
ATOM   1112 C  CZ2 . TRP A 1 144 ? 0.462   -20.416 -13.740 1.00 84.15  ? 146  TRP A CZ2 1 
ATOM   1113 C  CZ3 . TRP A 1 144 ? -0.799  -18.500 -14.503 1.00 83.37  ? 146  TRP A CZ3 1 
ATOM   1114 C  CH2 . TRP A 1 144 ? -0.120  -19.701 -14.752 1.00 80.64  ? 146  TRP A CH2 1 
ATOM   1115 N  N   . GLU A 1 145 ? -1.800  -18.599 -7.353  1.00 45.30  ? 147  GLU A N   1 
ATOM   1116 C  CA  . GLU A 1 145 ? -1.721  -19.668 -6.364  1.00 50.93  ? 147  GLU A CA  1 
ATOM   1117 C  C   . GLU A 1 145 ? -3.092  -20.126 -5.872  1.00 60.32  ? 147  GLU A C   1 
ATOM   1118 O  O   . GLU A 1 145 ? -3.317  -21.319 -5.664  1.00 56.06  ? 147  GLU A O   1 
ATOM   1119 C  CB  . GLU A 1 145 ? -0.849  -19.243 -5.179  1.00 49.62  ? 147  GLU A CB  1 
ATOM   1120 C  CG  . GLU A 1 145 ? 0.629   -19.153 -5.517  1.00 79.36  ? 147  GLU A CG  1 
ATOM   1121 C  CD  . GLU A 1 145 ? 1.172   -20.451 -6.092  1.00 75.63  ? 147  GLU A CD  1 
ATOM   1122 O  OE1 . GLU A 1 145 ? 0.745   -21.532 -5.633  1.00 81.49  ? 147  GLU A OE1 1 
ATOM   1123 O  OE2 . GLU A 1 145 ? 2.019   -20.388 -7.008  1.00 72.83  ? 147  GLU A OE2 1 
ATOM   1124 N  N   . ALA A 1 146 ? -4.001  -19.176 -5.680  1.00 45.13  ? 148  ALA A N   1 
ATOM   1125 C  CA  . ALA A 1 146 ? -5.362  -19.501 -5.277  1.00 52.17  ? 148  ALA A CA  1 
ATOM   1126 C  C   . ALA A 1 146 ? -6.077  -20.280 -6.379  1.00 49.25  ? 148  ALA A C   1 
ATOM   1127 O  O   . ALA A 1 146 ? -6.770  -21.260 -6.109  1.00 53.68  ? 148  ALA A O   1 
ATOM   1128 C  CB  . ALA A 1 146 ? -6.136  -18.237 -4.930  1.00 55.30  ? 148  ALA A CB  1 
ATOM   1129 N  N   . ALA A 1 147 ? -5.889  -19.845 -7.622  1.00 53.36  ? 149  ALA A N   1 
ATOM   1130 C  CA  . ALA A 1 147 ? -6.546  -20.472 -8.768  1.00 48.53  ? 149  ALA A CA  1 
ATOM   1131 C  C   . ALA A 1 147 ? -6.116  -21.918 -8.985  1.00 66.60  ? 149  ALA A C   1 
ATOM   1132 O  O   . ALA A 1 147 ? -6.952  -22.790 -9.222  1.00 77.67  ? 149  ALA A O   1 
ATOM   1133 C  CB  . ALA A 1 147 ? -6.306  -19.662 -10.032 1.00 50.39  ? 149  ALA A CB  1 
ATOM   1134 N  N   . ARG A 1 148 ? -4.813  -22.173 -8.904  1.00 53.14  ? 150  ARG A N   1 
ATOM   1135 C  CA  . ARG A 1 148 ? -4.287  -23.514 -9.148  1.00 68.90  ? 150  ARG A CA  1 
ATOM   1136 C  C   . ARG A 1 148 ? -4.729  -24.501 -8.067  1.00 82.79  ? 150  ARG A C   1 
ATOM   1137 O  O   . ARG A 1 148 ? -4.651  -25.716 -8.254  1.00 62.58  ? 150  ARG A O   1 
ATOM   1138 C  CB  . ARG A 1 148 ? -2.761  -23.497 -9.266  1.00 72.77  ? 150  ARG A CB  1 
ATOM   1139 C  CG  . ARG A 1 148 ? -2.029  -23.441 -7.938  1.00 67.44  ? 150  ARG A CG  1 
ATOM   1140 C  CD  . ARG A 1 148 ? -0.660  -24.094 -8.049  1.00 78.70  ? 150  ARG A CD  1 
ATOM   1141 N  NE  . ARG A 1 148 ? -0.052  -24.331 -6.743  1.00 94.73  ? 150  ARG A NE  1 
ATOM   1142 C  CZ  . ARG A 1 148 ? -0.406  -25.315 -5.921  1.00 105.49 ? 150  ARG A CZ  1 
ATOM   1143 N  NH1 . ARG A 1 148 ? -1.375  -26.155 -6.263  1.00 99.46  ? 150  ARG A NH1 1 
ATOM   1144 N  NH2 . ARG A 1 148 ? 0.202   -25.457 -4.751  1.00 111.19 ? 150  ARG A NH2 1 
ATOM   1145 N  N   . HIS A 1 149 ? -5.194  -23.969 -6.941  1.00 65.81  ? 151  HIS A N   1 
ATOM   1146 C  CA  . HIS A 1 149 ? -5.756  -24.793 -5.875  1.00 52.77  ? 151  HIS A CA  1 
ATOM   1147 C  C   . HIS A 1 149 ? -7.043  -25.456 -6.345  1.00 53.55  ? 151  HIS A C   1 
ATOM   1148 O  O   . HIS A 1 149 ? -7.369  -26.566 -5.927  1.00 52.16  ? 151  HIS A O   1 
ATOM   1149 C  CB  . HIS A 1 149 ? -6.042  -23.946 -4.632  1.00 68.69  ? 151  HIS A CB  1 
ATOM   1150 C  CG  . HIS A 1 149 ? -6.413  -24.752 -3.424  1.00 53.91  ? 151  HIS A CG  1 
ATOM   1151 N  ND1 . HIS A 1 149 ? -5.475  -25.236 -2.539  1.00 65.73  ? 151  HIS A ND1 1 
ATOM   1152 C  CD2 . HIS A 1 149 ? -7.618  -25.161 -2.958  1.00 72.01  ? 151  HIS A CD2 1 
ATOM   1153 C  CE1 . HIS A 1 149 ? -6.085  -25.906 -1.577  1.00 94.19  ? 151  HIS A CE1 1 
ATOM   1154 N  NE2 . HIS A 1 149 ? -7.385  -25.875 -1.808  1.00 64.00  ? 151  HIS A NE2 1 
ATOM   1155 N  N   . PHE A 1 150 ? -7.769  -24.772 -7.224  1.00 44.60  ? 152  PHE A N   1 
ATOM   1156 C  CA  . PHE A 1 150 ? -9.071  -25.240 -7.687  1.00 60.86  ? 152  PHE A CA  1 
ATOM   1157 C  C   . PHE A 1 150 ? -9.003  -25.903 -9.056  1.00 51.66  ? 152  PHE A C   1 
ATOM   1158 O  O   . PHE A 1 150 ? -10.030 -26.170 -9.680  1.00 57.78  ? 152  PHE A O   1 
ATOM   1159 C  CB  . PHE A 1 150 ? -10.074 -24.087 -7.713  1.00 52.69  ? 152  PHE A CB  1 
ATOM   1160 C  CG  . PHE A 1 150 ? -10.288 -23.453 -6.374  1.00 48.81  ? 152  PHE A CG  1 
ATOM   1161 C  CD1 . PHE A 1 150 ? -11.062 -24.079 -5.416  1.00 50.06  ? 152  PHE A CD1 1 
ATOM   1162 C  CD2 . PHE A 1 150 ? -9.707  -22.235 -6.070  1.00 58.22  ? 152  PHE A CD2 1 
ATOM   1163 C  CE1 . PHE A 1 150 ? -11.259 -23.504 -4.183  1.00 70.97  ? 152  PHE A CE1 1 
ATOM   1164 C  CE2 . PHE A 1 150 ? -9.900  -21.653 -4.837  1.00 57.65  ? 152  PHE A CE2 1 
ATOM   1165 C  CZ  . PHE A 1 150 ? -10.677 -22.288 -3.891  1.00 56.41  ? 152  PHE A CZ  1 
ATOM   1166 N  N   . LEU A 1 151 ? -7.791  -26.160 -9.527  1.00 53.36  ? 153  LEU A N   1 
ATOM   1167 C  CA  . LEU A 1 151 ? -7.626  -26.914 -10.756 1.00 62.12  ? 153  LEU A CA  1 
ATOM   1168 C  C   . LEU A 1 151 ? -8.004  -28.366 -10.497 1.00 49.03  ? 153  LEU A C   1 
ATOM   1169 O  O   . LEU A 1 151 ? -7.838  -28.862 -9.385  1.00 54.94  ? 153  LEU A O   1 
ATOM   1170 C  CB  . LEU A 1 151 ? -6.187  -26.815 -11.271 1.00 56.85  ? 153  LEU A CB  1 
ATOM   1171 C  CG  . LEU A 1 151 ? -5.841  -25.544 -12.050 1.00 66.83  ? 153  LEU A CG  1 
ATOM   1172 C  CD1 . LEU A 1 151 ? -4.477  -25.675 -12.711 1.00 66.16  ? 153  LEU A CD1 1 
ATOM   1173 C  CD2 . LEU A 1 151 ? -6.917  -25.245 -13.084 1.00 60.63  ? 153  LEU A CD2 1 
ATOM   1174 N  N   . PRO A 1 152 ? -8.539  -29.045 -11.520 1.00 62.04  ? 154  PRO A N   1 
ATOM   1175 C  CA  . PRO A 1 152 ? -8.855  -30.470 -11.393 1.00 45.43  ? 154  PRO A CA  1 
ATOM   1176 C  C   . PRO A 1 152 ? -7.597  -31.252 -11.024 1.00 48.64  ? 154  PRO A C   1 
ATOM   1177 O  O   . PRO A 1 152 ? -6.518  -30.933 -11.526 1.00 44.27  ? 154  PRO A O   1 
ATOM   1178 C  CB  . PRO A 1 152 ? -9.337  -30.845 -12.797 1.00 49.08  ? 154  PRO A CB  1 
ATOM   1179 C  CG  . PRO A 1 152 ? -9.819  -29.559 -13.385 1.00 55.04  ? 154  PRO A CG  1 
ATOM   1180 C  CD  . PRO A 1 152 ? -8.906  -28.511 -12.841 1.00 47.68  ? 154  PRO A CD  1 
ATOM   1181 N  N   . ALA A 1 153 ? -7.736  -32.241 -10.146 1.00 60.55  ? 155  ALA A N   1 
ATOM   1182 C  CA  . ALA A 1 153 ? -6.597  -33.007 -9.642  1.00 59.38  ? 155  ALA A CA  1 
ATOM   1183 C  C   . ALA A 1 153 ? -5.777  -33.658 -10.756 1.00 56.36  ? 155  ALA A C   1 
ATOM   1184 O  O   . ALA A 1 153 ? -4.554  -33.754 -10.661 1.00 54.03  ? 155  ALA A O   1 
ATOM   1185 C  CB  . ALA A 1 153 ? -7.066  -34.061 -8.646  1.00 63.53  ? 155  ALA A CB  1 
ATOM   1186 N  N   . ALA A 1 154 ? -6.461  -34.096 -11.809 1.00 52.90  ? 156  ALA A N   1 
ATOM   1187 C  CA  . ALA A 1 154 ? -5.806  -34.741 -12.942 1.00 63.03  ? 156  ALA A CA  1 
ATOM   1188 C  C   . ALA A 1 154 ? -4.874  -33.780 -13.673 1.00 48.44  ? 156  ALA A C   1 
ATOM   1189 O  O   . ALA A 1 154 ? -3.776  -34.155 -14.085 1.00 45.43  ? 156  ALA A O   1 
ATOM   1190 C  CB  . ALA A 1 154 ? -6.842  -35.302 -13.900 1.00 48.62  ? 156  ALA A CB  1 
ATOM   1191 N  N   . LEU A 1 155 ? -5.322  -32.538 -13.828 1.00 46.47  ? 157  LEU A N   1 
ATOM   1192 C  CA  . LEU A 1 155 ? -4.535  -31.509 -14.498 1.00 54.00  ? 157  LEU A CA  1 
ATOM   1193 C  C   . LEU A 1 155 ? -3.299  -31.141 -13.684 1.00 44.95  ? 157  LEU A C   1 
ATOM   1194 O  O   . LEU A 1 155 ? -2.202  -30.997 -14.225 1.00 53.47  ? 157  LEU A O   1 
ATOM   1195 C  CB  . LEU A 1 155 ? -5.387  -30.263 -14.750 1.00 49.72  ? 157  LEU A CB  1 
ATOM   1196 C  CG  . LEU A 1 155 ? -4.655  -29.051 -15.334 1.00 55.37  ? 157  LEU A CG  1 
ATOM   1197 C  CD1 . LEU A 1 155 ? -3.907  -29.430 -16.604 1.00 53.15  ? 157  LEU A CD1 1 
ATOM   1198 C  CD2 . LEU A 1 155 ? -5.629  -27.915 -15.604 1.00 54.44  ? 157  LEU A CD2 1 
ATOM   1199 N  N   . ARG A 1 156 ? -3.486  -30.990 -12.379 1.00 48.13  ? 158  ARG A N   1 
ATOM   1200 C  CA  . ARG A 1 156 ? -2.392  -30.650 -11.481 1.00 44.04  ? 158  ARG A CA  1 
ATOM   1201 C  C   . ARG A 1 156 ? -1.354  -31.765 -11.448 1.00 44.72  ? 158  ARG A C   1 
ATOM   1202 O  O   . ARG A 1 156 ? -0.154  -31.505 -11.357 1.00 45.22  ? 158  ARG A O   1 
ATOM   1203 C  CB  . ARG A 1 156 ? -2.931  -30.358 -10.079 1.00 55.44  ? 158  ARG A CB  1 
ATOM   1204 C  CG  . ARG A 1 156 ? -3.853  -29.154 -10.043 1.00 67.53  ? 158  ARG A CG  1 
ATOM   1205 C  CD  . ARG A 1 156 ? -4.742  -29.131 -8.811  1.00 70.97  ? 158  ARG A CD  1 
ATOM   1206 N  NE  . ARG A 1 156 ? -3.986  -28.957 -7.577  1.00 65.69  ? 158  ARG A NE  1 
ATOM   1207 C  CZ  . ARG A 1 156 ? -4.053  -29.786 -6.540  1.00 102.10 ? 158  ARG A CZ  1 
ATOM   1208 N  NH1 . ARG A 1 156 ? -4.846  -30.847 -6.590  1.00 82.70  ? 158  ARG A NH1 1 
ATOM   1209 N  NH2 . ARG A 1 156 ? -3.329  -29.551 -5.454  1.00 116.05 ? 158  ARG A NH2 1 
ATOM   1210 N  N   . ALA A 1 157 ? -1.823  -33.006 -11.531 1.00 38.39  ? 159  ALA A N   1 
ATOM   1211 C  CA  . ALA A 1 157 ? -0.933  -34.159 -11.594 1.00 42.05  ? 159  ALA A CA  1 
ATOM   1212 C  C   . ALA A 1 157 ? -0.111  -34.145 -12.882 1.00 40.20  ? 159  ALA A C   1 
ATOM   1213 O  O   . ALA A 1 157 ? 1.102   -34.363 -12.857 1.00 43.67  ? 159  ALA A O   1 
ATOM   1214 C  CB  . ALA A 1 157 ? -1.731  -35.452 -11.486 1.00 42.34  ? 159  ALA A CB  1 
ATOM   1215 N  N   . ALA A 1 158 ? -0.778  -33.879 -14.002 1.00 47.55  ? 160  ALA A N   1 
ATOM   1216 C  CA  . ALA A 1 158 ? -0.120  -33.831 -15.305 1.00 33.86  ? 160  ALA A CA  1 
ATOM   1217 C  C   . ALA A 1 158 ? 0.958   -32.751 -15.355 1.00 40.96  ? 160  ALA A C   1 
ATOM   1218 O  O   . ALA A 1 158 ? 2.030   -32.952 -15.927 1.00 45.36  ? 160  ALA A O   1 
ATOM   1219 C  CB  . ALA A 1 158 ? -1.145  -33.608 -16.409 1.00 38.82  ? 160  ALA A CB  1 
ATOM   1220 N  N   . LEU A 1 159 ? 0.671   -31.609 -14.738 1.00 37.37  ? 161  LEU A N   1 
ATOM   1221 C  CA  . LEU A 1 159 ? 1.630   -30.511 -14.659 1.00 49.07  ? 161  LEU A CA  1 
ATOM   1222 C  C   . LEU A 1 159 ? 2.841   -30.881 -13.804 1.00 46.42  ? 161  LEU A C   1 
ATOM   1223 O  O   . LEU A 1 159 ? 3.873   -30.211 -13.847 1.00 51.80  ? 161  LEU A O   1 
ATOM   1224 C  CB  . LEU A 1 159 ? 0.954   -29.247 -14.120 1.00 48.83  ? 161  LEU A CB  1 
ATOM   1225 C  CG  . LEU A 1 159 ? -0.068  -28.618 -15.074 1.00 55.07  ? 161  LEU A CG  1 
ATOM   1226 C  CD1 . LEU A 1 159 ? -0.770  -27.429 -14.433 1.00 52.50  ? 161  LEU A CD1 1 
ATOM   1227 C  CD2 . LEU A 1 159 ? 0.606   -28.205 -16.376 1.00 53.07  ? 161  LEU A CD2 1 
ATOM   1228 N  N   . LEU A 1 160 ? 2.706   -31.952 -13.030 1.00 43.60  ? 162  LEU A N   1 
ATOM   1229 C  CA  . LEU A 1 160 ? 3.809   -32.475 -12.231 1.00 53.49  ? 162  LEU A CA  1 
ATOM   1230 C  C   . LEU A 1 160 ? 4.417   -33.725 -12.869 1.00 54.96  ? 162  LEU A C   1 
ATOM   1231 O  O   . LEU A 1 160 ? 5.218   -34.425 -12.251 1.00 45.13  ? 162  LEU A O   1 
ATOM   1232 C  CB  . LEU A 1 160 ? 3.349   -32.775 -10.802 1.00 53.00  ? 162  LEU A CB  1 
ATOM   1233 C  CG  . LEU A 1 160 ? 3.009   -31.558 -9.937  1.00 77.07  ? 162  LEU A CG  1 
ATOM   1234 C  CD1 . LEU A 1 160 ? 2.633   -31.985 -8.526  1.00 51.06  ? 162  LEU A CD1 1 
ATOM   1235 C  CD2 . LEU A 1 160 ? 4.172   -30.578 -9.910  1.00 61.35  ? 162  LEU A CD2 1 
ATOM   1236 N  N   . GLY A 1 161 ? 4.023   -34.001 -14.109 1.00 45.34  ? 163  GLY A N   1 
ATOM   1237 C  CA  . GLY A 1 161 ? 4.578   -35.109 -14.865 1.00 42.94  ? 163  GLY A CA  1 
ATOM   1238 C  C   . GLY A 1 161 ? 3.964   -36.459 -14.546 1.00 47.75  ? 163  GLY A C   1 
ATOM   1239 O  O   . GLY A 1 161 ? 4.543   -37.500 -14.851 1.00 42.14  ? 163  GLY A O   1 
ATOM   1240 N  N   . ARG A 1 162 ? 2.782   -36.443 -13.940 1.00 41.94  ? 164  ARG A N   1 
ATOM   1241 C  CA  . ARG A 1 162 ? 2.119   -37.673 -13.528 1.00 49.81  ? 164  ARG A CA  1 
ATOM   1242 C  C   . ARG A 1 162 ? 0.785   -37.888 -14.237 1.00 43.61  ? 164  ARG A C   1 
ATOM   1243 O  O   . ARG A 1 162 ? -0.198  -37.202 -13.958 1.00 48.16  ? 164  ARG A O   1 
ATOM   1244 C  CB  . ARG A 1 162 ? 1.916   -37.683 -12.010 1.00 55.20  ? 164  ARG A CB  1 
ATOM   1245 C  CG  . ARG A 1 162 ? 1.266   -38.948 -11.472 1.00 86.71  ? 164  ARG A CG  1 
ATOM   1246 C  CD  . ARG A 1 162 ? 1.311   -39.002 -9.948  1.00 96.60  ? 164  ARG A CD  1 
ATOM   1247 N  NE  . ARG A 1 162 ? 0.563   -37.912 -9.328  1.00 114.62 ? 164  ARG A NE  1 
ATOM   1248 C  CZ  . ARG A 1 162 ? 1.119   -36.838 -8.776  1.00 109.55 ? 164  ARG A CZ  1 
ATOM   1249 N  NH1 . ARG A 1 162 ? 2.437   -36.706 -8.759  1.00 95.92  ? 164  ARG A NH1 1 
ATOM   1250 N  NH2 . ARG A 1 162 ? 0.357   -35.897 -8.237  1.00 81.34  ? 164  ARG A NH2 1 
ATOM   1251 N  N   . LEU A 1 163 ? 0.763   -38.839 -15.163 1.00 39.56  ? 165  LEU A N   1 
ATOM   1252 C  CA  . LEU A 1 163 ? -0.475  -39.247 -15.809 1.00 47.82  ? 165  LEU A CA  1 
ATOM   1253 C  C   . LEU A 1 163 ? -1.028  -40.445 -15.053 1.00 54.41  ? 165  LEU A C   1 
ATOM   1254 O  O   . LEU A 1 163 ? -0.273  -41.174 -14.409 1.00 47.69  ? 165  LEU A O   1 
ATOM   1255 C  CB  . LEU A 1 163 ? -0.226  -39.615 -17.274 1.00 44.93  ? 165  LEU A CB  1 
ATOM   1256 C  CG  . LEU A 1 163 ? 0.478   -38.565 -18.140 1.00 50.74  ? 165  LEU A CG  1 
ATOM   1257 C  CD1 . LEU A 1 163 ? 0.480   -38.976 -19.606 1.00 45.32  ? 165  LEU A CD1 1 
ATOM   1258 C  CD2 . LEU A 1 163 ? -0.162  -37.192 -17.966 1.00 35.64  ? 165  LEU A CD2 1 
ATOM   1259 N  N   . ARG A 1 164 ? -2.341  -40.648 -15.123 1.00 48.61  ? 166  ARG A N   1 
ATOM   1260 C  CA  . ARG A 1 164 ? -2.950  -41.785 -14.443 1.00 60.07  ? 166  ARG A CA  1 
ATOM   1261 C  C   . ARG A 1 164 ? -2.469  -43.088 -15.072 1.00 59.76  ? 166  ARG A C   1 
ATOM   1262 O  O   . ARG A 1 164 ? -2.119  -43.127 -16.252 1.00 56.94  ? 166  ARG A O   1 
ATOM   1263 C  CB  . ARG A 1 164 ? -4.479  -41.699 -14.459 1.00 51.70  ? 166  ARG A CB  1 
ATOM   1264 C  CG  . ARG A 1 164 ? -5.116  -41.934 -15.816 1.00 63.86  ? 166  ARG A CG  1 
ATOM   1265 C  CD  . ARG A 1 164 ? -6.628  -41.979 -15.684 1.00 62.24  ? 166  ARG A CD  1 
ATOM   1266 N  NE  . ARG A 1 164 ? -7.111  -43.258 -15.170 1.00 77.55  ? 166  ARG A NE  1 
ATOM   1267 C  CZ  . ARG A 1 164 ? -7.728  -44.175 -15.910 1.00 68.48  ? 166  ARG A CZ  1 
ATOM   1268 N  NH1 . ARG A 1 164 ? -7.941  -43.951 -17.200 1.00 48.95  ? 166  ARG A NH1 1 
ATOM   1269 N  NH2 . ARG A 1 164 ? -8.137  -45.310 -15.359 1.00 69.31  ? 166  ARG A NH2 1 
ATOM   1270 N  N   A THR A 1 165 ? -2.430  -44.154 -14.282 0.59 67.57  ? 167  THR A N   1 
ATOM   1271 N  N   B THR A 1 165 ? -2.471  -44.153 -14.274 0.41 67.51  ? 167  THR A N   1 
ATOM   1272 C  CA  A THR A 1 165 ? -1.926  -45.428 -14.776 0.59 63.94  ? 167  THR A CA  1 
ATOM   1273 C  CA  B THR A 1 165 ? -1.965  -45.454 -14.698 0.41 63.89  ? 167  THR A CA  1 
ATOM   1274 C  C   A THR A 1 165 ? -3.044  -46.449 -14.983 0.59 65.00  ? 167  THR A C   1 
ATOM   1275 C  C   B THR A 1 165 ? -3.101  -46.426 -15.001 0.41 65.10  ? 167  THR A C   1 
ATOM   1276 O  O   A THR A 1 165 ? -3.937  -46.598 -14.149 0.59 66.54  ? 167  THR A O   1 
ATOM   1277 O  O   B THR A 1 165 ? -4.065  -46.525 -14.242 0.41 66.77  ? 167  THR A O   1 
ATOM   1278 C  CB  A THR A 1 165 ? -0.822  -46.008 -13.857 0.59 73.90  ? 167  THR A CB  1 
ATOM   1279 C  CB  B THR A 1 165 ? -1.071  -46.082 -13.606 0.41 73.74  ? 167  THR A CB  1 
ATOM   1280 O  OG1 A THR A 1 165 ? -0.434  -47.305 -14.326 0.59 69.38  ? 167  THR A OG1 1 
ATOM   1281 O  OG1 B THR A 1 165 ? -0.356  -45.053 -12.911 0.41 70.79  ? 167  THR A OG1 1 
ATOM   1282 C  CG2 A THR A 1 165 ? -1.314  -46.114 -12.419 0.59 73.29  ? 167  THR A CG2 1 
ATOM   1283 C  CG2 B THR A 1 165 ? -0.085  -47.067 -14.213 0.41 71.96  ? 167  THR A CG2 1 
ATOM   1284 N  N   . LEU A 1 166 ? -2.984  -47.142 -16.116 1.00 66.98  ? 168  LEU A N   1 
ATOM   1285 C  CA  . LEU A 1 166 ? -3.953  -48.175 -16.449 1.00 69.87  ? 168  LEU A CA  1 
ATOM   1286 C  C   . LEU A 1 166 ? -3.519  -49.508 -15.852 1.00 68.58  ? 168  LEU A C   1 
ATOM   1287 O  O   . LEU A 1 166 ? -4.311  -50.444 -15.757 1.00 74.25  ? 168  LEU A O   1 
ATOM   1288 C  CB  . LEU A 1 166 ? -4.113  -48.301 -17.966 1.00 73.33  ? 168  LEU A CB  1 
ATOM   1289 C  CG  . LEU A 1 166 ? -4.625  -47.052 -18.687 1.00 77.90  ? 168  LEU A CG  1 
ATOM   1290 C  CD1 . LEU A 1 166 ? -4.809  -47.319 -20.173 1.00 72.30  ? 168  LEU A CD1 1 
ATOM   1291 C  CD2 . LEU A 1 166 ? -5.924  -46.567 -18.059 1.00 69.45  ? 168  LEU A CD2 1 
ATOM   1292 N  N   . ARG A 1 167 ? -2.253  -49.589 -15.455 1.00 75.34  ? 169  ARG A N   1 
ATOM   1293 C  CA  . ARG A 1 167 ? -1.746  -50.781 -14.784 1.00 84.97  ? 169  ARG A CA  1 
ATOM   1294 C  C   . ARG A 1 167 ? -2.440  -50.980 -13.443 1.00 86.25  ? 169  ARG A C   1 
ATOM   1295 O  O   . ARG A 1 167 ? -2.397  -50.105 -12.579 1.00 85.12  ? 169  ARG A O   1 
ATOM   1296 C  CB  . ARG A 1 167 ? -0.228  -50.710 -14.596 1.00 89.03  ? 169  ARG A CB  1 
ATOM   1297 C  CG  . ARG A 1 167 ? 0.571   -51.104 -15.827 1.00 97.85  ? 169  ARG A CG  1 
ATOM   1298 C  CD  . ARG A 1 167 ? 2.046   -51.284 -15.503 1.00 97.42  ? 169  ARG A CD  1 
ATOM   1299 N  NE  . ARG A 1 167 ? 2.652   -50.051 -15.013 1.00 108.72 ? 169  ARG A NE  1 
ATOM   1300 C  CZ  . ARG A 1 167 ? 3.960   -49.866 -14.877 1.00 127.20 ? 169  ARG A CZ  1 
ATOM   1301 N  NH1 . ARG A 1 167 ? 4.805   -50.836 -15.199 1.00 120.10 ? 169  ARG A NH1 1 
ATOM   1302 N  NH2 . ARG A 1 167 ? 4.425   -48.709 -14.425 1.00 103.53 ? 169  ARG A NH2 1 
ATOM   1303 N  N   . PRO A 1 168 ? -3.094  -52.137 -13.273 1.00 81.85  ? 170  PRO A N   1 
ATOM   1304 C  CA  . PRO A 1 168 ? -3.828  -52.471 -12.049 1.00 84.87  ? 170  PRO A CA  1 
ATOM   1305 C  C   . PRO A 1 168 ? -2.891  -52.765 -10.881 1.00 72.69  ? 170  PRO A C   1 
ATOM   1306 O  O   . PRO A 1 168 ? -2.659  -53.929 -10.558 1.00 133.52 ? 170  PRO A O   1 
ATOM   1307 C  CB  . PRO A 1 168 ? -4.594  -53.735 -12.444 1.00 54.16  ? 170  PRO A CB  1 
ATOM   1308 C  CG  . PRO A 1 168 ? -3.761  -54.355 -13.503 1.00 86.68  ? 170  PRO A CG  1 
ATOM   1309 C  CD  . PRO A 1 168 ? -3.165  -53.215 -14.273 1.00 61.03  ? 170  PRO A CD  1 
ATOM   1310 N  N   . TRP A 1 169 ? -2.360  -51.714 -10.259 1.00 100.62 ? 171  TRP A N   1 
ATOM   1311 C  CA  . TRP A 1 169 ? -1.448  -51.859 -9.128  1.00 95.71  ? 171  TRP A CA  1 
ATOM   1312 C  C   . TRP A 1 169 ? -1.834  -50.933 -7.977  1.00 89.11  ? 171  TRP A C   1 
ATOM   1313 O  O   . TRP A 1 169 ? -1.464  -49.759 -7.960  1.00 104.87 ? 171  TRP A O   1 
ATOM   1314 C  CB  . TRP A 1 169 ? -0.003  -51.583 -9.556  1.00 102.75 ? 171  TRP A CB  1 
ATOM   1315 C  CG  . TRP A 1 169 ? 0.664   -52.741 -10.240 1.00 138.30 ? 171  TRP A CG  1 
ATOM   1316 C  CD1 . TRP A 1 169 ? 0.260   -54.044 -10.230 1.00 139.83 ? 171  TRP A CD1 1 
ATOM   1317 C  CD2 . TRP A 1 169 ? 1.855   -52.698 -11.035 1.00 142.20 ? 171  TRP A CD2 1 
ATOM   1318 N  NE1 . TRP A 1 169 ? 1.124   -54.815 -10.967 1.00 153.42 ? 171  TRP A NE1 1 
ATOM   1319 C  CE2 . TRP A 1 169 ? 2.112   -54.013 -11.473 1.00 145.88 ? 171  TRP A CE2 1 
ATOM   1320 C  CE3 . TRP A 1 169 ? 2.728   -51.676 -11.419 1.00 136.23 ? 171  TRP A CE3 1 
ATOM   1321 C  CZ2 . TRP A 1 169 ? 3.205   -54.331 -12.274 1.00 134.60 ? 171  TRP A CZ2 1 
ATOM   1322 C  CZ3 . TRP A 1 169 ? 3.813   -51.995 -12.215 1.00 141.77 ? 171  TRP A CZ3 1 
ATOM   1323 C  CH2 . TRP A 1 169 ? 4.041   -53.311 -12.634 1.00 141.03 ? 171  TRP A CH2 1 
HETATM 1324 N  N1  . GSH B 2 .   ? -8.512  8.987   -5.876  1.00 43.36  ? 1172 GSH A N1  1 
HETATM 1325 C  CA1 . GSH B 2 .   ? -7.530  9.111   -6.965  1.00 50.48  ? 1172 GSH A CA1 1 
HETATM 1326 C  C1  . GSH B 2 .   ? -7.882  10.469  -7.611  1.00 61.40  ? 1172 GSH A C1  1 
HETATM 1327 O  O11 . GSH B 2 .   ? -8.901  11.081  -7.362  1.00 50.35  ? 1172 GSH A O11 1 
HETATM 1328 O  O12 . GSH B 2 .   ? -6.957  10.890  -8.431  1.00 52.40  ? 1172 GSH A O12 1 
HETATM 1329 C  CB1 . GSH B 2 .   ? -7.634  7.974   -8.017  1.00 47.81  ? 1172 GSH A CB1 1 
HETATM 1330 C  CG1 . GSH B 2 .   ? -6.445  7.947   -8.978  1.00 34.26  ? 1172 GSH A CG1 1 
HETATM 1331 C  CD1 . GSH B 2 .   ? -5.120  8.085   -8.270  1.00 57.74  ? 1172 GSH A CD1 1 
HETATM 1332 O  OE1 . GSH B 2 .   ? -4.845  7.409   -7.282  1.00 45.18  ? 1172 GSH A OE1 1 
HETATM 1333 N  N2  . GSH B 2 .   ? -4.275  8.981   -8.788  1.00 37.64  ? 1172 GSH A N2  1 
HETATM 1334 C  CA2 . GSH B 2 .   ? -2.947  9.200   -8.240  1.00 40.05  ? 1172 GSH A CA2 1 
HETATM 1335 C  C2  . GSH B 2 .   ? -2.913  10.375  -7.267  1.00 47.13  ? 1172 GSH A C2  1 
HETATM 1336 O  O2  . GSH B 2 .   ? -1.848  10.750  -6.785  1.00 40.59  ? 1172 GSH A O2  1 
HETATM 1337 C  CB2 . GSH B 2 .   ? -1.963  9.567   -9.375  1.00 53.41  ? 1172 GSH A CB2 1 
HETATM 1338 S  SG2 . GSH B 2 .   ? -2.673  10.927  -10.337 1.00 49.04  ? 1172 GSH A SG2 1 
HETATM 1339 N  N3  . GSH B 2 .   ? -4.079  10.953  -6.981  1.00 42.39  ? 1172 GSH A N3  1 
HETATM 1340 C  CA3 . GSH B 2 .   ? -4.163  12.078  -6.074  1.00 41.56  ? 1172 GSH A CA3 1 
HETATM 1341 C  C3  . GSH B 2 .   ? -5.247  11.931  -5.041  1.00 55.54  ? 1172 GSH A C3  1 
HETATM 1342 O  O31 . GSH B 2 .   ? -5.798  10.879  -4.781  1.00 52.57  ? 1172 GSH A O31 1 
HETATM 1343 O  O32 . GSH B 2 .   ? -5.530  13.060  -4.452  1.00 43.86  ? 1172 GSH A O32 1 
HETATM 1344 O  O3  . LVJ C 3 .   ? -5.115  8.303   -14.987 1.00 58.03  ? 1173 LVJ A O3  1 
HETATM 1345 C  C22 . LVJ C 3 .   ? -4.423  8.419   -13.986 1.00 52.52  ? 1173 LVJ A C22 1 
HETATM 1346 C  C23 . LVJ C 3 .   ? -3.657  7.240   -13.386 1.00 56.66  ? 1173 LVJ A C23 1 
HETATM 1347 C  C26 . LVJ C 3 .   ? -3.445  6.165   -14.451 1.00 60.17  ? 1173 LVJ A C26 1 
HETATM 1348 C  C25 . LVJ C 3 .   ? -2.296  7.711   -12.874 1.00 54.88  ? 1173 LVJ A C25 1 
HETATM 1349 C  C24 . LVJ C 3 .   ? -4.448  6.645   -12.222 1.00 47.69  ? 1173 LVJ A C24 1 
HETATM 1350 N  N4  . LVJ C 3 .   ? -4.281  9.577   -13.338 1.00 53.60  ? 1173 LVJ A N4  1 
HETATM 1351 C  C21 . LVJ C 3 .   ? -4.901  10.809  -13.801 1.00 54.63  ? 1173 LVJ A C21 1 
HETATM 1352 C  C19 . LVJ C 3 .   ? -3.935  11.967  -13.870 1.00 53.00  ? 1173 LVJ A C19 1 
HETATM 1353 C  C18 . LVJ C 3 .   ? -3.949  12.987  -12.927 1.00 47.29  ? 1173 LVJ A C18 1 
HETATM 1354 C  C17 . LVJ C 3 .   ? -3.013  14.003  -12.959 1.00 54.18  ? 1173 LVJ A C17 1 
HETATM 1355 C  C16 . LVJ C 3 .   ? -2.037  14.015  -13.939 1.00 48.81  ? 1173 LVJ A C16 1 
HETATM 1356 CL CL  . LVJ C 3 .   ? -0.850  15.281  -13.915 1.00 65.36  ? 1173 LVJ A CL  1 
HETATM 1357 C  C20 . LVJ C 3 .   ? -2.960  12.011  -14.860 1.00 50.25  ? 1173 LVJ A C20 1 
HETATM 1358 CL CL1 . LVJ C 3 .   ? -2.957  10.795  -16.082 1.00 68.62  ? 1173 LVJ A CL1 1 
HETATM 1359 C  C15 . LVJ C 3 .   ? -1.970  13.032  -14.926 1.00 48.32  ? 1173 LVJ A C15 1 
HETATM 1360 N  N3  . LVJ C 3 .   ? -0.958  13.063  -15.928 1.00 53.67  ? 1173 LVJ A N3  1 
HETATM 1361 C  C1  . LVJ C 3 .   ? -0.051  12.061  -16.071 1.00 51.42  ? 1173 LVJ A C1  1 
HETATM 1362 N  N1  . LVJ C 3 .   ? 0.028   10.941  -15.387 1.00 52.39  ? 1173 LVJ A N1  1 
HETATM 1363 C  C2  . LVJ C 3 .   ? 1.123   10.273  -15.936 1.00 57.04  ? 1173 LVJ A C2  1 
HETATM 1364 C  C11 . LVJ C 3 .   ? 1.694   11.024  -16.959 1.00 63.57  ? 1173 LVJ A C11 1 
HETATM 1365 N  N   . LVJ C 3 .   ? 0.932   12.185  -17.051 1.00 49.01  ? 1173 LVJ A N   1 
HETATM 1366 C  C   . LVJ C 3 .   ? 1.175   13.259  -18.011 1.00 48.74  ? 1173 LVJ A C   1 
HETATM 1367 C  C10 . LVJ C 3 .   ? 2.803   10.586  -17.666 1.00 62.71  ? 1173 LVJ A C10 1 
HETATM 1368 C  C5  . LVJ C 3 .   ? 3.329   9.353   -17.319 1.00 69.38  ? 1173 LVJ A C5  1 
HETATM 1369 O  O   . LVJ C 3 .   ? 4.439   8.840   -17.935 1.00 84.91  ? 1173 LVJ A O   1 
HETATM 1370 C  C6  . LVJ C 3 .   ? 4.696   9.226   -19.292 1.00 92.79  ? 1173 LVJ A C6  1 
HETATM 1371 C  C7  . LVJ C 3 .   ? 6.179   8.817   -19.468 1.00 98.03  ? 1173 LVJ A C7  1 
HETATM 1372 O  O1  . LVJ C 3 .   ? 6.309   7.383   -19.487 1.00 82.75  ? 1173 LVJ A O1  1 
HETATM 1373 C  C9  . LVJ C 3 .   ? 6.969   9.341   -18.278 1.00 69.57  ? 1173 LVJ A C9  1 
HETATM 1374 C  C8  . LVJ C 3 .   ? 6.751   9.352   -20.772 1.00 80.63  ? 1173 LVJ A C8  1 
HETATM 1375 C  C4  . LVJ C 3 .   ? 2.773   8.557   -16.304 1.00 64.27  ? 1173 LVJ A C4  1 
HETATM 1376 C  C3  . LVJ C 3 .   ? 1.661   9.033   -15.603 1.00 52.33  ? 1173 LVJ A C3  1 
HETATM 1377 C  C12 . LVJ C 3 .   ? 3.250   7.191   -15.918 1.00 68.99  ? 1173 LVJ A C12 1 
HETATM 1378 O  O2  . LVJ C 3 .   ? 2.898   6.681   -14.858 1.00 57.47  ? 1173 LVJ A O2  1 
HETATM 1379 N  N2  . LVJ C 3 .   ? 4.053   6.560   -16.779 1.00 66.03  ? 1173 LVJ A N2  1 
HETATM 1380 C  C13 . LVJ C 3 .   ? 4.520   5.195   -16.594 1.00 65.51  ? 1173 LVJ A C13 1 
HETATM 1381 C  C14 . LVJ C 3 .   ? 5.728   5.141   -15.558 1.00 80.15  ? 1173 LVJ A C14 1 
HETATM 1382 F  F   . LVJ C 3 .   ? 6.095   3.894   -15.285 1.00 78.70  ? 1173 LVJ A F   1 
HETATM 1383 F  F1  . LVJ C 3 .   ? 5.421   5.709   -14.398 1.00 100.04 ? 1173 LVJ A F1  1 
HETATM 1384 F  F2  . LVJ C 3 .   ? 6.810   5.763   -16.013 1.00 73.83  ? 1173 LVJ A F2  1 
HETATM 1385 O  O   . HOH D 4 .   ? -11.023 19.978  3.800   1.00 59.74  ? 2001 HOH A O   1 
HETATM 1386 O  O   . HOH D 4 .   ? 2.110   7.112   0.482   1.00 45.82  ? 2002 HOH A O   1 
HETATM 1387 O  O   . HOH D 4 .   ? -4.035  4.075   14.675  1.00 37.68  ? 2003 HOH A O   1 
HETATM 1388 O  O   . HOH D 4 .   ? -5.360  13.730  7.444   1.00 42.80  ? 2004 HOH A O   1 
HETATM 1389 O  O   . HOH D 4 .   ? -11.614 17.914  2.310   1.00 55.29  ? 2005 HOH A O   1 
HETATM 1390 O  O   . HOH D 4 .   ? -11.368 22.324  7.246   1.00 44.94  ? 2006 HOH A O   1 
HETATM 1391 O  O   . HOH D 4 .   ? -11.579 19.274  6.324   1.00 49.32  ? 2007 HOH A O   1 
HETATM 1392 O  O   . HOH D 4 .   ? -10.948 20.396  13.153  1.00 44.16  ? 2008 HOH A O   1 
HETATM 1393 O  O   . HOH D 4 .   ? -15.255 24.298  21.796  1.00 54.44  ? 2009 HOH A O   1 
HETATM 1394 O  O   . HOH D 4 .   ? -6.299  34.056  9.676   1.00 79.51  ? 2010 HOH A O   1 
HETATM 1395 O  O   . HOH D 4 .   ? -14.808 27.192  3.824   1.00 60.32  ? 2011 HOH A O   1 
HETATM 1396 O  O   . HOH D 4 .   ? -6.382  22.163  -2.714  1.00 62.93  ? 2012 HOH A O   1 
HETATM 1397 O  O   . HOH D 4 .   ? -2.340  23.239  -1.211  1.00 40.07  ? 2013 HOH A O   1 
HETATM 1398 O  O   . HOH D 4 .   ? 1.308   27.047  1.561   1.00 62.95  ? 2014 HOH A O   1 
HETATM 1399 O  O   . HOH D 4 .   ? -9.361  17.032  0.651   1.00 42.80  ? 2015 HOH A O   1 
HETATM 1400 O  O   . HOH D 4 .   ? -3.270  24.046  -3.959  1.00 60.09  ? 2016 HOH A O   1 
HETATM 1401 O  O   . HOH D 4 .   ? -9.782  13.978  0.659   1.00 45.20  ? 2017 HOH A O   1 
HETATM 1402 O  O   . HOH D 4 .   ? -8.444  12.090  4.243   1.00 47.53  ? 2018 HOH A O   1 
HETATM 1403 O  O   . HOH D 4 .   ? -9.804  17.691  -2.092  1.00 42.88  ? 2019 HOH A O   1 
HETATM 1404 O  O   . HOH D 4 .   ? 0.748   10.515  -0.115  1.00 40.72  ? 2020 HOH A O   1 
HETATM 1405 O  O   . HOH D 4 .   ? -3.843  6.427   8.956   1.00 54.11  ? 2021 HOH A O   1 
HETATM 1406 O  O   . HOH D 4 .   ? -10.513 14.922  -3.066  1.00 54.20  ? 2022 HOH A O   1 
HETATM 1407 O  O   . HOH D 4 .   ? -5.411  2.746   -5.809  1.00 53.89  ? 2023 HOH A O   1 
HETATM 1408 O  O   . HOH D 4 .   ? -6.035  5.515   -5.472  1.00 44.34  ? 2024 HOH A O   1 
HETATM 1409 O  O   . HOH D 4 .   ? 7.490   -12.820 -6.504  1.00 50.13  ? 2025 HOH A O   1 
HETATM 1410 O  O   . HOH D 4 .   ? 9.910   -15.458 -6.359  1.00 66.29  ? 2026 HOH A O   1 
HETATM 1411 O  O   . HOH D 4 .   ? 0.946   3.823   -5.487  1.00 41.41  ? 2027 HOH A O   1 
HETATM 1412 O  O   . HOH D 4 .   ? 2.059   16.912  -6.554  1.00 44.00  ? 2028 HOH A O   1 
HETATM 1413 O  O   . HOH D 4 .   ? 3.218   16.110  -9.232  1.00 50.30  ? 2029 HOH A O   1 
HETATM 1414 O  O   . HOH D 4 .   ? 8.852   20.934  -9.024  1.00 58.02  ? 2030 HOH A O   1 
HETATM 1415 O  O   . HOH D 4 .   ? 1.557   14.744  -10.731 1.00 44.94  ? 2031 HOH A O   1 
HETATM 1416 O  O   . HOH D 4 .   ? -3.502  -23.613 -2.788  1.00 79.91  ? 2032 HOH A O   1 
HETATM 1417 O  O   . HOH D 4 .   ? -2.775  -36.601 -14.952 1.00 45.25  ? 2033 HOH A O   1 
HETATM 1418 O  O   . HOH D 4 .   ? -3.663  -38.796 -16.577 1.00 44.20  ? 2034 HOH A O   1 
HETATM 1419 O  O   . HOH D 4 .   ? -3.692  -43.872 -11.697 1.00 79.20  ? 2035 HOH A O   1 
HETATM 1420 O  O   . HOH D 4 .   ? -1.736  -48.842 -10.289 1.00 81.48  ? 2036 HOH A O   1 
HETATM 1421 O  O   . HOH D 4 .   ? -5.210  12.449  -9.776  1.00 52.13  ? 2037 HOH A O   1 
# 
